data_5A3F
#
_entry.id   5A3F
#
_cell.length_a   97.696
_cell.length_b   98.002
_cell.length_c   401.524
_cell.angle_alpha   90.00
_cell.angle_beta   90.00
_cell.angle_gamma   90.00
#
_symmetry.space_group_name_H-M   'P 21 21 21'
#
_entity_poly.entity_id   1
_entity_poly.type   'polypeptide(L)'
_entity_poly.pdbx_seq_one_letter_code
;MGNREMEELIPLVNRLQDAFSALGQSCLLELPQIAVVGGQSAGKSSVLENFVGRDFLPRGSGIVTRRPLVLQLVTSKAEY
AEFLHCKGKKFTDFDEVRLEIEAETDRVTGMNKGISSIPINLRVYSPHVLNLTLIDLPGITKVPVGDQPPDIEYQIREMI
MQFITRENCLILAVTPANTDLANSDALKLAKEVDPQGLRTIGVITKLDLMDEGTDARDVLENKLLPLRRGYVGVVNRSQK
DIDGKKDIKAAMLAERKFFLSHPAYRHIADRMGTPHLQKVLNQQLTNHIRDTLPNFRNKLQGQLLSIEHEVEAYKNFKPE
DPTRKTKALLQMVQQFAVDFEKRIEGSGDQVDTLELSGGASINRIFHERFPFEIVKMEFNEKELRREISYAIKNIHGIRT
GLFTPDMAFEAIVKKQIVKLKGPSLKSVDLVIQELINTVKKCTKKLANFPRLCEETERIVANHIREREGKTKDQVLLLID
IQVSYINTNHEDFIGFANAQQRSSQVHKKTTVGNQVIRKGWLTISNIGIMKGGSKGYWFVLTAESLSWYKDDEEKEKKYM
LPLDNLKVRDVEKSFMSSKHIFALFNTEQRNVYKDYRFLELACDSQEDVDSWKASLLRAGVYPDKSVAENDENGQAENFS
MDPQLERQVETIRNLVDSYMSIINKCIRDLIPKTIMHLMINNVKDFINSELLAQLYSSEDQNTLMEESAEQAQRRDEMLR
MYQALKEALGIIGDISTATVSTPAPPPVDDSWIQ
;
_entity_poly.pdbx_strand_id   A,B,C,D
#
# COMPACT_ATOMS: atom_id res chain seq x y z
N MET A 6 82.22 79.41 13.48
CA MET A 6 81.40 79.79 14.62
C MET A 6 82.20 79.49 15.89
N GLU A 7 81.54 79.47 17.04
CA GLU A 7 82.21 79.20 18.31
C GLU A 7 81.59 78.02 19.03
N GLU A 8 82.42 77.04 19.38
CA GLU A 8 82.00 75.86 20.15
C GLU A 8 80.95 74.99 19.46
N LEU A 9 81.15 74.71 18.18
CA LEU A 9 80.23 73.84 17.45
C LEU A 9 80.73 72.40 17.53
N ILE A 10 82.01 72.21 17.26
CA ILE A 10 82.59 70.87 17.31
C ILE A 10 82.54 70.26 18.73
N PRO A 11 82.94 71.02 19.77
CA PRO A 11 82.80 70.40 21.11
C PRO A 11 81.36 70.12 21.51
N LEU A 12 80.42 70.96 21.09
CA LEU A 12 79.00 70.77 21.42
C LEU A 12 78.44 69.48 20.82
N VAL A 13 78.74 69.24 19.55
CA VAL A 13 78.30 68.05 18.85
C VAL A 13 79.03 66.82 19.40
N ASN A 14 80.24 67.04 19.89
CA ASN A 14 80.99 65.98 20.56
C ASN A 14 80.21 65.50 21.78
N ARG A 15 79.60 66.43 22.50
CA ARG A 15 78.82 66.09 23.68
C ARG A 15 77.56 65.32 23.28
N LEU A 16 76.98 65.73 22.15
CA LEU A 16 75.79 65.08 21.62
C LEU A 16 76.13 63.67 21.17
N GLN A 17 77.25 63.54 20.47
CA GLN A 17 77.73 62.25 20.00
C GLN A 17 78.04 61.34 21.19
N ASP A 18 78.68 61.93 22.22
CA ASP A 18 78.99 61.18 23.43
C ASP A 18 77.71 60.74 24.14
N ALA A 19 76.72 61.63 24.17
CA ALA A 19 75.45 61.32 24.82
C ALA A 19 74.73 60.21 24.06
N PHE A 20 74.82 60.25 22.73
CA PHE A 20 74.18 59.23 21.89
C PHE A 20 74.95 57.93 21.88
N SER A 21 76.26 58.03 22.11
CA SER A 21 77.12 56.87 22.09
C SER A 21 76.89 55.90 23.24
N ALA A 22 76.70 56.45 24.44
CA ALA A 22 76.67 55.59 25.62
C ALA A 22 75.35 54.90 25.84
N LEU A 23 74.26 55.46 25.33
CA LEU A 23 72.96 54.84 25.52
C LEU A 23 72.55 54.18 24.22
N GLY A 24 73.47 53.45 23.61
CA GLY A 24 73.27 52.69 22.39
C GLY A 24 72.20 53.05 21.35
N GLN A 25 71.32 53.99 21.64
CA GLN A 25 70.28 54.34 20.68
C GLN A 25 70.86 55.24 19.59
N SER A 26 71.92 54.75 18.96
CA SER A 26 72.49 55.36 17.79
C SER A 26 71.83 54.80 16.54
N CYS A 27 70.60 55.25 16.30
CA CYS A 27 69.88 54.90 15.07
C CYS A 27 69.28 56.21 14.63
N LEU A 28 69.13 57.07 15.64
CA LEU A 28 68.69 58.44 15.56
C LEU A 28 69.88 59.30 15.14
N LEU A 29 71.06 58.75 15.39
CA LEU A 29 72.32 59.44 15.19
C LEU A 29 72.73 59.30 13.73
N GLU A 30 74.02 59.16 13.46
CA GLU A 30 74.54 59.19 12.11
C GLU A 30 74.23 60.57 11.53
N LEU A 31 74.05 61.53 12.43
CA LEU A 31 73.81 62.93 12.10
C LEU A 31 75.13 63.53 11.59
N PRO A 32 75.12 64.78 11.07
CA PRO A 32 76.31 65.28 10.37
C PRO A 32 77.64 65.15 11.11
N GLN A 33 78.59 64.51 10.44
CA GLN A 33 79.89 64.16 10.98
C GLN A 33 80.75 63.55 9.87
N ILE A 34 82.05 63.48 10.09
CA ILE A 34 82.96 62.96 9.07
C ILE A 34 83.23 61.46 9.24
N ALA A 35 83.02 60.70 8.17
CA ALA A 35 83.31 59.28 8.15
C ALA A 35 84.52 58.96 7.27
N VAL A 36 85.43 58.14 7.78
CA VAL A 36 86.66 57.82 7.06
C VAL A 36 86.51 56.54 6.23
N VAL A 37 86.67 56.69 4.92
CA VAL A 37 86.55 55.57 4.00
C VAL A 37 87.81 55.39 3.15
N GLY A 38 88.40 54.21 3.20
CA GLY A 38 89.61 53.93 2.44
C GLY A 38 89.92 52.46 2.37
N GLY A 39 90.69 52.07 1.35
CA GLY A 39 91.13 50.70 1.21
C GLY A 39 92.11 50.30 2.29
N GLN A 40 92.26 49.00 2.50
CA GLN A 40 93.20 48.48 3.48
C GLN A 40 94.63 48.92 3.17
N SER A 41 94.92 49.13 1.89
CA SER A 41 96.24 49.54 1.44
C SER A 41 96.36 51.06 1.29
N ALA A 42 95.31 51.79 1.67
CA ALA A 42 95.29 53.23 1.49
C ALA A 42 96.14 53.96 2.53
N GLY A 43 96.40 53.32 3.66
CA GLY A 43 97.20 53.93 4.70
C GLY A 43 96.46 55.01 5.46
N LYS A 44 95.15 54.81 5.63
CA LYS A 44 94.31 55.77 6.32
C LYS A 44 94.69 55.87 7.79
N SER A 45 95.25 54.79 8.33
CA SER A 45 95.64 54.75 9.74
C SER A 45 96.77 55.75 10.03
N SER A 46 97.71 55.85 9.10
CA SER A 46 98.84 56.76 9.26
C SER A 46 98.40 58.23 9.28
N VAL A 47 97.40 58.56 8.46
CA VAL A 47 96.88 59.92 8.40
C VAL A 47 96.33 60.36 9.77
N LEU A 48 95.56 59.49 10.40
CA LEU A 48 94.97 59.78 11.71
C LEU A 48 96.05 59.90 12.78
N GLU A 49 97.04 59.02 12.72
CA GLU A 49 98.13 59.02 13.69
C GLU A 49 99.00 60.27 13.57
N ASN A 50 99.03 60.87 12.38
CA ASN A 50 99.77 62.10 12.17
C ASN A 50 99.02 63.31 12.71
N PHE A 51 97.71 63.16 12.87
CA PHE A 51 96.89 64.23 13.47
C PHE A 51 97.21 64.34 14.95
N VAL A 52 97.10 63.22 15.65
CA VAL A 52 97.37 63.17 17.08
C VAL A 52 98.86 63.37 17.36
N GLY A 53 99.70 62.83 16.48
CA GLY A 53 101.14 62.92 16.65
C GLY A 53 101.68 61.80 17.49
N ARG A 54 100.86 60.78 17.70
CA ARG A 54 101.24 59.60 18.48
C ARG A 54 100.68 58.36 17.81
N ASP A 55 101.39 57.24 17.91
CA ASP A 55 100.87 55.96 17.43
C ASP A 55 99.92 55.39 18.48
N PHE A 56 98.68 55.13 18.07
CA PHE A 56 97.65 54.65 19.00
C PHE A 56 96.66 53.73 18.31
N LEU A 57 96.85 53.51 17.03
CA LEU A 57 95.97 52.63 16.26
C LEU A 57 96.57 51.23 16.17
N PRO A 58 95.72 50.20 16.25
CA PRO A 58 96.15 48.79 16.19
C PRO A 58 96.87 48.44 14.90
N ARG A 59 97.91 47.60 15.01
CA ARG A 59 98.65 47.16 13.84
C ARG A 59 98.78 45.63 13.82
N GLY A 60 98.65 45.04 12.64
CA GLY A 60 98.73 43.60 12.48
C GLY A 60 98.38 43.18 11.08
N SER A 61 98.52 41.89 10.80
CA SER A 61 98.19 41.34 9.49
C SER A 61 96.67 41.30 9.29
N GLY A 62 96.22 41.60 8.08
CA GLY A 62 94.80 41.67 7.79
C GLY A 62 94.18 42.91 8.42
N ILE A 63 92.86 43.01 8.37
CA ILE A 63 92.17 44.15 8.96
C ILE A 63 92.17 44.02 10.48
N VAL A 64 92.50 45.11 11.17
CA VAL A 64 92.54 45.12 12.62
C VAL A 64 91.39 45.93 13.20
N THR A 65 90.97 46.95 12.46
CA THR A 65 89.81 47.76 12.86
C THR A 65 88.51 47.03 12.54
N ARG A 66 87.84 46.57 13.57
CA ARG A 66 86.62 45.78 13.40
C ARG A 66 85.40 46.53 13.94
N ARG A 67 85.64 47.65 14.60
CA ARG A 67 84.57 48.47 15.15
C ARG A 67 84.74 49.93 14.73
N PRO A 68 83.62 50.62 14.45
CA PRO A 68 83.66 52.05 14.12
C PRO A 68 84.31 52.85 15.24
N LEU A 69 85.34 53.62 14.92
CA LEU A 69 86.05 54.38 15.93
C LEU A 69 85.73 55.87 15.84
N VAL A 70 85.05 56.38 16.85
CA VAL A 70 84.75 57.80 16.95
C VAL A 70 85.89 58.53 17.65
N LEU A 71 86.72 59.21 16.87
CA LEU A 71 87.88 59.89 17.39
C LEU A 71 87.59 61.38 17.55
N GLN A 72 87.51 61.84 18.79
CA GLN A 72 87.24 63.24 19.07
C GLN A 72 88.50 63.95 19.53
N LEU A 73 89.03 64.82 18.68
CA LEU A 73 90.26 65.54 18.98
C LEU A 73 89.96 66.91 19.58
N VAL A 74 90.57 67.20 20.72
CA VAL A 74 90.35 68.46 21.42
C VAL A 74 91.68 69.14 21.76
N THR A 75 91.87 70.36 21.28
CA THR A 75 93.07 71.13 21.55
C THR A 75 93.26 71.37 23.04
N SER A 76 94.42 70.98 23.56
CA SER A 76 94.71 71.16 24.99
C SER A 76 96.21 71.30 25.24
N LYS A 77 96.56 71.90 26.38
CA LYS A 77 97.97 72.07 26.74
C LYS A 77 98.57 70.75 27.20
N ALA A 78 97.75 69.91 27.81
CA ALA A 78 98.18 68.60 28.27
C ALA A 78 97.90 67.53 27.21
N GLU A 79 98.49 66.36 27.37
CA GLU A 79 98.32 65.29 26.40
C GLU A 79 97.86 63.99 27.05
N TYR A 80 96.62 63.60 26.77
CA TYR A 80 96.06 62.38 27.34
C TYR A 80 94.82 61.95 26.57
N ALA A 81 94.42 60.70 26.76
CA ALA A 81 93.22 60.17 26.11
C ALA A 81 92.31 59.51 27.13
N GLU A 82 91.03 59.40 26.79
CA GLU A 82 90.08 58.78 27.69
C GLU A 82 88.99 58.05 26.90
N PHE A 83 88.63 56.87 27.39
CA PHE A 83 87.54 56.10 26.79
C PHE A 83 86.28 56.22 27.63
N LEU A 84 85.14 56.25 26.97
CA LEU A 84 83.86 56.35 27.66
C LEU A 84 83.56 55.10 28.48
N HIS A 85 84.02 53.94 28.00
CA HIS A 85 83.83 52.70 28.75
C HIS A 85 84.90 52.56 29.83
N CYS A 86 85.83 53.51 29.87
CA CYS A 86 86.81 53.61 30.94
C CYS A 86 86.56 54.89 31.74
N LYS A 87 85.40 54.94 32.37
CA LYS A 87 84.96 56.10 33.15
C LYS A 87 86.03 56.64 34.10
N GLY A 88 86.37 57.92 33.90
CA GLY A 88 87.28 58.61 34.79
C GLY A 88 88.76 58.32 34.59
N LYS A 89 89.08 57.24 33.90
CA LYS A 89 90.48 56.87 33.70
C LYS A 89 91.15 57.73 32.64
N LYS A 90 92.36 58.17 32.95
CA LYS A 90 93.14 59.00 32.02
C LYS A 90 94.32 58.21 31.46
N PHE A 91 94.40 58.12 30.14
CA PHE A 91 95.50 57.44 29.49
C PHE A 91 96.58 58.42 29.06
N THR A 92 97.81 58.19 29.52
CA THR A 92 98.93 59.04 29.16
C THR A 92 99.90 58.29 28.27
N ASP A 93 99.75 56.96 28.27
CA ASP A 93 100.54 56.10 27.40
C ASP A 93 99.72 55.71 26.19
N PHE A 94 100.08 56.22 25.02
CA PHE A 94 99.35 55.94 23.80
C PHE A 94 99.59 54.51 23.31
N ASP A 95 100.62 53.87 23.84
CA ASP A 95 100.85 52.45 23.59
C ASP A 95 99.84 51.59 24.35
N GLU A 96 99.36 52.13 25.46
CA GLU A 96 98.31 51.47 26.24
C GLU A 96 96.95 51.68 25.57
N VAL A 97 96.80 52.81 24.89
CA VAL A 97 95.56 53.14 24.19
C VAL A 97 95.22 52.13 23.09
N ARG A 98 96.21 51.79 22.27
CA ARG A 98 96.01 50.80 21.21
C ARG A 98 95.66 49.43 21.79
N LEU A 99 96.29 49.06 22.90
CA LEU A 99 96.01 47.78 23.54
C LEU A 99 94.60 47.73 24.11
N GLU A 100 94.10 48.89 24.54
CA GLU A 100 92.75 48.97 25.07
C GLU A 100 91.72 48.85 23.96
N ILE A 101 92.02 49.44 22.81
CA ILE A 101 91.16 49.33 21.63
C ILE A 101 91.06 47.89 21.16
N GLU A 102 92.20 47.21 21.09
CA GLU A 102 92.24 45.80 20.69
C GLU A 102 91.46 44.93 21.68
N ALA A 103 91.69 45.17 22.97
CA ALA A 103 91.03 44.39 24.02
C ALA A 103 89.52 44.61 24.03
N GLU A 104 89.10 45.87 24.00
CA GLU A 104 87.68 46.22 24.00
C GLU A 104 86.97 45.66 22.78
N THR A 105 87.67 45.64 21.65
CA THR A 105 87.10 45.09 20.42
C THR A 105 86.97 43.57 20.52
N ASP A 106 88.03 42.91 21.00
CA ASP A 106 88.01 41.46 21.18
C ASP A 106 86.94 41.01 22.18
N ARG A 107 86.71 41.80 23.21
CA ARG A 107 85.73 41.50 24.24
C ARG A 107 84.34 41.24 23.66
N VAL A 108 83.98 42.00 22.63
CA VAL A 108 82.65 41.90 22.04
C VAL A 108 82.62 40.93 20.86
N THR A 109 83.59 41.07 19.97
CA THR A 109 83.60 40.30 18.74
C THR A 109 84.25 38.92 18.87
N GLY A 110 84.91 38.69 20.00
CA GLY A 110 85.66 37.47 20.22
C GLY A 110 86.96 37.44 19.45
N MET A 111 87.65 36.31 19.48
CA MET A 111 88.93 36.15 18.80
C MET A 111 88.77 36.23 17.28
N ASN A 112 87.61 35.80 16.78
CA ASN A 112 87.31 35.79 15.35
C ASN A 112 87.44 37.17 14.69
N LYS A 113 87.11 38.21 15.45
CA LYS A 113 87.27 39.61 15.04
C LYS A 113 86.26 40.03 13.96
N GLY A 114 85.18 39.26 13.84
CA GLY A 114 84.08 39.64 12.97
C GLY A 114 83.51 40.97 13.42
N ILE A 115 83.17 41.84 12.47
CA ILE A 115 82.85 43.24 12.77
C ILE A 115 81.65 43.38 13.72
N SER A 116 81.73 44.36 14.63
CA SER A 116 80.58 44.76 15.41
C SER A 116 80.12 46.16 15.01
N SER A 117 78.81 46.38 15.03
CA SER A 117 78.26 47.68 14.65
C SER A 117 78.34 48.67 15.80
N ILE A 118 78.70 48.15 16.98
CA ILE A 118 78.87 48.98 18.17
C ILE A 118 80.10 49.86 18.04
N PRO A 119 79.90 51.19 18.02
CA PRO A 119 81.01 52.15 17.83
C PRO A 119 81.89 52.29 19.05
N ILE A 120 83.12 52.76 18.85
CA ILE A 120 84.05 53.03 19.93
C ILE A 120 84.34 54.54 19.98
N ASN A 121 84.23 55.13 21.16
CA ASN A 121 84.36 56.57 21.32
C ASN A 121 85.61 56.99 22.06
N LEU A 122 86.65 57.35 21.32
CA LEU A 122 87.92 57.75 21.92
C LEU A 122 88.13 59.25 21.78
N ARG A 123 88.39 59.91 22.90
CA ARG A 123 88.66 61.34 22.90
C ARG A 123 90.11 61.58 23.29
N VAL A 124 90.83 62.34 22.46
CA VAL A 124 92.24 62.60 22.70
C VAL A 124 92.50 64.09 22.84
N TYR A 125 93.17 64.46 23.92
CA TYR A 125 93.57 65.85 24.13
C TYR A 125 95.05 66.00 23.80
N SER A 126 95.37 66.95 22.93
CA SER A 126 96.74 67.15 22.48
C SER A 126 96.91 68.52 21.84
N PRO A 127 98.07 69.15 22.05
CA PRO A 127 98.35 70.44 21.43
C PRO A 127 98.72 70.30 19.96
N HIS A 128 98.99 69.07 19.52
CA HIS A 128 99.41 68.83 18.15
C HIS A 128 98.20 68.72 17.22
N VAL A 129 97.01 68.78 17.79
CA VAL A 129 95.77 68.60 17.03
C VAL A 129 94.91 69.85 17.01
N LEU A 130 93.99 69.90 16.05
CA LEU A 130 92.96 70.94 16.02
C LEU A 130 91.64 70.36 16.52
N ASN A 131 90.64 71.21 16.71
CA ASN A 131 89.31 70.74 17.07
C ASN A 131 88.67 70.01 15.90
N LEU A 132 88.54 68.69 16.05
CA LEU A 132 88.09 67.86 14.93
C LEU A 132 87.62 66.50 15.43
N THR A 133 86.59 65.97 14.78
CA THR A 133 86.06 64.65 15.12
C THR A 133 85.96 63.81 13.84
N LEU A 134 86.40 62.56 13.93
CA LEU A 134 86.39 61.66 12.79
C LEU A 134 85.90 60.28 13.20
N ILE A 135 85.16 59.62 12.31
CA ILE A 135 84.67 58.28 12.56
C ILE A 135 85.40 57.25 11.70
N ASP A 136 86.33 56.52 12.30
CA ASP A 136 87.11 55.53 11.56
C ASP A 136 86.28 54.28 11.29
N LEU A 137 86.39 53.75 10.07
CA LEU A 137 85.63 52.58 9.69
C LEU A 137 86.57 51.49 9.19
N PRO A 138 86.11 50.21 9.27
CA PRO A 138 86.91 49.09 8.76
C PRO A 138 87.36 49.31 7.32
N GLY A 139 88.59 48.91 7.02
CA GLY A 139 89.15 49.12 5.70
C GLY A 139 88.51 48.26 4.64
N ILE A 140 88.63 48.69 3.39
CA ILE A 140 88.06 47.95 2.27
C ILE A 140 89.07 46.92 1.75
N THR A 141 88.58 45.73 1.42
CA THR A 141 89.42 44.62 1.00
C THR A 141 88.71 43.81 -0.07
N LYS A 142 89.45 42.93 -0.74
CA LYS A 142 88.85 41.97 -1.67
C LYS A 142 88.94 40.56 -1.09
N VAL A 143 89.79 40.40 -0.09
CA VAL A 143 90.04 39.10 0.52
C VAL A 143 89.78 39.13 2.03
N PRO A 144 88.94 38.20 2.51
CA PRO A 144 88.61 38.07 3.94
C PRO A 144 89.84 37.99 4.84
N VAL A 145 90.86 37.26 4.38
CA VAL A 145 92.17 37.10 5.04
C VAL A 145 91.99 36.82 6.55
N GLY A 146 90.93 36.09 6.86
CA GLY A 146 90.58 35.79 8.24
C GLY A 146 89.78 34.51 8.34
N ASP A 147 89.70 33.97 9.55
CA ASP A 147 89.00 32.71 9.80
C ASP A 147 87.50 32.80 9.50
N GLN A 148 86.86 33.88 9.95
CA GLN A 148 85.43 34.04 9.81
C GLN A 148 85.08 35.52 9.80
N PRO A 149 84.04 35.92 9.05
CA PRO A 149 83.21 35.16 8.09
C PRO A 149 83.74 35.27 6.66
N PRO A 150 83.25 34.40 5.75
CA PRO A 150 83.65 34.51 4.34
C PRO A 150 83.07 35.74 3.65
N ASP A 151 81.84 36.11 4.01
CA ASP A 151 81.16 37.25 3.42
C ASP A 151 81.62 38.59 4.01
N ILE A 152 82.49 38.54 5.02
CA ILE A 152 82.97 39.72 5.75
C ILE A 152 83.23 40.93 4.85
N GLU A 153 83.71 40.66 3.63
CA GLU A 153 83.97 41.71 2.65
C GLU A 153 82.69 42.49 2.34
N TYR A 154 81.59 41.76 2.20
CA TYR A 154 80.29 42.37 1.91
C TYR A 154 79.72 43.04 3.16
N GLN A 155 80.03 42.45 4.31
CA GLN A 155 79.58 42.97 5.61
C GLN A 155 80.17 44.35 5.90
N ILE A 156 81.48 44.48 5.71
CA ILE A 156 82.17 45.76 5.87
C ILE A 156 81.53 46.85 5.00
N ARG A 157 81.28 46.52 3.74
CA ARG A 157 80.63 47.46 2.81
C ARG A 157 79.25 47.89 3.31
N GLU A 158 78.48 46.95 3.85
CA GLU A 158 77.14 47.24 4.34
C GLU A 158 77.17 48.22 5.51
N MET A 159 78.12 48.02 6.43
CA MET A 159 78.26 48.91 7.57
C MET A 159 78.67 50.32 7.14
N ILE A 160 79.63 50.40 6.24
CA ILE A 160 80.06 51.68 5.68
C ILE A 160 78.90 52.38 4.98
N MET A 161 78.12 51.60 4.22
CA MET A 161 76.95 52.12 3.54
C MET A 161 75.93 52.66 4.53
N GLN A 162 75.85 52.04 5.70
CA GLN A 162 74.94 52.48 6.75
C GLN A 162 75.20 53.92 7.15
N PHE A 163 76.46 54.35 7.11
CA PHE A 163 76.84 55.72 7.45
C PHE A 163 76.66 56.73 6.32
N ILE A 164 77.21 56.41 5.15
CA ILE A 164 77.26 57.36 4.04
C ILE A 164 75.93 57.54 3.31
N THR A 165 74.92 56.74 3.65
CA THR A 165 73.65 56.80 2.94
C THR A 165 72.90 58.10 3.21
N ARG A 166 73.07 58.65 4.40
CA ARG A 166 72.39 59.91 4.74
C ARG A 166 73.14 61.11 4.20
N GLU A 167 72.38 62.11 3.75
CA GLU A 167 72.93 63.33 3.17
C GLU A 167 73.90 64.08 4.09
N ASN A 168 73.65 64.03 5.39
CA ASN A 168 74.45 64.81 6.33
C ASN A 168 75.82 64.20 6.63
N CYS A 169 76.09 63.01 6.09
CA CYS A 169 77.34 62.33 6.38
C CYS A 169 78.43 62.72 5.40
N LEU A 170 79.48 63.38 5.91
CA LEU A 170 80.61 63.77 5.09
C LEU A 170 81.59 62.61 4.92
N ILE A 171 82.12 62.46 3.71
CA ILE A 171 82.97 61.33 3.38
C ILE A 171 84.44 61.70 3.27
N LEU A 172 85.27 61.11 4.11
CA LEU A 172 86.71 61.30 4.01
C LEU A 172 87.31 60.13 3.24
N ALA A 173 87.50 60.34 1.94
CA ALA A 173 87.96 59.27 1.06
C ALA A 173 89.49 59.24 0.99
N VAL A 174 90.08 58.16 1.49
CA VAL A 174 91.53 58.00 1.48
C VAL A 174 91.96 56.99 0.41
N THR A 175 92.84 57.42 -0.49
CA THR A 175 93.31 56.56 -1.57
C THR A 175 94.81 56.62 -1.74
N PRO A 176 95.43 55.46 -2.05
CA PRO A 176 96.88 55.43 -2.31
C PRO A 176 97.19 55.88 -3.73
N ALA A 177 98.26 56.66 -3.89
CA ALA A 177 98.65 57.17 -5.20
C ALA A 177 99.02 56.03 -6.15
N ASN A 178 98.48 56.07 -7.36
CA ASN A 178 98.70 55.00 -8.33
C ASN A 178 98.52 55.53 -9.75
N THR A 179 98.94 54.74 -10.74
CA THR A 179 98.81 55.12 -12.14
C THR A 179 97.34 55.24 -12.54
N ASP A 180 96.54 54.28 -12.12
CA ASP A 180 95.10 54.30 -12.36
C ASP A 180 94.36 54.52 -11.05
N LEU A 181 93.66 55.64 -10.94
CA LEU A 181 93.00 56.03 -9.69
C LEU A 181 91.49 55.82 -9.78
N ALA A 182 90.97 55.72 -11.00
CA ALA A 182 89.53 55.55 -11.22
C ALA A 182 89.01 54.23 -10.65
N ASN A 183 89.90 53.27 -10.45
CA ASN A 183 89.50 51.97 -9.93
C ASN A 183 89.77 51.85 -8.43
N SER A 184 89.99 52.98 -7.78
CA SER A 184 90.18 53.01 -6.33
C SER A 184 88.86 52.76 -5.61
N ASP A 185 88.92 51.95 -4.56
CA ASP A 185 87.72 51.55 -3.82
C ASP A 185 86.98 52.74 -3.20
N ALA A 186 87.71 53.74 -2.71
CA ALA A 186 87.08 54.87 -2.05
C ALA A 186 86.31 55.76 -3.03
N LEU A 187 86.92 56.05 -4.17
CA LEU A 187 86.31 56.95 -5.15
C LEU A 187 85.07 56.35 -5.80
N LYS A 188 85.06 55.03 -5.94
CA LYS A 188 83.92 54.33 -6.53
C LYS A 188 82.70 54.39 -5.61
N LEU A 189 82.95 54.18 -4.32
CA LEU A 189 81.89 54.22 -3.31
C LEU A 189 81.34 55.62 -3.11
N ALA A 190 82.19 56.63 -3.33
CA ALA A 190 81.78 58.02 -3.20
C ALA A 190 80.77 58.42 -4.27
N LYS A 191 80.96 57.91 -5.48
CA LYS A 191 80.06 58.20 -6.59
C LYS A 191 78.71 57.50 -6.42
N GLU A 192 78.72 56.35 -5.75
CA GLU A 192 77.50 55.57 -5.54
C GLU A 192 76.48 56.35 -4.71
N VAL A 193 76.98 57.07 -3.71
CA VAL A 193 76.10 57.78 -2.79
C VAL A 193 76.04 59.28 -3.10
N ASP A 194 77.07 59.79 -3.79
CA ASP A 194 77.11 61.19 -4.14
C ASP A 194 77.66 61.39 -5.56
N PRO A 195 76.84 61.11 -6.58
CA PRO A 195 77.22 61.26 -7.99
C PRO A 195 77.69 62.67 -8.33
N GLN A 196 77.08 63.67 -7.69
CA GLN A 196 77.43 65.06 -7.97
C GLN A 196 78.66 65.49 -7.18
N GLY A 197 79.11 64.62 -6.27
CA GLY A 197 80.28 64.89 -5.46
C GLY A 197 80.17 66.16 -4.63
N LEU A 198 79.07 66.30 -3.92
CA LEU A 198 78.81 67.53 -3.16
C LEU A 198 79.20 67.40 -1.70
N ARG A 199 79.44 66.17 -1.24
CA ARG A 199 79.78 65.95 0.16
C ARG A 199 80.93 64.95 0.35
N THR A 200 81.82 64.89 -0.63
CA THR A 200 82.94 63.97 -0.56
C THR A 200 84.27 64.71 -0.68
N ILE A 201 85.14 64.53 0.30
CA ILE A 201 86.48 65.09 0.25
C ILE A 201 87.53 64.00 0.07
N GLY A 202 88.35 64.16 -0.96
CA GLY A 202 89.34 63.17 -1.31
C GLY A 202 90.69 63.42 -0.68
N VAL A 203 91.33 62.34 -0.23
CA VAL A 203 92.68 62.43 0.33
C VAL A 203 93.59 61.46 -0.39
N ILE A 204 94.72 61.96 -0.88
CA ILE A 204 95.64 61.13 -1.64
C ILE A 204 96.92 60.89 -0.84
N THR A 205 97.15 59.63 -0.49
CA THR A 205 98.33 59.25 0.29
C THR A 205 99.40 58.64 -0.58
N LYS A 206 100.56 58.39 0.01
CA LYS A 206 101.68 57.72 -0.66
C LYS A 206 102.12 58.40 -1.94
N LEU A 207 101.99 59.73 -1.99
CA LEU A 207 102.36 60.50 -3.18
C LEU A 207 103.83 60.37 -3.52
N ASP A 208 104.67 60.22 -2.50
CA ASP A 208 106.11 60.11 -2.69
C ASP A 208 106.51 58.71 -3.18
N LEU A 209 105.54 57.81 -3.24
CA LEU A 209 105.81 56.44 -3.66
C LEU A 209 105.42 56.17 -5.11
N MET A 210 105.03 57.22 -5.83
CA MET A 210 104.63 57.08 -7.23
C MET A 210 105.81 56.68 -8.11
N ASP A 211 105.51 56.01 -9.21
CA ASP A 211 106.53 55.56 -10.15
C ASP A 211 107.33 56.73 -10.71
N GLU A 212 108.57 56.44 -11.10
CA GLU A 212 109.45 57.46 -11.68
C GLU A 212 108.87 58.04 -12.96
N GLY A 213 108.90 59.37 -13.07
CA GLY A 213 108.52 60.05 -14.29
C GLY A 213 107.03 60.26 -14.51
N THR A 214 106.22 59.85 -13.54
CA THR A 214 104.77 60.07 -13.66
C THR A 214 104.19 60.80 -12.45
N ASP A 215 103.41 61.83 -12.74
CA ASP A 215 102.70 62.59 -11.72
C ASP A 215 101.22 62.70 -12.07
N ALA A 216 100.37 62.48 -11.07
CA ALA A 216 98.93 62.50 -11.27
C ALA A 216 98.45 63.89 -11.72
N ARG A 217 98.92 64.92 -11.03
CA ARG A 217 98.69 66.32 -11.40
C ARG A 217 97.22 66.72 -11.35
N ASP A 218 96.42 66.05 -12.18
CA ASP A 218 95.02 66.41 -12.39
C ASP A 218 94.18 66.29 -11.13
N VAL A 219 94.42 65.22 -10.37
CA VAL A 219 93.60 64.92 -9.19
C VAL A 219 93.68 65.99 -8.11
N LEU A 220 94.90 66.48 -7.85
CA LEU A 220 95.11 67.45 -6.79
C LEU A 220 94.60 68.83 -7.18
N GLU A 221 94.63 69.11 -8.47
CA GLU A 221 94.11 70.36 -9.00
C GLU A 221 92.61 70.25 -9.27
N ASN A 222 92.06 69.08 -8.94
CA ASN A 222 90.62 68.83 -9.05
C ASN A 222 90.14 68.91 -10.50
N LYS A 223 90.87 68.28 -11.41
CA LYS A 223 90.54 68.34 -12.83
C LYS A 223 90.13 67.00 -13.43
N LEU A 224 90.77 65.91 -12.99
CA LEU A 224 90.46 64.58 -13.53
C LEU A 224 89.16 64.04 -12.94
N LEU A 225 89.05 64.11 -11.62
CA LEU A 225 87.88 63.64 -10.91
C LEU A 225 87.31 64.79 -10.08
N PRO A 226 86.58 65.70 -10.74
CA PRO A 226 86.05 66.92 -10.12
C PRO A 226 85.30 66.67 -8.81
N LEU A 227 85.72 67.37 -7.76
CA LEU A 227 85.03 67.30 -6.48
C LEU A 227 84.86 68.69 -5.90
N ARG A 228 83.63 69.01 -5.47
CA ARG A 228 83.30 70.33 -4.96
C ARG A 228 84.14 70.71 -3.74
N ARG A 229 84.38 69.74 -2.85
CA ARG A 229 85.10 70.00 -1.62
C ARG A 229 86.61 69.89 -1.80
N GLY A 230 87.05 69.66 -3.03
CA GLY A 230 88.47 69.67 -3.36
C GLY A 230 89.24 68.43 -2.97
N TYR A 231 90.55 68.46 -3.20
CA TYR A 231 91.43 67.34 -2.91
C TYR A 231 92.63 67.78 -2.06
N VAL A 232 93.10 66.88 -1.19
CA VAL A 232 94.29 67.14 -0.39
C VAL A 232 95.26 65.96 -0.45
N GLY A 233 96.50 66.25 -0.83
CA GLY A 233 97.53 65.23 -0.91
C GLY A 233 98.40 65.21 0.33
N VAL A 234 98.75 64.02 0.79
CA VAL A 234 99.59 63.88 1.97
C VAL A 234 100.63 62.78 1.83
N VAL A 235 101.65 62.85 2.69
CA VAL A 235 102.62 61.76 2.84
C VAL A 235 102.79 61.51 4.34
N ASN A 236 102.83 60.24 4.71
CA ASN A 236 102.78 59.90 6.13
C ASN A 236 103.86 58.94 6.57
N ARG A 237 104.98 59.50 7.03
CA ARG A 237 106.03 58.69 7.64
C ARG A 237 106.16 59.07 9.11
N SER A 238 106.83 58.22 9.88
CA SER A 238 107.08 58.53 11.28
C SER A 238 108.57 58.53 11.61
N GLN A 239 109.09 59.71 11.91
CA GLN A 239 110.51 59.87 12.17
C GLN A 239 110.77 59.76 13.66
N LYS A 240 111.75 58.95 14.04
CA LYS A 240 112.08 58.78 15.46
C LYS A 240 112.96 59.92 15.96
N ASP A 241 112.73 60.33 17.20
CA ASP A 241 113.58 61.33 17.85
C ASP A 241 114.78 60.66 18.51
N ILE A 242 115.69 61.47 19.03
CA ILE A 242 116.90 60.97 19.70
C ILE A 242 116.55 59.99 20.82
N ASP A 243 115.51 60.32 21.58
CA ASP A 243 114.99 59.43 22.63
C ASP A 243 114.51 58.10 22.06
N GLY A 244 113.96 58.13 20.85
CA GLY A 244 113.45 56.94 20.20
C GLY A 244 111.93 56.91 20.12
N LYS A 245 111.30 57.94 20.68
CA LYS A 245 109.86 58.11 20.57
C LYS A 245 109.50 58.74 19.22
N LYS A 246 108.29 58.48 18.74
CA LYS A 246 107.81 59.11 17.53
C LYS A 246 107.79 60.63 17.68
N ASP A 247 108.37 61.33 16.73
CA ASP A 247 108.44 62.79 16.80
C ASP A 247 107.57 63.40 15.72
N ILE A 248 106.41 63.90 16.13
CA ILE A 248 105.47 64.51 15.20
C ILE A 248 106.07 65.75 14.54
N LYS A 249 106.86 66.51 15.30
CA LYS A 249 107.44 67.76 14.80
C LYS A 249 108.36 67.52 13.60
N ALA A 250 109.19 66.48 13.69
CA ALA A 250 110.12 66.15 12.62
C ALA A 250 109.39 65.65 11.38
N ALA A 251 108.30 64.91 11.60
CA ALA A 251 107.50 64.36 10.51
C ALA A 251 106.86 65.44 9.63
N MET A 252 106.36 66.49 10.27
CA MET A 252 105.69 67.56 9.55
C MET A 252 106.65 68.36 8.69
N LEU A 253 107.90 68.42 9.12
CA LEU A 253 108.94 69.12 8.36
C LEU A 253 109.30 68.33 7.11
N ALA A 254 109.40 67.01 7.28
CA ALA A 254 109.73 66.11 6.17
C ALA A 254 108.66 66.12 5.08
N GLU A 255 107.40 66.21 5.50
CA GLU A 255 106.29 66.25 4.56
C GLU A 255 106.31 67.56 3.76
N ARG A 256 106.59 68.66 4.45
CA ARG A 256 106.62 69.97 3.84
C ARG A 256 107.73 70.07 2.80
N LYS A 257 108.90 69.52 3.14
CA LYS A 257 110.05 69.51 2.24
C LYS A 257 109.75 68.80 0.93
N PHE A 258 109.03 67.68 1.00
CA PHE A 258 108.70 66.88 -0.17
C PHE A 258 107.93 67.65 -1.22
N PHE A 259 106.84 68.29 -0.81
CA PHE A 259 105.99 69.02 -1.73
C PHE A 259 106.69 70.26 -2.29
N LEU A 260 107.43 70.96 -1.44
CA LEU A 260 108.17 72.15 -1.86
C LEU A 260 109.29 71.80 -2.85
N SER A 261 109.83 70.59 -2.74
CA SER A 261 110.93 70.17 -3.62
C SER A 261 110.42 69.43 -4.83
N HIS A 262 109.12 69.11 -4.84
CA HIS A 262 108.50 68.44 -5.97
C HIS A 262 108.05 69.46 -7.01
N PRO A 263 108.56 69.34 -8.25
CA PRO A 263 108.30 70.31 -9.32
C PRO A 263 106.82 70.38 -9.72
N ALA A 264 106.09 69.29 -9.48
CA ALA A 264 104.69 69.20 -9.87
C ALA A 264 103.73 69.66 -8.77
N TYR A 265 104.22 69.83 -7.56
CA TYR A 265 103.35 70.11 -6.42
C TYR A 265 103.62 71.46 -5.75
N ARG A 266 104.72 72.11 -6.13
CA ARG A 266 105.16 73.35 -5.48
C ARG A 266 104.10 74.46 -5.52
N HIS A 267 103.40 74.58 -6.63
CA HIS A 267 102.38 75.62 -6.79
C HIS A 267 101.13 75.37 -5.95
N ILE A 268 101.05 74.19 -5.33
CA ILE A 268 99.90 73.84 -4.51
C ILE A 268 100.34 73.59 -3.06
N ALA A 269 101.65 73.75 -2.82
CA ALA A 269 102.26 73.45 -1.53
C ALA A 269 101.54 74.10 -0.34
N ASP A 270 100.99 75.29 -0.56
CA ASP A 270 100.26 75.99 0.50
C ASP A 270 98.94 75.33 0.84
N ARG A 271 98.47 74.43 -0.04
CA ARG A 271 97.19 73.75 0.18
C ARG A 271 97.36 72.25 0.40
N MET A 272 98.60 71.77 0.31
CA MET A 272 98.86 70.33 0.48
C MET A 272 99.39 70.00 1.88
N GLY A 273 99.28 68.73 2.25
CA GLY A 273 99.86 68.24 3.48
C GLY A 273 98.89 68.06 4.62
N THR A 274 99.31 67.27 5.61
CA THR A 274 98.53 67.02 6.83
C THR A 274 98.14 68.29 7.62
N PRO A 275 99.07 69.25 7.82
CA PRO A 275 98.64 70.42 8.61
C PRO A 275 97.51 71.21 7.96
N HIS A 276 97.57 71.35 6.64
CA HIS A 276 96.52 72.05 5.90
C HIS A 276 95.22 71.26 5.96
N LEU A 277 95.34 69.95 5.92
CA LEU A 277 94.19 69.06 5.97
C LEU A 277 93.39 69.22 7.27
N GLN A 278 94.10 69.36 8.39
CA GLN A 278 93.42 69.54 9.67
C GLN A 278 92.67 70.87 9.73
N LYS A 279 93.23 71.90 9.10
CA LYS A 279 92.59 73.21 9.05
C LYS A 279 91.34 73.16 8.18
N VAL A 280 91.43 72.44 7.06
CA VAL A 280 90.30 72.29 6.15
C VAL A 280 89.18 71.48 6.79
N LEU A 281 89.53 70.35 7.39
CA LEU A 281 88.55 69.48 8.03
C LEU A 281 87.85 70.18 9.19
N ASN A 282 88.60 70.95 9.98
CA ASN A 282 88.01 71.72 11.05
C ASN A 282 87.06 72.78 10.51
N GLN A 283 87.44 73.40 9.40
CA GLN A 283 86.64 74.44 8.78
C GLN A 283 85.36 73.90 8.16
N GLN A 284 85.49 72.87 7.32
CA GLN A 284 84.34 72.33 6.61
C GLN A 284 83.33 71.66 7.54
N LEU A 285 83.83 70.98 8.57
CA LEU A 285 82.94 70.32 9.53
C LEU A 285 82.15 71.35 10.34
N THR A 286 82.84 72.40 10.79
CA THR A 286 82.20 73.48 11.52
C THR A 286 81.11 74.13 10.68
N ASN A 287 81.43 74.41 9.43
CA ASN A 287 80.47 75.00 8.51
C ASN A 287 79.32 74.06 8.20
N HIS A 288 79.64 72.76 8.13
CA HIS A 288 78.64 71.74 7.85
C HIS A 288 77.66 71.60 9.00
N ILE A 289 78.17 71.68 10.23
CA ILE A 289 77.34 71.59 11.41
C ILE A 289 76.42 72.79 11.55
N ARG A 290 76.96 73.98 11.32
CA ARG A 290 76.21 75.22 11.42
C ARG A 290 74.97 75.23 10.53
N ASP A 291 75.09 74.69 9.32
CA ASP A 291 73.98 74.66 8.37
C ASP A 291 72.86 73.70 8.79
N THR A 292 73.23 72.57 9.35
CA THR A 292 72.28 71.50 9.64
C THR A 292 71.77 71.51 11.09
N LEU A 293 72.46 72.25 11.95
CA LEU A 293 72.12 72.29 13.38
C LEU A 293 70.71 72.86 13.68
N PRO A 294 70.33 74.00 13.06
CA PRO A 294 68.98 74.50 13.35
C PRO A 294 67.88 73.55 12.91
N ASN A 295 68.09 72.86 11.79
CA ASN A 295 67.10 71.93 11.28
C ASN A 295 66.95 70.70 12.17
N PHE A 296 68.09 70.15 12.59
CA PHE A 296 68.09 68.95 13.44
C PHE A 296 67.42 69.22 14.78
N ARG A 297 67.72 70.37 15.37
CA ARG A 297 67.12 70.79 16.63
C ARG A 297 65.60 70.82 16.52
N ASN A 298 65.12 71.30 15.38
CA ASN A 298 63.67 71.38 15.13
C ASN A 298 63.07 70.03 14.78
N LYS A 299 63.71 69.30 13.86
CA LYS A 299 63.19 68.02 13.40
C LYS A 299 63.18 66.95 14.50
N LEU A 300 64.02 67.13 15.52
CA LEU A 300 64.01 66.24 16.68
C LEU A 300 62.92 66.62 17.66
N GLN A 301 62.75 67.93 17.84
CA GLN A 301 61.76 68.48 18.78
C GLN A 301 60.34 68.10 18.35
N GLY A 302 60.16 67.80 17.07
CA GLY A 302 58.87 67.38 16.56
C GLY A 302 58.51 65.96 16.95
N GLN A 303 59.50 65.07 16.87
CA GLN A 303 59.30 63.65 17.16
C GLN A 303 59.23 63.34 18.66
N LEU A 304 59.89 64.18 19.46
CA LEU A 304 60.09 63.90 20.88
C LEU A 304 58.80 64.00 21.70
N LEU A 305 57.91 64.93 21.35
CA LEU A 305 56.63 65.05 22.04
C LEU A 305 55.73 63.86 21.71
N SER A 306 55.69 63.49 20.44
CA SER A 306 54.84 62.40 19.97
C SER A 306 55.14 61.07 20.67
N ILE A 307 56.43 60.81 20.90
CA ILE A 307 56.83 59.57 21.58
C ILE A 307 56.50 59.69 23.06
N GLU A 308 56.52 60.91 23.58
CA GLU A 308 56.21 61.14 24.98
C GLU A 308 54.77 60.72 25.27
N HIS A 309 53.87 61.01 24.34
CA HIS A 309 52.46 60.66 24.50
C HIS A 309 52.28 59.13 24.53
N GLU A 310 52.94 58.41 23.63
CA GLU A 310 52.81 56.95 23.61
C GLU A 310 53.39 56.35 24.89
N VAL A 311 54.54 56.86 25.33
CA VAL A 311 55.13 56.39 26.58
C VAL A 311 54.30 56.78 27.80
N GLU A 312 53.93 58.06 27.87
CA GLU A 312 53.12 58.59 28.96
C GLU A 312 53.77 58.18 30.29
N ALA A 313 52.97 57.63 31.20
CA ALA A 313 53.49 56.86 32.32
C ALA A 313 52.76 55.53 32.29
N TYR A 314 53.39 54.48 32.82
CA TYR A 314 52.76 53.17 32.88
C TYR A 314 51.44 53.26 33.63
N LYS A 315 51.41 54.11 34.65
CA LYS A 315 50.21 54.41 35.42
C LYS A 315 49.55 53.16 35.97
N ASN A 316 50.37 52.21 36.39
CA ASN A 316 49.86 51.00 37.01
C ASN A 316 50.07 51.02 38.53
N PHE A 317 49.05 50.59 39.25
CA PHE A 317 49.06 50.70 40.71
C PHE A 317 49.90 49.56 41.26
N LYS A 318 50.97 49.89 41.99
CA LYS A 318 51.83 48.88 42.61
C LYS A 318 52.39 47.98 41.49
N PRO A 319 52.73 46.70 41.76
CA PRO A 319 53.01 46.00 40.49
C PRO A 319 51.96 44.98 40.06
N GLU A 320 51.53 45.09 38.80
CA GLU A 320 50.62 44.16 38.15
C GLU A 320 49.35 43.86 38.96
N ASP A 321 48.83 44.87 39.64
CA ASP A 321 47.61 44.70 40.43
C ASP A 321 46.40 44.47 39.54
N PRO A 322 45.36 43.80 40.08
CA PRO A 322 44.11 43.54 39.35
C PRO A 322 43.42 44.79 38.83
N THR A 323 43.85 45.97 39.27
CA THR A 323 43.23 47.20 38.81
C THR A 323 43.63 47.51 37.37
N ARG A 324 44.81 47.06 36.96
CA ARG A 324 45.31 47.38 35.62
C ARG A 324 45.14 46.22 34.65
N LYS A 325 44.99 45.01 35.17
CA LYS A 325 44.82 43.84 34.31
C LYS A 325 43.35 43.63 33.93
N THR A 326 42.47 43.78 34.91
CA THR A 326 41.04 43.59 34.69
C THR A 326 40.46 44.68 33.81
N LYS A 327 40.79 45.93 34.13
CA LYS A 327 40.29 47.08 33.37
C LYS A 327 40.76 47.06 31.92
N ALA A 328 42.00 46.60 31.70
CA ALA A 328 42.54 46.49 30.35
C ALA A 328 41.83 45.38 29.59
N LEU A 329 41.76 44.20 30.20
CA LEU A 329 41.07 43.06 29.62
C LEU A 329 39.62 43.38 29.22
N LEU A 330 38.85 43.86 30.19
CA LEU A 330 37.44 44.17 30.00
C LEU A 330 37.19 45.10 28.82
N GLN A 331 37.96 46.19 28.75
CA GLN A 331 37.82 47.15 27.67
C GLN A 331 38.17 46.55 26.31
N MET A 332 39.22 45.73 26.27
CA MET A 332 39.62 45.03 25.06
C MET A 332 38.56 44.06 24.52
N VAL A 333 38.03 43.21 25.39
CA VAL A 333 36.98 42.26 25.03
C VAL A 333 35.74 42.98 24.48
N GLN A 334 35.27 43.99 25.19
CA GLN A 334 34.12 44.77 24.74
C GLN A 334 34.35 45.34 23.34
N GLN A 335 35.56 45.82 23.08
CA GLN A 335 35.93 46.29 21.75
C GLN A 335 35.80 45.15 20.74
N PHE A 336 36.34 43.99 21.10
CA PHE A 336 36.24 42.78 20.28
C PHE A 336 34.80 42.42 19.95
N ALA A 337 33.94 42.45 20.95
CA ALA A 337 32.52 42.14 20.76
C ALA A 337 31.89 43.09 19.74
N VAL A 338 32.17 44.38 19.88
CA VAL A 338 31.62 45.38 18.96
C VAL A 338 32.16 45.21 17.56
N ASP A 339 33.47 44.99 17.48
CA ASP A 339 34.12 44.72 16.19
C ASP A 339 33.40 43.60 15.49
N PHE A 340 33.14 42.52 16.21
CA PHE A 340 32.47 41.36 15.64
C PHE A 340 31.05 41.70 15.19
N GLU A 341 30.27 42.33 16.05
CA GLU A 341 28.91 42.71 15.70
C GLU A 341 28.87 43.63 14.48
N LYS A 342 29.81 44.57 14.41
CA LYS A 342 29.89 45.54 13.32
C LYS A 342 30.18 44.86 11.98
N ARG A 343 31.16 43.96 11.98
CA ARG A 343 31.50 43.20 10.78
C ARG A 343 30.33 42.35 10.29
N ILE A 344 29.69 41.63 11.21
CA ILE A 344 28.70 40.61 10.86
C ILE A 344 27.34 41.23 10.53
N GLU A 345 27.22 42.54 10.67
CA GLU A 345 25.95 43.19 10.39
C GLU A 345 26.09 44.33 9.41
N GLY A 346 27.33 44.74 9.13
CA GLY A 346 27.60 45.83 8.22
C GLY A 346 27.15 45.56 6.79
N LEU A 356 36.30 44.04 1.47
CA LEU A 356 34.90 43.73 1.72
C LEU A 356 34.70 43.12 3.10
N SER A 357 33.67 43.60 3.80
CA SER A 357 33.37 43.12 5.15
C SER A 357 32.79 41.71 5.19
N GLY A 358 32.92 41.05 6.33
CA GLY A 358 32.34 39.74 6.57
C GLY A 358 30.82 39.64 6.43
N GLY A 359 30.10 40.47 7.16
CA GLY A 359 28.64 40.42 7.18
C GLY A 359 27.95 40.69 5.86
N ALA A 360 28.53 41.58 5.07
CA ALA A 360 28.02 41.91 3.74
C ALA A 360 28.16 40.69 2.82
N SER A 361 29.28 40.00 2.96
CA SER A 361 29.53 38.76 2.23
C SER A 361 28.50 37.69 2.56
N ILE A 362 28.14 37.58 3.83
CA ILE A 362 27.11 36.64 4.25
C ILE A 362 25.80 36.85 3.48
N ASN A 363 25.40 38.10 3.33
CA ASN A 363 24.24 38.42 2.50
C ASN A 363 24.43 37.85 1.09
N ARG A 364 25.65 37.98 0.55
CA ARG A 364 25.97 37.44 -0.77
C ARG A 364 25.89 35.91 -0.78
N ILE A 365 26.36 35.29 0.29
CA ILE A 365 26.24 33.84 0.44
C ILE A 365 24.78 33.39 0.39
N PHE A 366 23.96 33.99 1.24
CA PHE A 366 22.55 33.65 1.34
C PHE A 366 21.78 33.90 0.05
N HIS A 367 21.95 35.09 -0.53
CA HIS A 367 21.04 35.53 -1.59
C HIS A 367 21.67 35.56 -2.97
N GLU A 368 22.89 35.08 -3.10
CA GLU A 368 23.51 35.02 -4.42
C GLU A 368 24.18 33.68 -4.68
N ARG A 369 24.91 33.19 -3.69
CA ARG A 369 25.63 31.94 -3.82
C ARG A 369 24.68 30.75 -3.76
N PHE A 370 24.00 30.61 -2.62
CA PHE A 370 23.04 29.54 -2.40
C PHE A 370 22.09 29.31 -3.59
N PRO A 371 21.39 30.36 -4.07
CA PRO A 371 20.58 30.17 -5.27
C PRO A 371 21.34 29.58 -6.45
N PHE A 372 22.55 30.10 -6.69
CA PHE A 372 23.36 29.69 -7.84
C PHE A 372 23.87 28.27 -7.71
N GLU A 373 24.29 27.89 -6.50
CA GLU A 373 24.72 26.52 -6.25
C GLU A 373 23.59 25.54 -6.57
N ILE A 374 22.37 25.93 -6.22
CA ILE A 374 21.18 25.15 -6.53
C ILE A 374 20.96 25.03 -8.04
N VAL A 375 20.92 26.16 -8.73
CA VAL A 375 20.74 26.17 -10.18
C VAL A 375 21.74 25.28 -10.90
N LYS A 376 22.96 25.20 -10.37
CA LYS A 376 24.05 24.48 -11.01
C LYS A 376 23.88 22.95 -11.10
N MET A 377 23.08 22.35 -10.23
CA MET A 377 22.92 20.89 -10.26
C MET A 377 21.95 20.44 -11.37
N GLU A 378 22.54 20.01 -12.48
CA GLU A 378 21.79 19.70 -13.70
C GLU A 378 20.79 18.57 -13.52
N PHE A 379 19.59 18.76 -14.10
CA PHE A 379 18.54 17.76 -14.05
C PHE A 379 18.83 16.52 -14.89
N ASN A 380 19.50 16.71 -16.04
CA ASN A 380 19.76 15.63 -16.99
C ASN A 380 18.42 15.01 -17.36
N GLU A 381 17.50 15.89 -17.72
CA GLU A 381 16.07 15.60 -17.79
C GLU A 381 15.70 14.39 -18.64
N LYS A 382 16.40 14.20 -19.76
CA LYS A 382 16.11 13.07 -20.63
C LYS A 382 16.24 11.77 -19.84
N GLU A 383 17.26 11.67 -18.99
CA GLU A 383 17.45 10.50 -18.16
C GLU A 383 16.48 10.54 -16.98
N LEU A 384 16.06 11.75 -16.60
CA LEU A 384 15.06 11.93 -15.54
C LEU A 384 13.69 11.47 -16.00
N ARG A 385 13.33 11.82 -17.23
CA ARG A 385 12.04 11.45 -17.81
C ARG A 385 11.92 9.93 -17.88
N ARG A 386 13.02 9.26 -18.24
CA ARG A 386 13.09 7.80 -18.24
C ARG A 386 12.77 7.25 -16.86
N GLU A 387 13.36 7.86 -15.83
CA GLU A 387 13.15 7.46 -14.45
C GLU A 387 11.67 7.55 -14.10
N ILE A 388 11.04 8.65 -14.52
CA ILE A 388 9.63 8.86 -14.26
C ILE A 388 8.74 7.82 -14.93
N SER A 389 8.96 7.61 -16.22
CA SER A 389 8.19 6.63 -16.99
C SER A 389 8.30 5.23 -16.37
N TYR A 390 9.52 4.87 -15.98
CA TYR A 390 9.74 3.61 -15.27
C TYR A 390 8.98 3.60 -13.96
N ALA A 391 8.93 4.76 -13.31
CA ALA A 391 8.28 4.88 -12.01
C ALA A 391 6.77 4.68 -12.09
N ILE A 392 6.13 5.20 -13.13
CA ILE A 392 4.67 5.09 -13.25
C ILE A 392 4.26 3.68 -13.63
N LYS A 393 5.10 2.99 -14.41
CA LYS A 393 4.84 1.61 -14.76
C LYS A 393 5.00 0.69 -13.56
N ASN A 394 5.82 1.08 -12.60
CA ASN A 394 6.09 0.25 -11.43
C ASN A 394 5.04 0.36 -10.34
N ILE A 395 4.47 1.55 -10.15
CA ILE A 395 3.35 1.72 -9.21
C ILE A 395 2.14 0.94 -9.71
N HIS A 396 1.82 1.14 -10.98
CA HIS A 396 0.74 0.42 -11.61
C HIS A 396 1.03 -1.08 -11.55
N GLY A 397 1.91 -1.54 -12.44
CA GLY A 397 2.36 -2.94 -12.54
C GLY A 397 1.68 -4.02 -11.73
N ILE A 398 1.01 -4.94 -12.43
CA ILE A 398 0.09 -5.99 -11.94
C ILE A 398 -1.32 -5.44 -11.79
N ARG A 399 -1.44 -4.12 -11.79
CA ARG A 399 -2.74 -3.48 -11.96
C ARG A 399 -2.72 -2.87 -13.34
N THR A 400 -3.77 -2.15 -13.71
CA THR A 400 -3.84 -1.65 -15.08
C THR A 400 -4.40 -0.23 -15.20
N GLY A 401 -3.81 0.52 -16.11
CA GLY A 401 -4.37 1.77 -16.62
C GLY A 401 -4.90 2.82 -15.65
N LEU A 402 -5.97 3.49 -16.08
CA LEU A 402 -6.53 4.64 -15.38
C LEU A 402 -6.80 4.39 -13.89
N PHE A 403 -6.53 5.39 -13.06
CA PHE A 403 -5.98 6.66 -13.55
C PHE A 403 -4.48 6.75 -13.28
N THR A 404 -3.88 7.87 -13.65
CA THR A 404 -2.43 8.05 -13.53
C THR A 404 -1.99 7.98 -12.07
N PRO A 405 -0.89 7.26 -11.81
CA PRO A 405 -0.36 6.98 -10.47
C PRO A 405 -0.06 8.22 -9.67
N ASP A 406 -0.88 8.49 -8.66
CA ASP A 406 -0.70 9.60 -7.74
C ASP A 406 0.67 9.47 -7.06
N MET A 407 1.03 8.24 -6.73
CA MET A 407 2.24 7.92 -5.98
C MET A 407 3.52 8.01 -6.82
N ALA A 408 3.40 7.88 -8.13
CA ALA A 408 4.58 8.05 -8.99
C ALA A 408 5.09 9.48 -8.94
N PHE A 409 4.17 10.45 -8.94
CA PHE A 409 4.54 11.87 -8.83
C PHE A 409 5.35 12.12 -7.56
N GLU A 410 4.76 11.74 -6.43
CA GLU A 410 5.39 11.86 -5.13
C GLU A 410 6.78 11.21 -5.11
N ALA A 411 6.89 10.05 -5.73
CA ALA A 411 8.14 9.31 -5.81
C ALA A 411 9.29 10.12 -6.40
N ILE A 412 9.02 10.77 -7.52
CA ILE A 412 10.06 11.52 -8.23
C ILE A 412 10.46 12.79 -7.48
N VAL A 413 9.47 13.50 -6.97
CA VAL A 413 9.71 14.73 -6.21
C VAL A 413 10.61 14.49 -5.01
N LYS A 414 10.27 13.50 -4.21
CA LYS A 414 11.05 13.16 -3.01
C LYS A 414 12.53 12.95 -3.36
N LYS A 415 12.79 12.39 -4.54
CA LYS A 415 14.16 12.29 -5.06
C LYS A 415 14.81 13.66 -5.21
N GLN A 416 14.12 14.58 -5.89
CA GLN A 416 14.62 15.93 -6.10
C GLN A 416 14.88 16.74 -4.83
N ILE A 417 13.99 16.64 -3.84
CA ILE A 417 14.15 17.39 -2.61
C ILE A 417 15.37 16.92 -1.84
N VAL A 418 15.56 15.60 -1.78
CA VAL A 418 16.73 15.01 -1.15
C VAL A 418 18.03 15.61 -1.70
N LYS A 419 18.00 16.05 -2.96
CA LYS A 419 19.21 16.53 -3.61
C LYS A 419 19.62 17.93 -3.14
N LEU A 420 18.81 18.54 -2.28
CA LEU A 420 19.13 19.86 -1.77
C LEU A 420 19.97 19.85 -0.49
N LYS A 421 20.31 18.66 -0.01
CA LYS A 421 21.08 18.55 1.21
C LYS A 421 22.52 19.00 0.97
N GLY A 422 23.07 18.61 -0.18
CA GLY A 422 24.41 18.98 -0.54
C GLY A 422 24.67 20.48 -0.55
N PRO A 423 24.05 21.21 -1.50
CA PRO A 423 24.23 22.66 -1.63
C PRO A 423 23.80 23.43 -0.39
N SER A 424 22.97 22.83 0.45
CA SER A 424 22.48 23.52 1.63
C SER A 424 23.51 23.43 2.76
N LEU A 425 24.05 22.22 2.98
CA LEU A 425 25.14 22.05 3.95
C LEU A 425 26.36 22.84 3.55
N LYS A 426 26.69 22.84 2.26
CA LYS A 426 27.84 23.60 1.76
C LYS A 426 27.70 25.05 2.16
N SER A 427 26.48 25.58 2.03
CA SER A 427 26.18 26.95 2.39
C SER A 427 26.54 27.26 3.85
N VAL A 428 26.15 26.37 4.77
CA VAL A 428 26.51 26.52 6.17
C VAL A 428 28.02 26.62 6.34
N ASP A 429 28.77 25.81 5.60
CA ASP A 429 30.23 25.86 5.69
C ASP A 429 30.76 27.18 5.17
N LEU A 430 30.27 27.61 4.01
CA LEU A 430 30.64 28.93 3.46
C LEU A 430 30.38 30.08 4.43
N VAL A 431 29.41 29.91 5.33
CA VAL A 431 29.11 30.90 6.35
C VAL A 431 30.09 30.74 7.50
N ILE A 432 30.34 29.49 7.88
CA ILE A 432 31.32 29.16 8.91
C ILE A 432 32.69 29.72 8.53
N GLN A 433 33.00 29.68 7.23
CA GLN A 433 34.27 30.16 6.73
C GLN A 433 34.38 31.67 6.95
N GLU A 434 33.38 32.42 6.50
CA GLU A 434 33.39 33.86 6.69
C GLU A 434 33.34 34.25 8.16
N LEU A 435 32.67 33.44 8.98
CA LEU A 435 32.56 33.74 10.40
C LEU A 435 33.91 33.55 11.10
N ILE A 436 34.59 32.46 10.80
CA ILE A 436 35.89 32.17 11.41
C ILE A 436 36.94 33.17 10.89
N ASN A 437 36.80 33.58 9.63
CA ASN A 437 37.62 34.65 9.08
C ASN A 437 37.48 35.96 9.84
N THR A 438 36.25 36.27 10.25
CA THR A 438 35.97 37.54 10.90
C THR A 438 36.53 37.59 12.32
N VAL A 439 36.38 36.52 13.09
CA VAL A 439 36.98 36.50 14.43
C VAL A 439 38.50 36.63 14.35
N LYS A 440 39.09 36.15 13.26
CA LYS A 440 40.54 36.25 13.09
C LYS A 440 40.93 37.65 12.66
N LYS A 441 40.04 38.34 11.95
CA LYS A 441 40.27 39.72 11.56
C LYS A 441 40.22 40.63 12.79
N CYS A 442 39.14 40.51 13.55
CA CYS A 442 38.98 41.27 14.79
C CYS A 442 40.12 41.10 15.78
N THR A 443 40.64 39.88 15.89
CA THR A 443 41.65 39.60 16.93
C THR A 443 43.06 40.04 16.55
N LYS A 444 43.20 40.74 15.43
CA LYS A 444 44.48 41.34 15.09
C LYS A 444 44.67 42.61 15.92
N LYS A 445 43.56 43.17 16.40
CA LYS A 445 43.59 44.33 17.29
C LYS A 445 43.97 43.92 18.72
N LEU A 446 44.01 42.61 18.96
CA LEU A 446 44.38 42.08 20.27
C LEU A 446 45.65 41.25 20.19
N ALA A 447 46.33 41.32 19.05
CA ALA A 447 47.54 40.56 18.80
C ALA A 447 48.67 40.91 19.77
N ASN A 448 48.65 42.13 20.28
CA ASN A 448 49.64 42.60 21.24
C ASN A 448 49.70 41.72 22.50
N PHE A 449 48.61 41.01 22.79
CA PHE A 449 48.59 40.04 23.88
C PHE A 449 48.42 38.63 23.32
N PRO A 450 49.54 37.92 23.12
CA PRO A 450 49.58 36.59 22.49
C PRO A 450 48.70 35.55 23.17
N ARG A 451 48.77 35.42 24.49
CA ARG A 451 47.99 34.40 25.19
C ARG A 451 46.49 34.71 25.16
N LEU A 452 46.13 35.99 25.21
CA LEU A 452 44.72 36.37 25.15
C LEU A 452 44.09 36.14 23.78
N CYS A 453 44.72 36.67 22.73
CA CYS A 453 44.22 36.47 21.37
C CYS A 453 44.09 34.98 21.06
N GLU A 454 45.11 34.22 21.43
CA GLU A 454 45.10 32.77 21.27
C GLU A 454 43.90 32.13 21.97
N GLU A 455 43.81 32.31 23.28
CA GLU A 455 42.73 31.73 24.07
C GLU A 455 41.35 32.23 23.64
N THR A 456 41.25 33.49 23.24
CA THR A 456 39.99 34.01 22.73
C THR A 456 39.61 33.33 21.43
N GLU A 457 40.55 33.28 20.48
CA GLU A 457 40.34 32.57 19.22
C GLU A 457 39.90 31.15 19.51
N ARG A 458 40.60 30.51 20.46
CA ARG A 458 40.32 29.14 20.83
C ARG A 458 38.87 28.95 21.24
N ILE A 459 38.43 29.67 22.27
CA ILE A 459 37.07 29.53 22.79
C ILE A 459 35.99 29.80 21.74
N VAL A 460 36.19 30.84 20.92
CA VAL A 460 35.22 31.18 19.90
C VAL A 460 35.19 30.16 18.76
N ALA A 461 36.37 29.79 18.27
CA ALA A 461 36.48 28.76 17.24
C ALA A 461 35.82 27.46 17.73
N ASN A 462 36.07 27.12 18.99
CA ASN A 462 35.45 25.97 19.62
C ASN A 462 33.92 26.04 19.54
N HIS A 463 33.36 27.15 20.03
CA HIS A 463 31.92 27.38 20.02
C HIS A 463 31.31 27.24 18.64
N ILE A 464 32.03 27.73 17.62
CA ILE A 464 31.60 27.62 16.23
C ILE A 464 31.34 26.17 15.84
N ARG A 465 32.30 25.29 16.12
CA ARG A 465 32.17 23.89 15.79
C ARG A 465 31.02 23.22 16.54
N GLU A 466 30.75 23.67 17.75
CA GLU A 466 29.60 23.15 18.48
C GLU A 466 28.32 23.57 17.77
N ARG A 467 28.24 24.85 17.43
CA ARG A 467 27.11 25.38 16.66
C ARG A 467 26.99 24.77 15.27
N GLU A 468 28.12 24.36 14.71
CA GLU A 468 28.13 23.72 13.38
C GLU A 468 27.25 22.48 13.35
N GLY A 469 27.36 21.67 14.39
CA GLY A 469 26.54 20.48 14.52
C GLY A 469 25.06 20.82 14.50
N LYS A 470 24.64 21.64 15.47
CA LYS A 470 23.23 21.93 15.67
C LYS A 470 22.58 22.57 14.45
N THR A 471 23.27 23.50 13.80
CA THR A 471 22.71 24.15 12.61
C THR A 471 22.57 23.17 11.45
N LYS A 472 23.57 22.31 11.25
CA LYS A 472 23.53 21.33 10.17
C LYS A 472 22.38 20.35 10.39
N ASP A 473 22.29 19.83 11.61
CA ASP A 473 21.19 18.95 12.01
C ASP A 473 19.85 19.53 11.60
N GLN A 474 19.60 20.77 12.02
CA GLN A 474 18.34 21.46 11.71
C GLN A 474 18.16 21.67 10.21
N VAL A 475 19.24 21.96 9.50
CA VAL A 475 19.15 22.11 8.05
C VAL A 475 18.72 20.81 7.37
N LEU A 476 19.39 19.72 7.72
CA LEU A 476 18.99 18.38 7.26
C LEU A 476 17.54 18.07 7.59
N LEU A 477 17.19 18.15 8.87
CA LEU A 477 15.83 17.88 9.35
C LEU A 477 14.77 18.64 8.58
N LEU A 478 15.06 19.89 8.29
CA LEU A 478 14.14 20.74 7.55
C LEU A 478 13.87 20.19 6.16
N ILE A 479 14.92 19.74 5.48
CA ILE A 479 14.77 19.12 4.17
C ILE A 479 14.06 17.76 4.27
N ASP A 480 14.39 16.99 5.31
CA ASP A 480 13.74 15.69 5.59
C ASP A 480 12.24 15.88 5.76
N ILE A 481 11.88 16.92 6.52
CA ILE A 481 10.48 17.28 6.71
C ILE A 481 9.79 17.48 5.36
N GLN A 482 10.48 18.15 4.44
CA GLN A 482 9.94 18.40 3.11
C GLN A 482 9.63 17.14 2.30
N VAL A 483 10.45 16.11 2.43
CA VAL A 483 10.17 14.86 1.73
C VAL A 483 9.04 14.06 2.39
N SER A 484 8.84 14.22 3.69
CA SER A 484 7.91 13.35 4.41
C SER A 484 6.48 13.57 3.96
N TYR A 485 6.12 14.82 3.72
CA TYR A 485 4.80 15.18 3.26
C TYR A 485 4.92 16.10 2.07
N ILE A 486 4.20 15.81 1.00
CA ILE A 486 4.26 16.66 -0.18
C ILE A 486 2.89 17.28 -0.45
N ASN A 487 2.70 18.48 0.10
CA ASN A 487 1.43 19.21 0.02
C ASN A 487 1.05 19.62 -1.39
N THR A 488 -0.24 19.42 -1.71
CA THR A 488 -0.77 19.65 -3.04
C THR A 488 -1.78 20.79 -2.99
N ASN A 489 -2.09 21.24 -1.77
CA ASN A 489 -3.09 22.28 -1.60
C ASN A 489 -2.46 23.68 -1.57
N HIS A 490 -1.16 23.75 -1.86
CA HIS A 490 -0.48 25.03 -1.94
C HIS A 490 -1.05 25.82 -3.12
N GLU A 491 -1.33 27.10 -2.88
CA GLU A 491 -2.02 27.92 -3.87
C GLU A 491 -1.16 28.15 -5.11
N ASP A 492 0.14 28.30 -4.89
CA ASP A 492 1.07 28.56 -5.99
C ASP A 492 1.37 27.29 -6.79
N PHE A 493 1.06 26.12 -6.22
CA PHE A 493 1.40 24.86 -6.85
C PHE A 493 0.47 24.45 -7.97
N ILE A 494 -0.80 24.32 -7.65
CA ILE A 494 -1.75 23.78 -8.61
C ILE A 494 -2.32 24.84 -9.55
N GLY A 495 -1.98 24.71 -10.82
CA GLY A 495 -2.71 25.40 -11.87
C GLY A 495 -3.92 24.50 -11.97
N PHE A 496 -3.71 23.38 -12.67
CA PHE A 496 -4.48 22.13 -12.57
C PHE A 496 -4.15 21.27 -13.78
N VAL A 512 14.29 44.57 -9.79
CA VAL A 512 13.94 45.07 -8.47
C VAL A 512 14.48 46.51 -8.32
N GLY A 513 15.34 46.78 -7.35
CA GLY A 513 15.89 48.11 -7.15
C GLY A 513 17.19 48.30 -7.92
N ASN A 514 17.45 49.53 -8.34
CA ASN A 514 18.67 49.86 -9.08
C ASN A 514 19.93 49.85 -8.22
N GLN A 515 19.77 49.45 -6.96
CA GLN A 515 20.90 49.35 -6.04
C GLN A 515 21.95 48.37 -6.56
N VAL A 516 23.21 48.73 -6.39
CA VAL A 516 24.33 47.94 -6.92
C VAL A 516 24.37 46.52 -6.36
N ILE A 517 24.37 45.54 -7.26
CA ILE A 517 24.45 44.13 -6.87
C ILE A 517 25.90 43.69 -6.67
N ARG A 518 26.80 44.25 -7.48
CA ARG A 518 28.23 43.94 -7.40
C ARG A 518 29.06 44.86 -8.29
N LYS A 519 30.28 45.17 -7.84
CA LYS A 519 31.22 46.00 -8.59
C LYS A 519 32.57 45.29 -8.65
N GLY A 520 33.23 45.35 -9.79
CA GLY A 520 34.55 44.75 -9.91
C GLY A 520 35.21 44.96 -11.26
N TRP A 521 36.53 44.77 -11.28
CA TRP A 521 37.29 44.86 -12.53
C TRP A 521 37.08 43.60 -13.35
N LEU A 522 36.94 43.78 -14.66
CA LEU A 522 36.82 42.64 -15.57
C LEU A 522 37.54 42.96 -16.87
N THR A 523 38.09 41.93 -17.52
CA THR A 523 38.76 42.11 -18.80
C THR A 523 37.87 41.61 -19.94
N ILE A 524 37.64 42.46 -20.94
CA ILE A 524 36.85 42.05 -22.09
C ILE A 524 37.75 41.41 -23.15
N SER A 525 37.62 40.10 -23.30
CA SER A 525 38.45 39.32 -24.19
C SER A 525 37.88 39.29 -25.61
N ASN A 526 36.60 39.62 -25.71
CA ASN A 526 35.87 39.49 -26.98
C ASN A 526 36.38 40.41 -28.08
N ILE A 527 36.92 41.56 -27.71
CA ILE A 527 37.39 42.54 -28.68
C ILE A 527 38.49 41.93 -29.53
N GLY A 528 38.43 42.17 -30.84
CA GLY A 528 39.35 41.55 -31.76
C GLY A 528 40.80 41.86 -31.47
N ILE A 529 41.67 40.88 -31.70
CA ILE A 529 43.11 41.06 -31.54
C ILE A 529 43.58 42.16 -32.47
N MET A 530 43.00 42.18 -33.67
CA MET A 530 43.26 43.24 -34.64
C MET A 530 42.10 44.22 -34.70
N LYS A 531 42.43 45.50 -34.86
CA LYS A 531 41.48 46.60 -35.08
C LYS A 531 40.74 47.01 -33.79
N GLY A 532 40.98 46.29 -32.70
CA GLY A 532 40.31 46.58 -31.46
C GLY A 532 41.27 46.83 -30.30
N GLY A 533 41.47 45.82 -29.47
CA GLY A 533 42.43 45.92 -28.38
C GLY A 533 41.91 45.22 -27.15
N SER A 534 42.70 45.21 -26.08
CA SER A 534 42.23 44.69 -24.81
C SER A 534 42.36 45.73 -23.71
N LYS A 535 41.26 45.99 -23.03
CA LYS A 535 41.25 46.95 -21.93
C LYS A 535 40.48 46.42 -20.73
N GLY A 536 40.88 46.87 -19.55
CA GLY A 536 40.21 46.50 -18.31
C GLY A 536 39.27 47.62 -17.95
N TYR A 537 38.08 47.26 -17.51
CA TYR A 537 37.08 48.26 -17.16
C TYR A 537 36.51 48.00 -15.78
N TRP A 538 35.93 49.04 -15.19
CA TRP A 538 35.29 48.91 -13.89
C TRP A 538 33.81 48.66 -14.10
N PHE A 539 33.38 47.44 -13.82
CA PHE A 539 32.01 47.03 -14.10
C PHE A 539 31.09 47.22 -12.90
N VAL A 540 29.88 47.68 -13.20
CA VAL A 540 28.86 47.90 -12.19
C VAL A 540 27.57 47.19 -12.59
N LEU A 541 27.16 46.23 -11.79
CA LEU A 541 25.97 45.45 -12.08
C LEU A 541 24.83 45.82 -11.15
N THR A 542 23.68 46.09 -11.75
CA THR A 542 22.47 46.42 -11.00
C THR A 542 21.36 45.49 -11.43
N ALA A 543 20.17 45.69 -10.92
CA ALA A 543 19.04 44.84 -11.28
C ALA A 543 18.55 45.18 -12.68
N GLU A 544 19.02 46.30 -13.23
CA GLU A 544 18.54 46.75 -14.54
C GLU A 544 19.58 46.67 -15.64
N SER A 545 20.83 47.00 -15.33
CA SER A 545 21.85 47.04 -16.36
C SER A 545 23.21 46.57 -15.88
N LEU A 546 24.11 46.38 -16.83
CA LEU A 546 25.51 46.11 -16.54
C LEU A 546 26.37 47.17 -17.23
N SER A 547 26.93 48.07 -16.44
CA SER A 547 27.70 49.19 -16.98
C SER A 547 29.17 49.06 -16.65
N TRP A 548 30.03 49.57 -17.52
CA TRP A 548 31.45 49.56 -17.25
C TRP A 548 32.09 50.93 -17.50
N TYR A 549 32.96 51.32 -16.57
CA TYR A 549 33.64 52.62 -16.59
C TYR A 549 35.12 52.46 -16.84
N LYS A 550 35.83 53.57 -17.02
CA LYS A 550 37.26 53.50 -17.28
C LYS A 550 38.02 53.07 -16.03
N ASP A 551 37.56 53.53 -14.86
CA ASP A 551 38.20 53.16 -13.60
C ASP A 551 37.20 53.25 -12.46
N ASP A 552 37.61 52.81 -11.28
CA ASP A 552 36.69 52.71 -10.14
C ASP A 552 36.23 54.05 -9.61
N GLU A 553 36.65 55.13 -10.25
CA GLU A 553 36.20 56.47 -9.89
C GLU A 553 34.83 56.73 -10.52
N GLU A 554 34.52 55.97 -11.56
CA GLU A 554 33.24 56.05 -12.26
C GLU A 554 32.96 57.45 -12.79
N LYS A 555 34.00 58.10 -13.34
CA LYS A 555 33.87 59.43 -13.91
C LYS A 555 33.52 59.38 -15.39
N GLU A 556 33.83 58.27 -16.04
CA GLU A 556 33.59 58.11 -17.47
C GLU A 556 32.93 56.76 -17.76
N LYS A 557 31.67 56.80 -18.18
CA LYS A 557 30.94 55.57 -18.51
C LYS A 557 31.03 55.26 -20.00
N LYS A 558 31.65 54.13 -20.32
CA LYS A 558 31.86 53.73 -21.71
C LYS A 558 30.60 53.15 -22.35
N TYR A 559 29.80 52.45 -21.56
CA TYR A 559 28.59 51.81 -22.05
C TYR A 559 27.70 51.37 -20.88
N MET A 560 26.41 51.18 -21.17
CA MET A 560 25.50 50.60 -20.20
C MET A 560 24.61 49.60 -20.94
N LEU A 561 24.70 48.34 -20.52
CA LEU A 561 24.01 47.26 -21.20
C LEU A 561 22.82 46.76 -20.39
N PRO A 562 21.63 46.80 -20.98
CA PRO A 562 20.39 46.34 -20.32
C PRO A 562 20.40 44.84 -20.09
N LEU A 563 19.89 44.41 -18.94
CA LEU A 563 19.88 42.99 -18.60
C LEU A 563 18.74 42.23 -19.27
N ASP A 564 17.91 42.95 -20.02
CA ASP A 564 16.76 42.35 -20.68
C ASP A 564 17.19 41.26 -21.66
N ASN A 565 16.61 40.07 -21.50
CA ASN A 565 16.80 38.96 -22.43
C ASN A 565 18.25 38.47 -22.53
N LEU A 566 19.07 38.80 -21.54
CA LEU A 566 20.45 38.37 -21.49
C LEU A 566 20.59 36.95 -20.94
N LYS A 567 21.59 36.21 -21.41
CA LYS A 567 21.91 34.90 -20.86
C LYS A 567 23.43 34.74 -20.72
N VAL A 568 23.87 33.66 -20.07
CA VAL A 568 25.28 33.47 -19.77
C VAL A 568 25.81 32.14 -20.29
N ARG A 569 26.96 32.17 -20.94
CA ARG A 569 27.59 30.95 -21.45
C ARG A 569 29.07 30.97 -21.07
N ASP A 570 29.63 29.80 -20.74
CA ASP A 570 31.03 29.70 -20.34
C ASP A 570 31.91 29.34 -21.53
N VAL A 571 32.91 30.18 -21.80
CA VAL A 571 33.87 29.91 -22.87
C VAL A 571 34.73 28.70 -22.50
N GLU A 572 35.11 27.91 -23.50
CA GLU A 572 35.96 26.74 -23.29
C GLU A 572 37.33 27.16 -22.77
N LYS A 573 37.90 26.31 -21.92
CA LYS A 573 39.22 26.54 -21.31
C LYS A 573 40.27 27.03 -22.30
N SER A 578 45.37 29.82 -18.50
CA SER A 578 45.53 30.62 -17.30
C SER A 578 44.40 31.63 -17.14
N LYS A 579 43.47 31.62 -18.09
CA LYS A 579 42.36 32.55 -18.08
C LYS A 579 41.01 31.83 -18.09
N HIS A 580 40.06 32.37 -17.34
CA HIS A 580 38.69 31.84 -17.34
C HIS A 580 37.73 32.88 -17.92
N ILE A 581 37.10 32.55 -19.05
CA ILE A 581 36.23 33.49 -19.75
C ILE A 581 34.77 33.04 -19.68
N PHE A 582 33.85 34.00 -19.73
CA PHE A 582 32.43 33.73 -19.84
C PHE A 582 31.78 34.82 -20.68
N ALA A 583 30.55 34.61 -21.14
CA ALA A 583 29.96 35.53 -22.09
C ALA A 583 28.48 35.77 -21.89
N LEU A 584 28.02 36.96 -22.26
CA LEU A 584 26.62 37.32 -22.25
C LEU A 584 26.12 37.45 -23.67
N PHE A 585 24.91 36.96 -23.96
CA PHE A 585 24.35 37.11 -25.28
C PHE A 585 22.84 37.33 -25.22
N ASN A 586 22.31 38.11 -26.16
CA ASN A 586 20.89 38.36 -26.22
C ASN A 586 20.18 37.24 -26.95
N THR A 587 19.21 36.62 -26.28
CA THR A 587 18.47 35.52 -26.88
C THR A 587 17.58 35.98 -28.04
N GLU A 588 17.18 37.25 -28.02
CA GLU A 588 16.16 37.74 -28.94
C GLU A 588 16.74 38.57 -30.09
N GLN A 589 18.07 38.71 -30.14
CA GLN A 589 18.70 39.42 -31.25
C GLN A 589 20.16 39.00 -31.43
N ARG A 590 20.75 39.43 -32.54
CA ARG A 590 22.10 39.02 -32.92
C ARG A 590 23.15 39.52 -31.93
N ASN A 591 23.39 40.82 -31.93
CA ASN A 591 24.43 41.41 -31.09
C ASN A 591 23.89 41.85 -29.74
N VAL A 592 24.64 41.58 -28.67
CA VAL A 592 24.18 41.93 -27.34
C VAL A 592 24.63 43.35 -26.98
N TYR A 593 25.86 43.72 -27.36
CA TYR A 593 26.31 45.09 -27.21
C TYR A 593 27.03 45.56 -28.47
N LYS A 594 26.59 46.69 -29.01
CA LYS A 594 27.21 47.29 -30.19
C LYS A 594 27.24 46.32 -31.38
N ASP A 595 28.35 46.26 -32.10
CA ASP A 595 28.45 45.40 -33.27
C ASP A 595 29.05 44.03 -32.92
N TYR A 596 29.51 43.87 -31.68
CA TYR A 596 30.06 42.60 -31.21
C TYR A 596 28.95 41.62 -30.86
N ARG A 597 29.01 40.44 -31.49
CA ARG A 597 28.02 39.37 -31.29
C ARG A 597 27.66 39.10 -29.84
N PHE A 598 28.66 38.71 -29.04
CA PHE A 598 28.44 38.57 -27.60
C PHE A 598 29.64 39.07 -26.78
N LEU A 599 29.39 39.44 -25.53
CA LEU A 599 30.40 40.08 -24.69
C LEU A 599 31.18 39.08 -23.84
N GLU A 600 32.42 38.78 -24.22
CA GLU A 600 33.24 37.84 -23.47
C GLU A 600 33.96 38.54 -22.32
N LEU A 601 33.73 38.06 -21.10
CA LEU A 601 34.34 38.65 -19.90
C LEU A 601 35.26 37.64 -19.23
N ALA A 602 36.40 38.09 -18.73
CA ALA A 602 37.39 37.18 -18.17
C ALA A 602 37.83 37.57 -16.76
N CYS A 603 38.24 36.56 -15.99
CA CYS A 603 38.74 36.77 -14.63
C CYS A 603 40.00 35.94 -14.39
N ASP A 604 40.91 36.47 -13.57
CA ASP A 604 42.18 35.81 -13.31
C ASP A 604 42.04 34.55 -12.46
N SER A 605 40.89 34.37 -11.81
CA SER A 605 40.66 33.20 -10.98
C SER A 605 39.33 32.53 -11.31
N GLN A 606 39.23 31.24 -11.02
CA GLN A 606 38.02 30.46 -11.31
C GLN A 606 36.88 30.79 -10.36
N GLU A 607 37.20 31.04 -9.09
CA GLU A 607 36.16 31.32 -8.11
C GLU A 607 35.48 32.64 -8.46
N ASP A 608 36.21 33.54 -9.10
CA ASP A 608 35.68 34.84 -9.48
C ASP A 608 34.59 34.73 -10.56
N VAL A 609 34.82 33.91 -11.59
CA VAL A 609 33.80 33.76 -12.63
C VAL A 609 32.56 33.08 -12.05
N ASP A 610 32.78 32.14 -11.13
CA ASP A 610 31.67 31.48 -10.47
C ASP A 610 30.89 32.45 -9.61
N SER A 611 31.59 33.46 -9.07
CA SER A 611 30.95 34.49 -8.26
C SER A 611 30.14 35.47 -9.09
N TRP A 612 30.68 35.83 -10.27
CA TRP A 612 29.98 36.75 -11.17
C TRP A 612 28.74 36.09 -11.79
N LYS A 613 28.85 34.82 -12.14
CA LYS A 613 27.74 34.08 -12.71
C LYS A 613 26.63 34.00 -11.68
N ALA A 614 27.01 33.90 -10.42
CA ALA A 614 26.05 33.82 -9.32
C ALA A 614 25.38 35.16 -9.11
N SER A 615 26.12 36.23 -9.36
CA SER A 615 25.61 37.59 -9.18
C SER A 615 24.64 37.96 -10.29
N LEU A 616 24.95 37.52 -11.51
CA LEU A 616 24.06 37.73 -12.63
C LEU A 616 22.74 37.02 -12.40
N LEU A 617 22.82 35.80 -11.88
CA LEU A 617 21.64 35.03 -11.52
C LEU A 617 20.73 35.82 -10.59
N ARG A 618 21.34 36.53 -9.66
CA ARG A 618 20.63 37.39 -8.72
C ARG A 618 19.93 38.53 -9.47
N ALA A 619 20.52 38.92 -10.59
CA ALA A 619 19.99 40.03 -11.38
C ALA A 619 18.93 39.56 -12.38
N GLY A 620 18.72 38.25 -12.43
CA GLY A 620 17.66 37.70 -13.25
C GLY A 620 18.11 37.20 -14.61
N VAL A 621 19.41 37.22 -14.85
CA VAL A 621 19.94 36.64 -16.09
C VAL A 621 20.53 35.25 -15.81
N TYR A 622 19.82 34.25 -16.32
CA TYR A 622 20.14 32.85 -16.09
C TYR A 622 21.11 32.31 -17.14
N PRO A 623 21.89 31.28 -16.79
CA PRO A 623 22.80 30.65 -17.75
C PRO A 623 22.06 29.64 -18.62
N ASP A 624 22.31 29.64 -19.94
CA ASP A 624 21.55 28.77 -20.82
C ASP A 624 21.88 27.30 -20.57
N LYS A 625 20.86 26.46 -20.73
CA LYS A 625 20.89 25.06 -20.31
C LYS A 625 21.77 24.14 -21.15
N SER A 626 21.93 24.46 -22.43
CA SER A 626 22.14 23.50 -23.52
C SER A 626 22.94 22.22 -23.22
N VAL A 627 22.33 21.09 -23.58
CA VAL A 627 23.03 19.84 -23.84
C VAL A 627 22.85 19.41 -25.29
N PHE A 639 9.50 7.48 -30.30
CA PHE A 639 9.95 6.43 -29.38
C PHE A 639 9.05 5.21 -29.48
N SER A 640 9.46 4.12 -28.83
CA SER A 640 8.69 2.87 -28.82
C SER A 640 7.38 2.99 -28.05
N MET A 641 7.39 3.81 -27.00
CA MET A 641 6.26 3.92 -26.08
C MET A 641 4.98 4.39 -26.75
N ASP A 642 3.86 3.86 -26.29
CA ASP A 642 2.54 4.24 -26.79
C ASP A 642 2.20 5.67 -26.37
N PRO A 643 1.39 6.37 -27.18
CA PRO A 643 1.06 7.78 -26.95
C PRO A 643 0.45 8.08 -25.58
N GLN A 644 -0.33 7.16 -25.01
CA GLN A 644 -0.97 7.40 -23.72
C GLN A 644 0.04 7.56 -22.58
N LEU A 645 1.17 6.87 -22.67
CA LEU A 645 2.19 6.99 -21.63
C LEU A 645 2.94 8.31 -21.75
N GLU A 646 3.22 8.72 -22.98
CA GLU A 646 3.90 9.99 -23.22
C GLU A 646 3.12 11.15 -22.65
N ARG A 647 1.79 11.11 -22.82
CA ARG A 647 0.90 12.10 -22.23
C ARG A 647 0.99 12.06 -20.71
N GLN A 648 1.01 10.83 -20.21
CA GLN A 648 1.05 10.56 -18.79
C GLN A 648 2.37 11.05 -18.19
N VAL A 649 3.47 10.85 -18.91
CA VAL A 649 4.78 11.34 -18.51
C VAL A 649 4.86 12.87 -18.62
N GLU A 650 4.17 13.43 -19.61
CA GLU A 650 4.18 14.87 -19.81
C GLU A 650 3.45 15.61 -18.71
N THR A 651 2.38 15.02 -18.19
CA THR A 651 1.59 15.66 -17.15
C THR A 651 2.36 15.69 -15.83
N ILE A 652 2.94 14.55 -15.47
CA ILE A 652 3.70 14.42 -14.24
C ILE A 652 4.97 15.28 -14.27
N ARG A 653 5.56 15.43 -15.46
CA ARG A 653 6.75 16.24 -15.64
C ARG A 653 6.48 17.71 -15.31
N ASN A 654 5.35 18.22 -15.80
CA ASN A 654 4.92 19.59 -15.50
C ASN A 654 4.66 19.78 -14.01
N LEU A 655 4.06 18.76 -13.40
CA LEU A 655 3.82 18.75 -11.96
C LEU A 655 5.10 18.83 -11.13
N VAL A 656 6.08 17.99 -11.44
CA VAL A 656 7.35 17.98 -10.71
C VAL A 656 8.03 19.33 -10.82
N ASP A 657 8.14 19.84 -12.06
CA ASP A 657 8.73 21.15 -12.31
C ASP A 657 8.01 22.23 -11.51
N SER A 658 6.68 22.16 -11.49
CA SER A 658 5.87 23.14 -10.76
C SER A 658 6.10 23.11 -9.26
N TYR A 659 5.99 21.92 -8.66
CA TYR A 659 6.16 21.78 -7.22
C TYR A 659 7.55 22.20 -6.76
N MET A 660 8.56 21.79 -7.51
CA MET A 660 9.94 22.15 -7.20
C MET A 660 10.11 23.67 -7.13
N SER A 661 9.54 24.39 -8.09
CA SER A 661 9.50 25.84 -8.06
C SER A 661 9.03 26.35 -6.71
N ILE A 662 7.91 25.81 -6.22
CA ILE A 662 7.40 26.15 -4.90
C ILE A 662 8.41 25.81 -3.79
N ILE A 663 8.98 24.62 -3.83
CA ILE A 663 9.98 24.23 -2.84
C ILE A 663 11.22 25.11 -2.86
N ASN A 664 11.83 25.23 -4.04
CA ASN A 664 13.01 26.05 -4.22
C ASN A 664 12.85 27.46 -3.60
N LYS A 665 11.77 28.13 -3.95
CA LYS A 665 11.45 29.43 -3.34
C LYS A 665 11.46 29.39 -1.81
N CYS A 666 10.76 28.43 -1.22
CA CYS A 666 10.71 28.32 0.24
C CYS A 666 12.08 28.07 0.82
N ILE A 667 12.76 27.04 0.33
CA ILE A 667 14.07 26.67 0.88
C ILE A 667 15.13 27.77 0.71
N ARG A 668 15.18 28.43 -0.45
CA ARG A 668 16.13 29.53 -0.66
C ARG A 668 15.90 30.62 0.37
N ASP A 669 14.64 30.84 0.71
CA ASP A 669 14.26 31.79 1.77
C ASP A 669 14.59 31.24 3.15
N LEU A 670 14.33 29.95 3.35
CA LEU A 670 14.29 29.40 4.69
C LEU A 670 15.64 29.00 5.27
N ILE A 671 16.54 28.50 4.43
CA ILE A 671 17.84 28.05 4.93
C ILE A 671 18.67 29.21 5.50
N PRO A 672 18.74 30.36 4.80
CA PRO A 672 19.40 31.51 5.44
C PRO A 672 18.84 31.84 6.81
N LYS A 673 17.52 31.89 6.95
CA LYS A 673 16.92 32.21 8.25
C LYS A 673 17.33 31.20 9.30
N THR A 674 17.45 29.95 8.90
CA THR A 674 17.89 28.91 9.83
C THR A 674 19.34 29.13 10.24
N ILE A 675 20.19 29.48 9.28
CA ILE A 675 21.60 29.69 9.56
C ILE A 675 21.76 30.92 10.42
N MET A 676 21.06 31.99 10.03
CA MET A 676 21.01 33.23 10.79
C MET A 676 20.73 33.00 12.27
N HIS A 677 19.68 32.26 12.55
CA HIS A 677 19.19 32.08 13.91
C HIS A 677 20.06 31.14 14.74
N LEU A 678 20.44 30.02 14.15
CA LEU A 678 21.21 29.00 14.87
C LEU A 678 22.70 29.29 14.96
N MET A 679 23.26 29.97 13.96
CA MET A 679 24.70 30.23 13.98
C MET A 679 25.09 31.69 14.16
N ILE A 680 24.70 32.53 13.21
CA ILE A 680 25.15 33.91 13.21
C ILE A 680 24.68 34.67 14.45
N ASN A 681 23.38 34.67 14.69
CA ASN A 681 22.83 35.36 15.85
C ASN A 681 23.30 34.74 17.15
N ASN A 682 23.50 33.42 17.16
CA ASN A 682 23.90 32.71 18.37
C ASN A 682 25.35 32.99 18.74
N VAL A 683 26.25 32.84 17.78
CA VAL A 683 27.66 33.14 17.98
C VAL A 683 27.85 34.59 18.40
N LYS A 684 27.16 35.49 17.70
CA LYS A 684 27.17 36.90 18.04
C LYS A 684 26.84 37.12 19.50
N ASP A 685 25.68 36.63 19.94
CA ASP A 685 25.26 36.73 21.33
C ASP A 685 26.25 36.07 22.28
N PHE A 686 26.81 34.94 21.88
CA PHE A 686 27.81 34.23 22.69
C PHE A 686 28.99 35.13 23.02
N ILE A 687 29.60 35.70 21.99
CA ILE A 687 30.74 36.57 22.14
C ILE A 687 30.47 37.69 23.13
N ASN A 688 29.28 38.27 23.08
CA ASN A 688 28.95 39.38 23.98
C ASN A 688 28.86 39.00 25.44
N SER A 689 28.34 37.82 25.75
CA SER A 689 28.04 37.51 27.12
C SER A 689 28.86 36.36 27.68
N GLU A 690 28.85 35.23 26.97
CA GLU A 690 29.51 34.04 27.47
C GLU A 690 31.03 34.09 27.35
N LEU A 691 31.55 34.78 26.33
CA LEU A 691 32.99 34.78 26.05
C LEU A 691 33.82 35.26 27.24
N LEU A 692 33.44 36.40 27.80
CA LEU A 692 34.18 36.97 28.91
C LEU A 692 34.15 35.99 30.08
N ALA A 693 32.97 35.42 30.33
CA ALA A 693 32.80 34.44 31.41
C ALA A 693 33.68 33.21 31.18
N GLN A 694 33.73 32.74 29.93
CA GLN A 694 34.56 31.59 29.58
C GLN A 694 36.05 31.87 29.80
N LEU A 695 36.48 33.08 29.43
CA LEU A 695 37.87 33.49 29.60
C LEU A 695 38.29 33.48 31.06
N TYR A 696 37.40 33.95 31.92
CA TYR A 696 37.60 34.01 33.36
C TYR A 696 37.72 32.62 34.01
N SER A 697 36.83 31.71 33.62
CA SER A 697 36.80 30.36 34.17
C SER A 697 37.99 29.50 33.74
N SER A 698 38.37 29.62 32.47
CA SER A 698 39.40 28.75 31.89
C SER A 698 40.76 28.96 32.55
N GLU A 699 41.11 30.23 32.78
CA GLU A 699 42.37 30.57 33.41
C GLU A 699 42.21 31.82 34.27
N ASP A 700 43.10 31.97 35.24
CA ASP A 700 43.14 33.17 36.07
C ASP A 700 43.50 34.39 35.23
N GLN A 701 42.81 35.51 35.47
CA GLN A 701 43.08 36.77 34.76
C GLN A 701 44.52 37.21 34.91
N ASN A 702 45.19 36.67 35.93
CA ASN A 702 46.59 36.94 36.19
C ASN A 702 47.52 36.35 35.14
N THR A 703 47.11 35.24 34.53
CA THR A 703 48.00 34.52 33.62
C THR A 703 47.89 34.94 32.15
N LEU A 704 46.68 35.22 31.67
CA LEU A 704 46.45 35.44 30.24
C LEU A 704 46.83 36.83 29.70
N MET A 705 46.88 37.82 30.61
CA MET A 705 47.24 39.21 30.25
C MET A 705 48.72 39.45 30.52
N GLU A 706 49.49 38.37 30.68
CA GLU A 706 50.89 38.48 31.12
C GLU A 706 51.85 38.95 30.04
N GLU A 707 52.13 38.05 29.10
CA GLU A 707 53.20 38.24 28.14
C GLU A 707 52.84 39.22 27.02
N SER A 708 53.82 40.00 26.60
CA SER A 708 53.71 40.91 25.46
C SER A 708 55.11 41.42 25.09
N ALA A 709 55.95 40.50 24.64
CA ALA A 709 57.36 40.79 24.33
C ALA A 709 57.56 41.77 23.19
N GLU A 710 56.72 41.69 22.17
CA GLU A 710 56.88 42.53 20.98
C GLU A 710 56.54 43.98 21.31
N GLN A 711 55.48 44.16 22.09
CA GLN A 711 55.10 45.49 22.55
C GLN A 711 56.16 46.03 23.51
N ALA A 712 56.63 45.16 24.39
CA ALA A 712 57.67 45.52 25.36
C ALA A 712 58.98 45.88 24.67
N GLN A 713 59.35 45.14 23.63
CA GLN A 713 60.59 45.40 22.92
C GLN A 713 60.57 46.76 22.26
N ARG A 714 59.42 47.13 21.70
CA ARG A 714 59.27 48.45 21.11
C ARG A 714 59.25 49.51 22.21
N ARG A 715 58.49 49.23 23.27
CA ARG A 715 58.40 50.15 24.40
C ARG A 715 59.73 50.30 25.13
N ASP A 716 60.46 49.19 25.27
CA ASP A 716 61.79 49.24 25.88
C ASP A 716 62.68 50.11 25.00
N GLU A 717 62.50 49.99 23.69
CA GLU A 717 63.25 50.82 22.76
C GLU A 717 62.77 52.26 22.89
N MET A 718 61.46 52.44 23.08
CA MET A 718 60.89 53.78 23.25
C MET A 718 61.26 54.37 24.61
N LEU A 719 61.30 53.53 25.65
CA LEU A 719 61.65 53.97 26.99
C LEU A 719 63.10 54.46 27.02
N ARG A 720 63.99 53.76 26.31
CA ARG A 720 65.38 54.17 26.19
C ARG A 720 65.46 55.36 25.25
N MET A 721 64.56 55.38 24.27
CA MET A 721 64.43 56.50 23.34
C MET A 721 64.13 57.80 24.07
N TYR A 722 63.16 57.76 24.98
CA TYR A 722 62.74 58.95 25.72
C TYR A 722 63.84 59.57 26.58
N GLN A 723 64.45 58.76 27.43
CA GLN A 723 65.52 59.23 28.31
C GLN A 723 66.69 59.81 27.52
N ALA A 724 66.93 59.27 26.34
CA ALA A 724 68.02 59.72 25.49
C ALA A 724 67.71 61.02 24.76
N LEU A 725 66.53 61.10 24.15
CA LEU A 725 66.15 62.28 23.37
C LEU A 725 65.99 63.53 24.22
N LYS A 726 65.55 63.36 25.46
CA LYS A 726 65.35 64.51 26.35
C LYS A 726 66.68 65.11 26.76
N GLU A 727 67.65 64.25 27.05
CA GLU A 727 69.00 64.69 27.40
C GLU A 727 69.72 65.28 26.19
N ALA A 728 69.50 64.68 25.03
CA ALA A 728 70.13 65.13 23.79
C ALA A 728 69.77 66.57 23.45
N LEU A 729 68.48 66.88 23.47
CA LEU A 729 68.02 68.23 23.16
C LEU A 729 68.29 69.20 24.31
N GLY A 730 68.36 68.69 25.53
CA GLY A 730 68.63 69.52 26.69
C GLY A 730 70.00 70.16 26.71
N ILE A 731 70.98 69.50 26.11
CA ILE A 731 72.34 70.02 26.10
C ILE A 731 72.54 70.97 24.92
N ILE A 732 71.99 70.60 23.76
CA ILE A 732 72.08 71.43 22.57
C ILE A 732 71.22 72.69 22.71
N GLY A 733 71.64 73.78 22.09
CA GLY A 733 70.89 75.02 22.11
C GLY A 733 70.94 75.74 20.77
N ASP A 734 70.00 76.65 20.56
CA ASP A 734 69.94 77.42 19.32
C ASP A 734 71.12 78.39 19.24
N ILE A 735 71.54 78.89 20.40
CA ILE A 735 72.68 79.80 20.52
C ILE A 735 72.52 81.02 19.61
N MET B 6 -39.19 -46.79 5.20
CA MET B 6 -39.03 -47.55 6.44
C MET B 6 -40.17 -47.26 7.40
N GLU B 7 -39.97 -47.65 8.67
CA GLU B 7 -41.00 -47.43 9.69
C GLU B 7 -40.46 -46.58 10.83
N GLU B 8 -39.14 -46.48 10.92
CA GLU B 8 -38.51 -45.64 11.95
C GLU B 8 -38.36 -44.20 11.44
N LEU B 9 -39.38 -43.72 10.74
CA LEU B 9 -39.40 -42.36 10.22
C LEU B 9 -40.18 -41.40 11.12
N ILE B 10 -41.40 -41.80 11.45
CA ILE B 10 -42.27 -40.99 12.31
C ILE B 10 -41.72 -40.83 13.74
N PRO B 11 -41.26 -41.94 14.37
CA PRO B 11 -40.67 -41.75 15.70
C PRO B 11 -39.43 -40.87 15.67
N LEU B 12 -38.69 -40.93 14.57
CA LEU B 12 -37.45 -40.15 14.43
C LEU B 12 -37.67 -38.64 14.50
N VAL B 13 -38.65 -38.14 13.75
CA VAL B 13 -38.92 -36.71 13.74
C VAL B 13 -39.54 -36.25 15.07
N ASN B 14 -40.28 -37.14 15.72
CA ASN B 14 -40.85 -36.86 17.03
C ASN B 14 -39.77 -36.61 18.09
N ARG B 15 -38.69 -37.39 18.02
CA ARG B 15 -37.59 -37.28 18.97
C ARG B 15 -36.77 -36.00 18.79
N LEU B 16 -36.60 -35.57 17.54
CA LEU B 16 -35.83 -34.35 17.24
C LEU B 16 -36.48 -33.07 17.78
N GLN B 17 -37.80 -32.96 17.62
CA GLN B 17 -38.53 -31.78 18.10
C GLN B 17 -38.42 -31.63 19.61
N ASP B 18 -38.57 -32.73 20.34
CA ASP B 18 -38.47 -32.74 21.80
C ASP B 18 -37.07 -32.41 22.32
N ALA B 19 -36.06 -32.98 21.66
CA ALA B 19 -34.66 -32.85 22.10
C ALA B 19 -34.12 -31.43 22.03
N PHE B 20 -34.53 -30.68 21.02
CA PHE B 20 -34.01 -29.33 20.79
C PHE B 20 -34.56 -28.27 21.73
N SER B 21 -35.72 -28.52 22.33
CA SER B 21 -36.36 -27.54 23.20
C SER B 21 -35.54 -27.23 24.46
N ALA B 22 -35.00 -28.28 25.06
CA ALA B 22 -34.25 -28.20 26.31
C ALA B 22 -32.80 -27.83 26.02
N LEU B 23 -32.45 -27.84 24.74
CA LEU B 23 -31.06 -27.72 24.32
C LEU B 23 -30.62 -26.29 23.95
N GLY B 24 -31.40 -25.30 24.35
CA GLY B 24 -31.05 -23.90 24.14
C GLY B 24 -31.48 -23.27 22.82
N GLN B 25 -30.78 -23.59 21.75
CA GLN B 25 -31.05 -23.05 20.42
C GLN B 25 -32.21 -23.76 19.72
N SER B 26 -33.43 -23.59 20.25
CA SER B 26 -34.60 -24.20 19.63
C SER B 26 -35.17 -23.40 18.47
N CYS B 27 -34.62 -22.22 18.20
CA CYS B 27 -35.07 -21.42 17.07
C CYS B 27 -33.96 -21.21 16.04
N LEU B 28 -32.71 -21.41 16.47
CA LEU B 28 -31.58 -21.28 15.56
C LEU B 28 -31.52 -22.50 14.65
N LEU B 29 -32.05 -23.61 15.14
CA LEU B 29 -32.12 -24.84 14.37
C LEU B 29 -33.49 -24.99 13.72
N GLU B 30 -33.56 -24.81 12.41
CA GLU B 30 -34.84 -24.80 11.69
C GLU B 30 -35.44 -26.20 11.56
N LEU B 31 -36.44 -26.48 12.39
CA LEU B 31 -37.15 -27.75 12.36
C LEU B 31 -38.10 -27.89 11.17
N PRO B 32 -38.18 -29.12 10.62
CA PRO B 32 -39.15 -29.51 9.60
C PRO B 32 -40.33 -30.31 10.17
N GLN B 33 -41.54 -29.78 10.09
CA GLN B 33 -42.68 -30.52 10.61
C GLN B 33 -43.98 -29.96 10.05
N ILE B 34 -45.05 -30.74 10.13
CA ILE B 34 -46.36 -30.23 9.74
C ILE B 34 -46.73 -29.11 10.71
N ALA B 35 -47.31 -28.05 10.19
CA ALA B 35 -47.70 -26.91 11.02
C ALA B 35 -49.18 -26.64 10.79
N VAL B 36 -49.86 -26.06 11.77
CA VAL B 36 -51.29 -25.89 11.63
C VAL B 36 -51.62 -24.41 11.54
N VAL B 37 -52.20 -24.00 10.41
CA VAL B 37 -52.47 -22.58 10.17
C VAL B 37 -53.97 -22.34 9.99
N GLY B 38 -54.49 -21.35 10.69
CA GLY B 38 -55.90 -21.02 10.54
C GLY B 38 -56.28 -19.66 11.10
N GLY B 39 -57.36 -19.10 10.56
CA GLY B 39 -57.96 -17.90 11.10
C GLY B 39 -58.65 -18.21 12.41
N GLN B 40 -58.86 -17.19 13.24
CA GLN B 40 -59.49 -17.37 14.55
C GLN B 40 -60.84 -18.08 14.48
N SER B 41 -61.55 -17.92 13.37
CA SER B 41 -62.89 -18.48 13.20
C SER B 41 -62.89 -19.83 12.51
N ALA B 42 -61.71 -20.38 12.21
CA ALA B 42 -61.60 -21.62 11.46
C ALA B 42 -61.97 -22.86 12.28
N GLY B 43 -61.96 -22.73 13.60
CA GLY B 43 -62.31 -23.85 14.46
C GLY B 43 -61.22 -24.90 14.55
N LYS B 44 -59.95 -24.48 14.42
CA LYS B 44 -58.81 -25.39 14.45
C LYS B 44 -58.62 -26.13 15.78
N SER B 45 -59.08 -25.54 16.88
CA SER B 45 -59.01 -26.19 18.19
C SER B 45 -59.86 -27.45 18.24
N SER B 46 -61.05 -27.38 17.64
CA SER B 46 -61.97 -28.52 17.62
C SER B 46 -61.40 -29.72 16.88
N VAL B 47 -60.68 -29.45 15.80
CA VAL B 47 -60.04 -30.50 15.01
C VAL B 47 -59.05 -31.31 15.84
N LEU B 48 -58.19 -30.62 16.57
CA LEU B 48 -57.17 -31.26 17.41
C LEU B 48 -57.82 -32.01 18.57
N GLU B 49 -58.82 -31.39 19.18
CA GLU B 49 -59.53 -32.01 20.30
C GLU B 49 -60.32 -33.23 19.84
N ASN B 50 -60.72 -33.26 18.57
CA ASN B 50 -61.42 -34.44 18.07
C ASN B 50 -60.45 -35.58 17.77
N PHE B 51 -59.17 -35.23 17.60
CA PHE B 51 -58.14 -36.22 17.38
C PHE B 51 -57.86 -36.91 18.71
N VAL B 52 -57.64 -36.09 19.75
CA VAL B 52 -57.35 -36.56 21.10
C VAL B 52 -58.57 -37.24 21.71
N GLY B 53 -59.76 -36.73 21.36
CA GLY B 53 -61.01 -37.25 21.90
C GLY B 53 -61.32 -36.67 23.26
N ARG B 54 -60.65 -35.56 23.58
CA ARG B 54 -60.85 -34.86 24.85
C ARG B 54 -60.61 -33.34 24.69
N ASP B 55 -61.35 -32.55 25.45
CA ASP B 55 -61.09 -31.11 25.49
C ASP B 55 -59.85 -30.88 26.34
N PHE B 56 -58.86 -30.21 25.76
CA PHE B 56 -57.59 -29.99 26.43
C PHE B 56 -56.93 -28.69 26.01
N LEU B 57 -57.57 -27.96 25.10
CA LEU B 57 -57.02 -26.69 24.65
C LEU B 57 -57.64 -25.53 25.43
N PRO B 58 -56.84 -24.50 25.71
CA PRO B 58 -57.30 -23.31 26.43
C PRO B 58 -58.54 -22.69 25.76
N ARG B 59 -59.44 -22.15 26.57
CA ARG B 59 -60.67 -21.58 26.05
C ARG B 59 -60.78 -20.10 26.37
N GLY B 60 -61.26 -19.31 25.41
CA GLY B 60 -61.41 -17.89 25.56
C GLY B 60 -61.74 -17.23 24.25
N SER B 61 -62.00 -15.93 24.29
CA SER B 61 -62.25 -15.17 23.06
C SER B 61 -60.93 -14.90 22.35
N GLY B 62 -60.96 -14.94 21.02
CA GLY B 62 -59.78 -14.67 20.22
C GLY B 62 -58.76 -15.80 20.19
N ILE B 63 -57.53 -15.51 20.62
CA ILE B 63 -56.44 -16.47 20.56
C ILE B 63 -56.53 -17.58 21.58
N VAL B 64 -56.32 -18.82 21.14
CA VAL B 64 -56.30 -19.99 22.02
C VAL B 64 -54.87 -20.48 22.19
N THR B 65 -54.06 -20.30 21.14
CA THR B 65 -52.65 -20.66 21.19
C THR B 65 -51.79 -19.40 21.11
N ARG B 66 -51.10 -19.09 22.20
CA ARG B 66 -50.26 -17.90 22.27
C ARG B 66 -48.79 -18.29 22.17
N ARG B 67 -48.53 -19.59 22.20
CA ARG B 67 -47.17 -20.08 22.04
C ARG B 67 -47.22 -21.27 21.11
N PRO B 68 -46.17 -21.45 20.29
CA PRO B 68 -46.19 -22.62 19.40
C PRO B 68 -46.37 -23.91 20.20
N LEU B 69 -47.40 -24.69 19.86
CA LEU B 69 -47.63 -25.93 20.58
C LEU B 69 -47.27 -27.14 19.71
N VAL B 70 -46.22 -27.85 20.11
CA VAL B 70 -45.80 -29.03 19.39
C VAL B 70 -46.56 -30.20 19.97
N LEU B 71 -47.58 -30.67 19.25
CA LEU B 71 -48.43 -31.74 19.76
C LEU B 71 -48.06 -33.08 19.13
N GLN B 72 -47.49 -33.96 19.95
CA GLN B 72 -47.06 -35.25 19.47
C GLN B 72 -48.05 -36.30 19.93
N LEU B 73 -48.83 -36.83 19.00
CA LEU B 73 -49.81 -37.86 19.34
C LEU B 73 -49.19 -39.22 19.08
N VAL B 74 -49.32 -40.11 20.05
CA VAL B 74 -48.75 -41.45 19.95
C VAL B 74 -49.79 -42.51 20.29
N THR B 75 -50.07 -43.38 19.32
CA THR B 75 -51.06 -44.44 19.49
C THR B 75 -50.64 -45.36 20.63
N SER B 76 -51.54 -45.56 21.58
CA SER B 76 -51.23 -46.35 22.75
C SER B 76 -52.47 -47.00 23.33
N LYS B 77 -52.27 -48.06 24.10
CA LYS B 77 -53.39 -48.72 24.78
C LYS B 77 -53.80 -47.89 25.98
N ALA B 78 -52.83 -47.20 26.58
CA ALA B 78 -53.10 -46.35 27.73
C ALA B 78 -53.32 -44.90 27.31
N GLU B 79 -53.88 -44.10 28.21
CA GLU B 79 -54.19 -42.70 27.91
C GLU B 79 -53.63 -41.75 28.96
N TYR B 80 -52.68 -40.91 28.54
CA TYR B 80 -52.04 -39.93 29.41
C TYR B 80 -51.25 -38.90 28.62
N ALA B 81 -50.90 -37.80 29.28
CA ALA B 81 -50.15 -36.74 28.61
C ALA B 81 -48.92 -36.36 29.42
N GLU B 82 -47.93 -35.77 28.74
CA GLU B 82 -46.71 -35.32 29.38
C GLU B 82 -46.12 -34.08 28.70
N PHE B 83 -45.62 -33.14 29.50
CA PHE B 83 -44.99 -31.95 28.96
C PHE B 83 -43.48 -32.05 29.10
N LEU B 84 -42.76 -31.54 28.11
CA LEU B 84 -41.30 -31.58 28.14
C LEU B 84 -40.78 -30.72 29.29
N HIS B 85 -41.53 -29.67 29.61
CA HIS B 85 -41.20 -28.77 30.71
C HIS B 85 -41.62 -29.34 32.07
N CYS B 86 -42.36 -30.44 32.05
CA CYS B 86 -42.81 -31.09 33.27
C CYS B 86 -42.23 -32.51 33.38
N LYS B 87 -40.91 -32.59 33.46
CA LYS B 87 -40.19 -33.86 33.54
C LYS B 87 -40.80 -34.90 34.48
N GLY B 88 -41.12 -36.07 33.93
CA GLY B 88 -41.61 -37.19 34.72
C GLY B 88 -43.08 -37.17 35.13
N LYS B 89 -43.71 -36.01 35.05
CA LYS B 89 -45.11 -35.89 35.46
C LYS B 89 -46.05 -36.46 34.40
N LYS B 90 -47.02 -37.24 34.85
CA LYS B 90 -48.00 -37.83 33.95
C LYS B 90 -49.40 -37.26 34.19
N PHE B 91 -49.99 -36.70 33.14
CA PHE B 91 -51.34 -36.15 33.24
C PHE B 91 -52.37 -37.17 32.77
N THR B 92 -53.38 -37.42 33.61
CA THR B 92 -54.44 -38.35 33.25
C THR B 92 -55.77 -37.61 33.12
N ASP B 93 -55.85 -36.43 33.72
CA ASP B 93 -57.00 -35.57 33.57
C ASP B 93 -56.69 -34.46 32.56
N PHE B 94 -57.36 -34.50 31.41
CA PHE B 94 -57.09 -33.53 30.35
C PHE B 94 -57.47 -32.11 30.74
N ASP B 95 -58.27 -31.96 31.79
CA ASP B 95 -58.60 -30.64 32.29
C ASP B 95 -57.37 -30.04 32.97
N GLU B 96 -56.53 -30.91 33.52
CA GLU B 96 -55.30 -30.46 34.16
C GLU B 96 -54.30 -30.09 33.07
N VAL B 97 -54.37 -30.80 31.95
CA VAL B 97 -53.52 -30.53 30.79
C VAL B 97 -53.79 -29.14 30.25
N ARG B 98 -55.07 -28.80 30.10
CA ARG B 98 -55.49 -27.47 29.65
C ARG B 98 -55.00 -26.39 30.60
N LEU B 99 -55.14 -26.65 31.89
CA LEU B 99 -54.70 -25.72 32.94
C LEU B 99 -53.20 -25.53 32.91
N GLU B 100 -52.46 -26.57 32.53
CA GLU B 100 -51.00 -26.49 32.47
C GLU B 100 -50.55 -25.68 31.26
N ILE B 101 -51.26 -25.80 30.14
CA ILE B 101 -50.97 -25.01 28.95
C ILE B 101 -51.16 -23.52 29.24
N GLU B 102 -52.25 -23.18 29.92
CA GLU B 102 -52.54 -21.80 30.30
C GLU B 102 -51.48 -21.26 31.24
N ALA B 103 -51.11 -22.07 32.23
CA ALA B 103 -50.12 -21.66 33.22
C ALA B 103 -48.74 -21.44 32.59
N GLU B 104 -48.28 -22.40 31.80
CA GLU B 104 -46.97 -22.31 31.13
C GLU B 104 -46.92 -21.12 30.18
N THR B 105 -48.04 -20.80 29.55
CA THR B 105 -48.13 -19.67 28.63
C THR B 105 -48.02 -18.34 29.38
N ASP B 106 -48.80 -18.19 30.44
CA ASP B 106 -48.78 -16.98 31.25
C ASP B 106 -47.40 -16.78 31.86
N ARG B 107 -46.76 -17.87 32.28
CA ARG B 107 -45.42 -17.84 32.85
C ARG B 107 -44.43 -17.11 31.94
N VAL B 108 -44.53 -17.37 30.65
CA VAL B 108 -43.65 -16.73 29.68
C VAL B 108 -44.15 -15.38 29.18
N THR B 109 -45.42 -15.32 28.76
CA THR B 109 -45.99 -14.10 28.20
C THR B 109 -46.27 -13.04 29.27
N GLY B 110 -45.60 -11.90 29.16
CA GLY B 110 -45.81 -10.80 30.07
C GLY B 110 -47.26 -10.37 30.14
N MET B 111 -47.72 -9.69 29.09
CA MET B 111 -49.13 -9.35 28.98
C MET B 111 -49.92 -10.65 28.78
N ASN B 112 -51.06 -10.76 29.44
CA ASN B 112 -51.83 -12.01 29.44
C ASN B 112 -52.49 -12.35 28.10
N LYS B 113 -52.19 -11.56 27.06
CA LYS B 113 -52.80 -11.79 25.75
C LYS B 113 -51.79 -11.84 24.61
N GLY B 114 -50.53 -11.51 24.90
CA GLY B 114 -49.50 -11.53 23.89
C GLY B 114 -49.09 -12.93 23.46
N ILE B 115 -48.09 -13.01 22.57
CA ILE B 115 -47.60 -14.28 22.08
C ILE B 115 -46.11 -14.48 22.34
N SER B 116 -45.63 -15.71 22.19
CA SER B 116 -44.21 -16.02 22.37
C SER B 116 -43.80 -17.19 21.46
N SER B 117 -42.58 -17.11 20.91
CA SER B 117 -42.08 -18.15 20.02
C SER B 117 -41.55 -19.36 20.78
N ILE B 118 -41.46 -19.25 22.11
CA ILE B 118 -40.97 -20.36 22.93
C ILE B 118 -42.03 -21.45 22.92
N PRO B 119 -41.69 -22.60 22.33
CA PRO B 119 -42.67 -23.67 22.18
C PRO B 119 -42.98 -24.42 23.47
N ILE B 120 -44.17 -25.01 23.51
CA ILE B 120 -44.58 -25.94 24.55
C ILE B 120 -44.70 -27.32 23.92
N ASN B 121 -44.08 -28.32 24.52
CA ASN B 121 -43.99 -29.63 23.88
C ASN B 121 -44.81 -30.68 24.63
N LEU B 122 -46.02 -30.89 24.14
CA LEU B 122 -46.98 -31.78 24.78
C LEU B 122 -47.12 -33.06 23.98
N ARG B 123 -46.91 -34.20 24.62
CA ARG B 123 -47.04 -35.48 23.96
C ARG B 123 -48.21 -36.21 24.61
N VAL B 124 -49.10 -36.73 23.79
CA VAL B 124 -50.27 -37.43 24.29
C VAL B 124 -50.34 -38.87 23.76
N TYR B 125 -50.51 -39.81 24.69
CA TYR B 125 -50.65 -41.21 24.32
C TYR B 125 -52.12 -41.56 24.50
N SER B 126 -52.73 -42.18 23.50
CA SER B 126 -54.14 -42.50 23.56
C SER B 126 -54.54 -43.51 22.50
N PRO B 127 -55.61 -44.27 22.79
CA PRO B 127 -56.17 -45.23 21.83
C PRO B 127 -56.99 -44.51 20.78
N HIS B 128 -57.24 -43.22 21.02
CA HIS B 128 -58.03 -42.41 20.11
C HIS B 128 -57.18 -41.71 19.05
N VAL B 129 -55.87 -41.88 19.14
CA VAL B 129 -54.97 -41.19 18.21
C VAL B 129 -54.07 -42.13 17.42
N LEU B 130 -53.62 -41.65 16.26
CA LEU B 130 -52.61 -42.34 15.47
C LEU B 130 -51.26 -41.69 15.75
N ASN B 131 -50.18 -42.31 15.27
CA ASN B 131 -48.88 -41.69 15.42
C ASN B 131 -48.80 -40.48 14.49
N LEU B 132 -48.81 -39.29 15.09
CA LEU B 132 -48.86 -38.06 14.32
C LEU B 132 -48.39 -36.87 15.14
N THR B 133 -47.73 -35.92 14.47
CA THR B 133 -47.29 -34.70 15.11
C THR B 133 -47.69 -33.45 14.33
N LEU B 134 -48.13 -32.44 15.07
CA LEU B 134 -48.57 -31.20 14.47
C LEU B 134 -48.10 -30.05 15.36
N ILE B 135 -47.74 -28.93 14.72
CA ILE B 135 -47.33 -27.76 15.48
C ILE B 135 -48.44 -26.72 15.38
N ASP B 136 -49.20 -26.58 16.46
CA ASP B 136 -50.30 -25.64 16.48
C ASP B 136 -49.75 -24.23 16.66
N LEU B 137 -50.25 -23.29 15.87
CA LEU B 137 -49.76 -21.92 15.94
C LEU B 137 -50.90 -20.94 16.18
N PRO B 138 -50.56 -19.72 16.63
CA PRO B 138 -51.54 -18.66 16.89
C PRO B 138 -52.43 -18.41 15.68
N GLY B 139 -53.74 -18.32 15.93
CA GLY B 139 -54.70 -18.11 14.87
C GLY B 139 -54.66 -16.68 14.37
N ILE B 140 -54.96 -16.49 13.08
CA ILE B 140 -54.91 -15.17 12.49
C ILE B 140 -56.19 -14.39 12.78
N THR B 141 -56.08 -13.08 12.87
CA THR B 141 -57.22 -12.22 13.12
C THR B 141 -56.91 -10.77 12.75
N PRO B 149 -50.88 -6.53 22.14
CA PRO B 149 -50.47 -5.28 21.52
C PRO B 149 -51.31 -4.93 20.30
N PRO B 150 -51.25 -3.67 19.83
CA PRO B 150 -51.96 -3.16 18.67
C PRO B 150 -51.51 -3.82 17.36
N ASP B 151 -50.23 -4.14 17.27
CA ASP B 151 -49.69 -4.76 16.07
C ASP B 151 -49.74 -6.28 16.14
N ILE B 152 -50.57 -6.81 17.03
CA ILE B 152 -50.69 -8.26 17.26
C ILE B 152 -50.86 -9.04 15.96
N GLU B 153 -51.69 -8.52 15.05
CA GLU B 153 -51.94 -9.16 13.77
C GLU B 153 -50.63 -9.42 13.03
N TYR B 154 -49.73 -8.45 13.10
CA TYR B 154 -48.43 -8.53 12.42
C TYR B 154 -47.49 -9.47 13.16
N GLN B 155 -47.58 -9.47 14.48
CA GLN B 155 -46.79 -10.35 15.34
C GLN B 155 -47.12 -11.81 15.04
N ILE B 156 -48.42 -12.10 14.95
CA ILE B 156 -48.89 -13.46 14.65
C ILE B 156 -48.44 -13.91 13.26
N ARG B 157 -48.70 -13.08 12.25
CA ARG B 157 -48.31 -13.41 10.88
C ARG B 157 -46.80 -13.66 10.79
N GLU B 158 -46.03 -12.83 11.49
CA GLU B 158 -44.57 -12.95 11.50
C GLU B 158 -44.15 -14.29 12.10
N MET B 159 -44.85 -14.70 13.15
CA MET B 159 -44.56 -15.99 13.79
C MET B 159 -44.90 -17.14 12.85
N ILE B 160 -46.07 -17.07 12.23
CA ILE B 160 -46.50 -18.08 11.26
C ILE B 160 -45.51 -18.21 10.10
N MET B 161 -45.04 -17.07 9.61
CA MET B 161 -44.10 -17.02 8.49
C MET B 161 -42.77 -17.67 8.84
N GLN B 162 -42.34 -17.53 10.08
CA GLN B 162 -41.08 -18.14 10.53
C GLN B 162 -41.12 -19.66 10.33
N PHE B 163 -42.31 -20.23 10.57
CA PHE B 163 -42.53 -21.65 10.41
C PHE B 163 -42.79 -22.08 8.97
N ILE B 164 -43.77 -21.45 8.33
CA ILE B 164 -44.23 -21.84 7.00
C ILE B 164 -43.33 -21.42 5.83
N THR B 165 -42.37 -20.54 6.09
CA THR B 165 -41.45 -20.15 5.02
C THR B 165 -40.40 -21.23 4.79
N ARG B 166 -40.29 -22.16 5.75
CA ARG B 166 -39.38 -23.27 5.64
C ARG B 166 -39.86 -24.27 4.58
N GLU B 167 -38.95 -24.70 3.71
CA GLU B 167 -39.29 -25.61 2.63
C GLU B 167 -39.86 -26.95 3.10
N ASN B 168 -39.29 -27.51 4.16
CA ASN B 168 -39.70 -28.83 4.62
C ASN B 168 -40.88 -28.77 5.59
N CYS B 169 -41.50 -27.60 5.70
CA CYS B 169 -42.67 -27.44 6.55
C CYS B 169 -43.96 -27.68 5.77
N LEU B 170 -44.69 -28.73 6.13
CA LEU B 170 -45.97 -28.98 5.48
C LEU B 170 -47.03 -28.11 6.15
N ILE B 171 -47.96 -27.60 5.36
CA ILE B 171 -48.97 -26.70 5.89
C ILE B 171 -50.35 -27.30 5.97
N LEU B 172 -50.90 -27.34 7.19
CA LEU B 172 -52.26 -27.83 7.38
C LEU B 172 -53.14 -26.59 7.47
N ALA B 173 -53.76 -26.21 6.37
CA ALA B 173 -54.57 -25.00 6.33
C ALA B 173 -56.03 -25.26 6.66
N VAL B 174 -56.48 -24.72 7.79
CA VAL B 174 -57.84 -24.97 8.24
C VAL B 174 -58.72 -23.76 7.97
N THR B 175 -59.83 -24.00 7.28
CA THR B 175 -60.75 -22.92 6.97
C THR B 175 -62.19 -23.36 7.21
N PRO B 176 -63.03 -22.45 7.71
CA PRO B 176 -64.42 -22.85 7.93
C PRO B 176 -65.25 -22.76 6.64
N ALA B 177 -66.10 -23.76 6.41
CA ALA B 177 -66.92 -23.84 5.19
C ALA B 177 -67.97 -22.72 5.11
N ASN B 178 -68.38 -22.20 6.26
CA ASN B 178 -69.41 -21.19 6.31
C ASN B 178 -68.81 -19.81 6.15
N THR B 179 -67.98 -19.65 5.13
CA THR B 179 -67.37 -18.37 4.80
C THR B 179 -66.96 -18.35 3.34
N ASP B 180 -66.25 -17.30 2.93
CA ASP B 180 -65.74 -17.23 1.58
C ASP B 180 -64.39 -17.94 1.53
N LEU B 181 -64.37 -19.17 1.01
CA LEU B 181 -63.15 -19.98 1.01
C LEU B 181 -62.04 -19.33 0.21
N ALA B 182 -62.41 -18.53 -0.78
CA ALA B 182 -61.43 -17.81 -1.59
C ALA B 182 -60.73 -16.74 -0.73
N ASN B 183 -61.40 -16.34 0.33
CA ASN B 183 -60.87 -15.34 1.26
C ASN B 183 -60.32 -15.96 2.53
N SER B 184 -60.02 -17.25 2.47
CA SER B 184 -59.50 -17.96 3.65
C SER B 184 -58.12 -17.43 4.03
N ASP B 185 -57.99 -17.02 5.29
CA ASP B 185 -56.71 -16.54 5.78
C ASP B 185 -55.64 -17.64 5.69
N ALA B 186 -56.04 -18.88 5.95
CA ALA B 186 -55.10 -20.01 5.94
C ALA B 186 -54.64 -20.30 4.52
N LEU B 187 -55.58 -20.31 3.59
CA LEU B 187 -55.29 -20.61 2.20
C LEU B 187 -54.47 -19.49 1.57
N LYS B 188 -54.69 -18.25 2.03
CA LYS B 188 -53.97 -17.09 1.50
C LYS B 188 -52.51 -17.08 1.91
N LEU B 189 -52.25 -17.37 3.19
CA LEU B 189 -50.89 -17.40 3.66
C LEU B 189 -50.11 -18.58 3.08
N ALA B 190 -50.84 -19.68 2.84
CA ALA B 190 -50.23 -20.88 2.25
C ALA B 190 -49.80 -20.63 0.82
N LYS B 191 -50.63 -19.89 0.09
CA LYS B 191 -50.32 -19.54 -1.30
C LYS B 191 -49.14 -18.57 -1.39
N GLU B 192 -48.96 -17.74 -0.37
CA GLU B 192 -47.84 -16.80 -0.32
C GLU B 192 -46.47 -17.47 -0.26
N VAL B 193 -46.38 -18.56 0.50
CA VAL B 193 -45.11 -19.27 0.67
C VAL B 193 -45.03 -20.53 -0.18
N ASP B 194 -46.20 -21.06 -0.56
CA ASP B 194 -46.30 -22.26 -1.38
C ASP B 194 -47.29 -22.04 -2.53
N PRO B 195 -46.91 -21.20 -3.51
CA PRO B 195 -47.66 -20.79 -4.70
C PRO B 195 -48.17 -21.96 -5.53
N GLN B 196 -47.35 -23.00 -5.65
CA GLN B 196 -47.71 -24.16 -6.46
C GLN B 196 -48.61 -25.12 -5.67
N GLY B 197 -48.87 -24.77 -4.40
CA GLY B 197 -49.73 -25.57 -3.55
C GLY B 197 -49.29 -27.02 -3.45
N LEU B 198 -47.99 -27.24 -3.26
CA LEU B 198 -47.44 -28.59 -3.24
C LEU B 198 -47.14 -29.12 -1.85
N ARG B 199 -47.13 -28.24 -0.86
CA ARG B 199 -46.84 -28.63 0.52
C ARG B 199 -47.90 -28.10 1.48
N THR B 200 -49.12 -27.99 0.98
CA THR B 200 -50.25 -27.54 1.79
C THR B 200 -51.41 -28.53 1.73
N ILE B 201 -51.87 -28.95 2.90
CA ILE B 201 -53.01 -29.85 2.99
C ILE B 201 -54.18 -29.06 3.54
N GLY B 202 -55.29 -29.04 2.82
CA GLY B 202 -56.44 -28.27 3.25
C GLY B 202 -57.44 -29.04 4.09
N VAL B 203 -57.97 -28.37 5.11
CA VAL B 203 -59.00 -28.96 5.95
C VAL B 203 -60.19 -28.02 5.98
N ILE B 204 -61.39 -28.52 5.69
CA ILE B 204 -62.56 -27.67 5.71
C ILE B 204 -63.48 -28.08 6.86
N THR B 205 -63.66 -27.16 7.80
CA THR B 205 -64.48 -27.44 8.97
C THR B 205 -65.84 -26.75 8.83
N LYS B 206 -66.70 -26.97 9.82
CA LYS B 206 -68.02 -26.34 9.91
C LYS B 206 -68.88 -26.59 8.68
N LEU B 207 -68.73 -27.77 8.08
CA LEU B 207 -69.49 -28.11 6.88
C LEU B 207 -70.99 -28.17 7.16
N ASP B 208 -71.34 -28.54 8.38
CA ASP B 208 -72.75 -28.65 8.77
C ASP B 208 -73.39 -27.30 9.02
N LEU B 209 -72.58 -26.23 9.00
CA LEU B 209 -73.07 -24.88 9.24
C LEU B 209 -73.30 -24.04 7.99
N MET B 210 -73.10 -24.63 6.81
CA MET B 210 -73.24 -23.90 5.55
C MET B 210 -74.69 -23.50 5.30
N ASP B 211 -74.87 -22.41 4.56
CA ASP B 211 -76.20 -21.90 4.23
C ASP B 211 -77.03 -22.95 3.49
N GLU B 212 -78.34 -22.91 3.71
CA GLU B 212 -79.25 -23.84 3.06
C GLU B 212 -79.11 -23.80 1.53
N GLY B 213 -78.99 -24.99 0.94
CA GLY B 213 -78.93 -25.13 -0.49
C GLY B 213 -77.56 -24.93 -1.09
N THR B 214 -76.56 -24.85 -0.21
CA THR B 214 -75.18 -24.69 -0.66
C THR B 214 -74.30 -25.80 -0.10
N ASP B 215 -73.10 -25.93 -0.66
CA ASP B 215 -72.17 -26.98 -0.26
C ASP B 215 -70.75 -26.64 -0.69
N ALA B 216 -69.80 -27.42 -0.17
CA ALA B 216 -68.39 -27.22 -0.46
C ALA B 216 -67.85 -28.36 -1.32
N ARG B 217 -68.73 -28.95 -2.12
CA ARG B 217 -68.37 -30.09 -2.97
C ARG B 217 -67.21 -29.79 -3.92
N ASP B 218 -67.27 -28.62 -4.55
CA ASP B 218 -66.25 -28.23 -5.53
C ASP B 218 -64.87 -28.11 -4.89
N VAL B 219 -64.83 -27.64 -3.64
CA VAL B 219 -63.57 -27.52 -2.91
C VAL B 219 -63.10 -28.87 -2.43
N LEU B 220 -64.02 -29.67 -1.90
CA LEU B 220 -63.71 -31.00 -1.36
C LEU B 220 -63.19 -31.93 -2.46
N GLU B 221 -63.67 -31.72 -3.68
CA GLU B 221 -63.29 -32.53 -4.82
C GLU B 221 -61.99 -32.06 -5.46
N ASN B 222 -61.36 -31.06 -4.86
CA ASN B 222 -60.07 -30.56 -5.33
C ASN B 222 -60.13 -29.95 -6.73
N LYS B 223 -61.21 -29.23 -7.02
CA LYS B 223 -61.38 -28.62 -8.34
C LYS B 223 -61.35 -27.09 -8.30
N LEU B 224 -61.91 -26.49 -7.26
CA LEU B 224 -62.01 -25.03 -7.18
C LEU B 224 -60.70 -24.35 -6.79
N LEU B 225 -60.08 -24.83 -5.72
CA LEU B 225 -58.82 -24.28 -5.22
C LEU B 225 -57.81 -25.40 -5.03
N PRO B 226 -57.50 -26.11 -6.11
CA PRO B 226 -56.64 -27.29 -6.29
C PRO B 226 -55.38 -27.30 -5.42
N LEU B 227 -55.19 -28.40 -4.69
CA LEU B 227 -53.98 -28.61 -3.91
C LEU B 227 -53.51 -30.04 -4.14
N ARG B 228 -52.22 -30.22 -4.38
CA ARG B 228 -51.66 -31.54 -4.64
C ARG B 228 -51.97 -32.54 -3.55
N ARG B 229 -51.91 -32.11 -2.29
CA ARG B 229 -52.18 -33.02 -1.17
C ARG B 229 -53.68 -33.07 -0.85
N GLY B 230 -54.46 -32.31 -1.61
CA GLY B 230 -55.92 -32.38 -1.51
C GLY B 230 -56.56 -31.75 -0.29
N TYR B 231 -57.88 -31.92 -0.18
CA TYR B 231 -58.64 -31.35 0.93
C TYR B 231 -59.43 -32.43 1.67
N VAL B 232 -59.60 -32.25 2.98
CA VAL B 232 -60.39 -33.17 3.78
C VAL B 232 -61.36 -32.36 4.63
N GLY B 233 -62.62 -32.75 4.64
CA GLY B 233 -63.62 -32.07 5.43
C GLY B 233 -63.88 -32.70 6.79
N VAL B 234 -64.29 -31.87 7.74
CA VAL B 234 -64.63 -32.35 9.07
C VAL B 234 -65.82 -31.59 9.62
N VAL B 235 -66.44 -32.16 10.64
CA VAL B 235 -67.53 -31.47 11.33
C VAL B 235 -67.44 -31.76 12.82
N ASN B 236 -67.73 -30.74 13.62
CA ASN B 236 -67.69 -30.90 15.05
C ASN B 236 -69.10 -30.98 15.61
N ARG B 237 -69.64 -32.21 15.62
CA ARG B 237 -70.97 -32.45 16.16
C ARG B 237 -70.81 -32.91 17.60
N SER B 238 -70.54 -31.94 18.47
CA SER B 238 -70.24 -32.20 19.87
C SER B 238 -71.32 -33.00 20.60
N GLN B 239 -70.90 -34.12 21.19
CA GLN B 239 -71.79 -34.92 22.02
C GLN B 239 -71.20 -34.99 23.42
N LYS B 240 -72.07 -34.86 24.43
CA LYS B 240 -71.62 -34.92 25.81
C LYS B 240 -72.20 -36.15 26.49
N ASP B 241 -71.40 -36.73 27.40
CA ASP B 241 -71.84 -37.91 28.13
C ASP B 241 -72.67 -37.49 29.34
N ILE B 242 -73.03 -38.48 30.17
CA ILE B 242 -73.81 -38.24 31.38
C ILE B 242 -73.27 -37.10 32.23
N ASP B 243 -71.96 -37.06 32.39
CA ASP B 243 -71.30 -36.05 33.22
C ASP B 243 -71.11 -34.69 32.54
N GLY B 244 -71.46 -34.62 31.26
CA GLY B 244 -71.34 -33.37 30.50
C GLY B 244 -69.96 -33.17 29.89
N LYS B 245 -69.18 -34.24 29.80
CA LYS B 245 -67.86 -34.17 29.21
C LYS B 245 -67.86 -34.76 27.79
N LYS B 246 -66.93 -34.29 26.96
CA LYS B 246 -66.78 -34.73 25.57
C LYS B 246 -66.87 -36.25 25.38
N ASP B 247 -67.78 -36.68 24.51
CA ASP B 247 -67.96 -38.10 24.17
C ASP B 247 -67.57 -38.33 22.73
N ILE B 248 -66.30 -38.69 22.51
CA ILE B 248 -65.73 -38.79 21.18
C ILE B 248 -66.33 -39.86 20.28
N LYS B 249 -66.68 -41.00 20.87
CA LYS B 249 -67.26 -42.08 20.08
C LYS B 249 -68.57 -41.67 19.42
N ALA B 250 -69.42 -40.98 20.18
CA ALA B 250 -70.69 -40.50 19.65
C ALA B 250 -70.45 -39.37 18.64
N ALA B 251 -69.49 -38.50 18.96
CA ALA B 251 -69.14 -37.37 18.08
C ALA B 251 -68.64 -37.82 16.71
N MET B 252 -67.81 -38.86 16.70
CA MET B 252 -67.24 -39.38 15.46
C MET B 252 -68.34 -40.07 14.65
N LEU B 253 -69.32 -40.62 15.36
CA LEU B 253 -70.44 -41.30 14.73
C LEU B 253 -71.35 -40.27 14.09
N ALA B 254 -71.58 -39.16 14.80
CA ALA B 254 -72.41 -38.08 14.30
C ALA B 254 -71.79 -37.51 13.03
N GLU B 255 -70.47 -37.43 13.00
CA GLU B 255 -69.77 -36.91 11.83
C GLU B 255 -69.88 -37.88 10.67
N ARG B 256 -69.81 -39.19 10.96
CA ARG B 256 -69.93 -40.20 9.91
C ARG B 256 -71.33 -40.16 9.29
N LYS B 257 -72.33 -40.08 10.15
CA LYS B 257 -73.73 -40.02 9.71
C LYS B 257 -73.97 -38.81 8.80
N PHE B 258 -73.42 -37.66 9.18
CA PHE B 258 -73.57 -36.41 8.43
C PHE B 258 -73.09 -36.53 6.99
N PHE B 259 -71.89 -37.05 6.79
CA PHE B 259 -71.34 -37.17 5.44
C PHE B 259 -72.10 -38.22 4.63
N LEU B 260 -72.47 -39.32 5.28
CA LEU B 260 -73.23 -40.39 4.65
C LEU B 260 -74.65 -39.96 4.25
N SER B 261 -75.22 -39.02 5.01
CA SER B 261 -76.58 -38.57 4.75
C SER B 261 -76.64 -37.28 3.92
N HIS B 262 -75.49 -36.67 3.67
CA HIS B 262 -75.45 -35.49 2.82
C HIS B 262 -75.40 -35.91 1.36
N PRO B 263 -76.39 -35.47 0.56
CA PRO B 263 -76.49 -35.82 -0.85
C PRO B 263 -75.31 -35.32 -1.68
N ALA B 264 -74.65 -34.27 -1.23
CA ALA B 264 -73.51 -33.71 -1.95
C ALA B 264 -72.17 -34.35 -1.56
N TYR B 265 -72.13 -35.01 -0.41
CA TYR B 265 -70.87 -35.53 0.12
C TYR B 265 -70.85 -37.05 0.36
N ARG B 266 -71.98 -37.72 0.17
CA ARG B 266 -72.07 -39.15 0.43
C ARG B 266 -71.04 -39.96 -0.36
N HIS B 267 -70.85 -39.57 -1.61
CA HIS B 267 -69.91 -40.26 -2.49
C HIS B 267 -68.44 -40.05 -2.08
N ILE B 268 -68.20 -39.15 -1.14
CA ILE B 268 -66.85 -38.85 -0.67
C ILE B 268 -66.63 -39.16 0.80
N ALA B 269 -67.67 -39.66 1.46
CA ALA B 269 -67.68 -39.91 2.90
C ALA B 269 -66.46 -40.71 3.40
N ASP B 270 -65.98 -41.66 2.60
CA ASP B 270 -64.84 -42.48 2.98
C ASP B 270 -63.51 -41.71 2.98
N ARG B 271 -63.51 -40.52 2.38
CA ARG B 271 -62.33 -39.65 2.37
C ARG B 271 -62.56 -38.36 3.15
N MET B 272 -63.42 -38.42 4.15
CA MET B 272 -63.71 -37.26 4.99
C MET B 272 -63.84 -37.72 6.43
N GLY B 273 -63.80 -36.76 7.36
CA GLY B 273 -63.95 -37.07 8.76
C GLY B 273 -62.64 -37.14 9.54
N THR B 274 -62.76 -37.09 10.85
CA THR B 274 -61.62 -37.08 11.76
C THR B 274 -60.70 -38.32 11.69
N PRO B 275 -61.29 -39.52 11.63
CA PRO B 275 -60.37 -40.66 11.57
C PRO B 275 -59.49 -40.68 10.34
N HIS B 276 -60.03 -40.23 9.21
CA HIS B 276 -59.32 -40.31 7.93
C HIS B 276 -58.17 -39.31 7.89
N LEU B 277 -58.37 -38.16 8.51
CA LEU B 277 -57.37 -37.09 8.48
C LEU B 277 -56.07 -37.52 9.11
N GLN B 278 -56.17 -38.26 10.22
CA GLN B 278 -54.99 -38.74 10.94
C GLN B 278 -54.17 -39.69 10.09
N LYS B 279 -54.85 -40.51 9.29
CA LYS B 279 -54.18 -41.49 8.44
C LYS B 279 -53.39 -40.81 7.32
N VAL B 280 -53.99 -39.79 6.70
CA VAL B 280 -53.36 -39.07 5.61
C VAL B 280 -52.12 -38.32 6.11
N LEU B 281 -52.27 -37.63 7.23
CA LEU B 281 -51.16 -36.90 7.84
C LEU B 281 -50.05 -37.86 8.24
N ASN B 282 -50.43 -39.01 8.78
CA ASN B 282 -49.47 -40.04 9.17
C ASN B 282 -48.70 -40.58 7.96
N GLN B 283 -49.43 -40.76 6.86
CA GLN B 283 -48.85 -41.29 5.63
C GLN B 283 -47.95 -40.28 4.93
N GLN B 284 -48.44 -39.07 4.74
CA GLN B 284 -47.70 -38.04 4.00
C GLN B 284 -46.45 -37.58 4.75
N LEU B 285 -46.54 -37.49 6.07
CA LEU B 285 -45.40 -37.08 6.88
C LEU B 285 -44.28 -38.10 6.77
N THR B 286 -44.65 -39.38 6.83
CA THR B 286 -43.68 -40.47 6.70
C THR B 286 -42.94 -40.38 5.36
N ASN B 287 -43.70 -40.18 4.29
CA ASN B 287 -43.12 -40.05 2.96
C ASN B 287 -42.27 -38.80 2.82
N HIS B 288 -42.67 -37.74 3.52
CA HIS B 288 -41.92 -36.48 3.50
C HIS B 288 -40.59 -36.65 4.20
N ILE B 289 -40.58 -37.41 5.29
CA ILE B 289 -39.36 -37.68 6.04
C ILE B 289 -38.42 -38.59 5.24
N ARG B 290 -38.99 -39.63 4.64
CA ARG B 290 -38.23 -40.55 3.79
C ARG B 290 -37.52 -39.81 2.67
N ASP B 291 -38.22 -38.83 2.10
CA ASP B 291 -37.65 -38.02 1.03
C ASP B 291 -36.58 -37.08 1.57
N THR B 292 -36.77 -36.60 2.79
CA THR B 292 -35.87 -35.60 3.36
C THR B 292 -34.75 -36.19 4.23
N LEU B 293 -34.91 -37.43 4.67
CA LEU B 293 -33.89 -38.06 5.50
C LEU B 293 -32.51 -38.18 4.81
N PRO B 294 -32.47 -38.44 3.50
CA PRO B 294 -31.15 -38.40 2.88
C PRO B 294 -30.59 -36.97 2.73
N ASN B 295 -31.39 -36.04 2.23
CA ASN B 295 -30.92 -34.67 2.01
C ASN B 295 -30.59 -33.89 3.28
N PHE B 296 -31.37 -34.13 4.34
CA PHE B 296 -31.18 -33.43 5.60
C PHE B 296 -29.87 -33.79 6.29
N ARG B 297 -29.60 -35.09 6.41
CA ARG B 297 -28.39 -35.58 7.08
C ARG B 297 -27.10 -35.09 6.40
N ASN B 298 -27.12 -34.97 5.08
CA ASN B 298 -25.95 -34.53 4.34
C ASN B 298 -25.69 -33.03 4.47
N LYS B 299 -26.73 -32.23 4.26
CA LYS B 299 -26.63 -30.77 4.34
C LYS B 299 -26.22 -30.31 5.74
N LEU B 300 -26.59 -31.09 6.75
CA LEU B 300 -26.24 -30.76 8.12
C LEU B 300 -24.81 -31.19 8.45
N GLN B 301 -24.42 -32.36 7.94
CA GLN B 301 -23.08 -32.89 8.18
C GLN B 301 -22.01 -32.05 7.47
N GLY B 302 -22.40 -31.47 6.32
CA GLY B 302 -21.49 -30.64 5.56
C GLY B 302 -21.19 -29.35 6.28
N GLN B 303 -22.24 -28.72 6.82
CA GLN B 303 -22.10 -27.51 7.60
C GLN B 303 -21.52 -27.82 8.99
N LEU B 304 -21.47 -29.10 9.32
CA LEU B 304 -20.99 -29.56 10.63
C LEU B 304 -19.46 -29.64 10.66
N LEU B 305 -18.89 -30.31 9.67
CA LEU B 305 -17.43 -30.45 9.58
C LEU B 305 -16.73 -29.10 9.47
N SER B 306 -17.40 -28.15 8.80
CA SER B 306 -16.87 -26.79 8.65
C SER B 306 -16.73 -26.09 9.99
N ILE B 307 -17.60 -26.43 10.93
CA ILE B 307 -17.59 -25.84 12.27
C ILE B 307 -16.41 -26.37 13.11
N GLU B 308 -16.06 -27.63 12.91
CA GLU B 308 -15.00 -28.29 13.67
C GLU B 308 -13.65 -27.58 13.55
N HIS B 309 -13.42 -26.95 12.41
CA HIS B 309 -12.19 -26.20 12.14
C HIS B 309 -12.02 -24.97 13.03
N GLU B 310 -13.13 -24.48 13.60
CA GLU B 310 -13.11 -23.22 14.33
C GLU B 310 -12.55 -23.34 15.76
N VAL B 311 -12.83 -24.45 16.44
CA VAL B 311 -12.32 -24.64 17.78
C VAL B 311 -11.42 -25.87 17.86
N GLU B 312 -11.88 -26.97 17.26
CA GLU B 312 -11.16 -28.25 17.22
C GLU B 312 -10.88 -28.71 18.66
N ALA B 313 -9.63 -29.07 18.96
CA ALA B 313 -9.24 -29.50 20.29
C ALA B 313 -8.37 -28.43 20.95
N TYR B 314 -8.49 -28.32 22.26
CA TYR B 314 -7.76 -27.30 23.02
C TYR B 314 -6.25 -27.50 22.94
N PRO B 322 -0.74 -21.83 25.28
CA PRO B 322 0.62 -22.37 25.36
C PRO B 322 1.46 -22.00 24.13
N THR B 323 1.56 -22.93 23.19
CA THR B 323 2.31 -22.73 21.95
C THR B 323 1.55 -21.78 21.03
N ARG B 324 0.25 -21.67 21.29
CA ARG B 324 -0.68 -20.95 20.44
C ARG B 324 -0.76 -19.49 20.84
N LYS B 325 -0.20 -19.17 22.00
CA LYS B 325 -0.23 -17.81 22.51
C LYS B 325 0.82 -16.95 21.81
N THR B 326 1.99 -17.52 21.58
CA THR B 326 3.09 -16.80 20.94
C THR B 326 2.77 -16.46 19.48
N LYS B 327 2.30 -17.46 18.74
CA LYS B 327 1.94 -17.28 17.34
C LYS B 327 0.77 -16.31 17.17
N ALA B 328 -0.13 -16.32 18.15
CA ALA B 328 -1.30 -15.43 18.14
C ALA B 328 -0.89 -13.98 18.33
N LEU B 329 -0.04 -13.74 19.34
CA LEU B 329 0.49 -12.39 19.59
C LEU B 329 1.09 -11.78 18.32
N LEU B 330 2.01 -12.51 17.69
CA LEU B 330 2.67 -12.04 16.48
C LEU B 330 1.64 -11.64 15.43
N GLN B 331 0.69 -12.53 15.18
CA GLN B 331 -0.37 -12.28 14.21
C GLN B 331 -1.29 -11.14 14.64
N MET B 332 -1.62 -11.11 15.94
CA MET B 332 -2.47 -10.07 16.49
C MET B 332 -1.88 -8.66 16.34
N VAL B 333 -0.62 -8.49 16.76
CA VAL B 333 0.10 -7.22 16.65
C VAL B 333 0.21 -6.72 15.20
N GLN B 334 0.64 -7.61 14.29
CA GLN B 334 0.74 -7.28 12.88
C GLN B 334 -0.58 -6.82 12.30
N GLN B 335 -1.66 -7.48 12.70
CA GLN B 335 -3.00 -7.09 12.29
C GLN B 335 -3.30 -5.66 12.72
N PHE B 336 -3.00 -5.36 13.99
CA PHE B 336 -3.15 -4.02 14.53
C PHE B 336 -2.36 -3.01 13.68
N ALA B 337 -1.12 -3.37 13.36
CA ALA B 337 -0.23 -2.53 12.57
C ALA B 337 -0.78 -2.19 11.18
N VAL B 338 -1.27 -3.18 10.45
CA VAL B 338 -1.81 -2.89 9.11
C VAL B 338 -3.07 -2.04 9.20
N ASP B 339 -3.94 -2.33 10.15
CA ASP B 339 -5.13 -1.50 10.36
C ASP B 339 -4.77 -0.04 10.54
N PHE B 340 -3.79 0.25 11.39
CA PHE B 340 -3.37 1.62 11.65
C PHE B 340 -2.88 2.24 10.35
N GLU B 341 -1.98 1.52 9.68
CA GLU B 341 -1.47 1.97 8.39
C GLU B 341 -2.61 2.16 7.41
N LYS B 342 -3.61 1.28 7.46
CA LYS B 342 -4.74 1.36 6.53
C LYS B 342 -5.58 2.62 6.73
N ARG B 343 -6.01 2.89 7.96
CA ARG B 343 -6.75 4.13 8.23
C ARG B 343 -5.94 5.39 7.96
N ILE B 344 -4.70 5.41 8.44
CA ILE B 344 -3.91 6.63 8.43
C ILE B 344 -3.26 6.90 7.06
N GLU B 345 -3.32 5.97 6.13
CA GLU B 345 -2.74 6.25 4.82
C GLU B 345 -3.65 5.88 3.66
N GLY B 346 -4.71 5.13 3.96
CA GLY B 346 -5.66 4.73 2.93
C GLY B 346 -5.19 3.63 2.01
N SER B 347 -4.19 2.88 2.46
CA SER B 347 -3.64 1.77 1.68
C SER B 347 -4.68 0.68 1.45
N GLY B 348 -4.47 -0.13 0.41
CA GLY B 348 -5.40 -1.18 0.04
C GLY B 348 -5.57 -2.19 1.16
N ASP B 349 -6.64 -2.98 1.09
CA ASP B 349 -7.53 -3.00 -0.06
C ASP B 349 -8.96 -2.60 0.32
N GLN B 350 -9.56 -1.78 -0.55
CA GLN B 350 -10.99 -1.45 -0.52
C GLN B 350 -11.36 -0.45 0.56
N VAL B 351 -10.36 0.00 1.32
CA VAL B 351 -10.51 0.99 2.40
C VAL B 351 -11.87 0.92 3.13
N ASP B 352 -12.49 2.07 3.34
CA ASP B 352 -13.77 2.12 4.02
C ASP B 352 -14.74 3.01 3.26
N THR B 353 -16.02 2.67 3.31
CA THR B 353 -17.06 3.46 2.66
C THR B 353 -18.07 4.02 3.67
N LEU B 354 -18.12 3.44 4.86
CA LEU B 354 -19.10 3.83 5.88
C LEU B 354 -18.66 5.04 6.70
N GLU B 355 -17.44 4.99 7.22
CA GLU B 355 -16.95 6.04 8.11
C GLU B 355 -15.60 6.59 7.64
N LEU B 356 -15.38 7.87 7.89
CA LEU B 356 -14.13 8.53 7.52
C LEU B 356 -12.93 7.92 8.25
N SER B 357 -11.86 7.69 7.50
CA SER B 357 -10.65 7.11 8.08
C SER B 357 -9.95 8.14 8.95
N GLY B 358 -9.08 7.67 9.83
CA GLY B 358 -8.28 8.55 10.67
C GLY B 358 -7.48 9.55 9.85
N GLY B 359 -6.71 9.04 8.89
CA GLY B 359 -5.85 9.88 8.07
C GLY B 359 -6.60 10.93 7.26
N ALA B 360 -7.79 10.61 6.80
CA ALA B 360 -8.61 11.56 6.05
C ALA B 360 -9.06 12.72 6.93
N SER B 361 -9.49 12.39 8.15
CA SER B 361 -9.87 13.41 9.12
C SER B 361 -8.71 14.33 9.48
N ILE B 362 -7.54 13.74 9.71
CA ILE B 362 -6.32 14.51 9.97
C ILE B 362 -6.02 15.46 8.82
N ASN B 363 -6.20 14.97 7.59
CA ASN B 363 -6.02 15.81 6.41
C ASN B 363 -6.89 17.06 6.48
N ARG B 364 -8.13 16.88 6.91
CA ARG B 364 -9.06 18.01 7.04
C ARG B 364 -8.57 18.98 8.12
N ILE B 365 -8.02 18.45 9.22
CA ILE B 365 -7.40 19.28 10.25
C ILE B 365 -6.31 20.15 9.62
N PHE B 366 -5.42 19.53 8.87
CA PHE B 366 -4.32 20.24 8.21
C PHE B 366 -4.76 21.35 7.27
N HIS B 367 -5.72 21.06 6.39
CA HIS B 367 -5.99 21.94 5.28
C HIS B 367 -7.33 22.66 5.38
N GLU B 368 -8.03 22.48 6.48
CA GLU B 368 -9.30 23.18 6.67
C GLU B 368 -9.37 23.82 8.04
N ARG B 369 -8.96 23.08 9.07
CA ARG B 369 -9.01 23.57 10.44
C ARG B 369 -7.91 24.58 10.70
N PHE B 370 -6.66 24.14 10.58
CA PHE B 370 -5.50 25.00 10.77
C PHE B 370 -5.62 26.37 10.08
N PRO B 371 -5.89 26.41 8.76
CA PRO B 371 -6.12 27.72 8.14
C PRO B 371 -7.18 28.56 8.85
N PHE B 372 -8.30 27.94 9.20
CA PHE B 372 -9.40 28.65 9.83
C PHE B 372 -9.03 29.10 11.25
N GLU B 373 -8.36 28.23 11.98
CA GLU B 373 -7.89 28.55 13.32
C GLU B 373 -6.99 29.78 13.30
N ILE B 374 -6.15 29.86 12.26
CA ILE B 374 -5.31 31.02 12.04
C ILE B 374 -6.13 32.28 11.78
N VAL B 375 -7.01 32.20 10.79
CA VAL B 375 -7.86 33.32 10.41
C VAL B 375 -8.68 33.88 11.58
N LYS B 376 -9.16 33.00 12.46
CA LYS B 376 -10.00 33.44 13.56
C LYS B 376 -9.18 34.23 14.59
N MET B 377 -7.90 33.91 14.69
CA MET B 377 -6.98 34.58 15.61
C MET B 377 -6.34 35.82 14.98
N GLU B 378 -6.53 35.98 13.67
CA GLU B 378 -5.83 37.01 12.88
C GLU B 378 -6.10 38.45 13.32
N PHE B 379 -5.08 39.30 13.20
CA PHE B 379 -5.20 40.72 13.54
C PHE B 379 -6.22 41.46 12.68
N ASN B 380 -7.16 42.13 13.33
CA ASN B 380 -8.18 42.90 12.63
C ASN B 380 -7.60 44.26 12.26
N GLU B 381 -8.09 44.81 11.15
CA GLU B 381 -7.46 45.98 10.53
C GLU B 381 -7.32 47.17 11.48
N LYS B 382 -8.38 47.45 12.23
CA LYS B 382 -8.40 48.56 13.18
C LYS B 382 -7.35 48.45 14.28
N GLU B 383 -7.22 47.26 14.85
CA GLU B 383 -6.28 47.03 15.95
C GLU B 383 -4.85 46.95 15.44
N LEU B 384 -4.70 46.54 14.19
CA LEU B 384 -3.38 46.50 13.56
C LEU B 384 -2.82 47.89 13.27
N ARG B 385 -3.67 48.76 12.73
CA ARG B 385 -3.26 50.11 12.38
C ARG B 385 -2.83 50.98 13.57
N ARG B 386 -3.60 50.94 14.66
CA ARG B 386 -3.27 51.69 15.86
C ARG B 386 -1.91 51.31 16.46
N GLU B 387 -1.65 50.00 16.55
CA GLU B 387 -0.39 49.51 17.11
C GLU B 387 0.83 50.03 16.36
N ILE B 388 0.78 49.96 15.03
CA ILE B 388 1.90 50.40 14.20
C ILE B 388 2.14 51.90 14.33
N SER B 389 1.06 52.67 14.22
CA SER B 389 1.12 54.13 14.32
C SER B 389 1.79 54.55 15.63
N TYR B 390 1.45 53.85 16.70
CA TYR B 390 2.10 54.08 17.99
C TYR B 390 3.60 53.79 17.91
N ALA B 391 3.97 52.74 17.17
CA ALA B 391 5.36 52.35 17.04
C ALA B 391 6.20 53.38 16.28
N ILE B 392 5.63 53.97 15.24
CA ILE B 392 6.36 54.94 14.42
C ILE B 392 6.49 56.27 15.16
N PRO B 405 10.93 54.25 9.69
CA PRO B 405 10.03 53.65 8.71
C PRO B 405 10.16 52.12 8.63
N ASP B 406 11.25 51.65 8.03
CA ASP B 406 11.54 50.22 7.95
C ASP B 406 11.67 49.57 9.34
N MET B 407 12.20 50.33 10.30
CA MET B 407 12.49 49.82 11.64
C MET B 407 11.24 49.61 12.48
N ALA B 408 10.21 50.43 12.22
CA ALA B 408 8.91 50.27 12.86
C ALA B 408 8.23 49.02 12.32
N PHE B 409 8.39 48.79 11.02
CA PHE B 409 7.85 47.63 10.31
C PHE B 409 8.28 46.28 10.90
N GLU B 410 9.60 46.06 10.99
CA GLU B 410 10.14 44.81 11.54
C GLU B 410 9.54 44.52 12.92
N ALA B 411 9.41 45.56 13.73
CA ALA B 411 8.82 45.45 15.06
C ALA B 411 7.42 44.83 14.99
N ILE B 412 6.62 45.32 14.05
CA ILE B 412 5.23 44.87 13.92
C ILE B 412 5.06 43.44 13.39
N VAL B 413 5.79 43.08 12.35
CA VAL B 413 5.70 41.72 11.80
C VAL B 413 6.08 40.69 12.87
N LYS B 414 7.24 40.89 13.51
CA LYS B 414 7.69 39.98 14.56
C LYS B 414 6.64 39.79 15.64
N LYS B 415 5.91 40.85 15.96
CA LYS B 415 4.76 40.76 16.85
C LYS B 415 3.70 39.83 16.30
N GLN B 416 3.25 40.10 15.08
CA GLN B 416 2.22 39.27 14.43
C GLN B 416 2.61 37.79 14.24
N ILE B 417 3.86 37.54 13.87
CA ILE B 417 4.36 36.20 13.66
C ILE B 417 4.33 35.37 14.94
N VAL B 418 4.70 35.99 16.06
CA VAL B 418 4.63 35.35 17.36
C VAL B 418 3.22 34.80 17.63
N LYS B 419 2.21 35.44 17.07
CA LYS B 419 0.83 35.05 17.33
C LYS B 419 0.45 33.80 16.52
N LEU B 420 1.38 33.31 15.71
CA LEU B 420 1.14 32.11 14.92
C LEU B 420 1.53 30.88 15.72
N LYS B 421 2.00 31.10 16.94
CA LYS B 421 2.38 30.00 17.81
C LYS B 421 1.13 29.30 18.33
N GLY B 422 0.11 30.09 18.66
CA GLY B 422 -1.14 29.58 19.18
C GLY B 422 -1.83 28.53 18.33
N PRO B 423 -2.30 28.90 17.13
CA PRO B 423 -3.00 27.96 16.25
C PRO B 423 -2.15 26.75 15.84
N SER B 424 -0.83 26.87 15.96
CA SER B 424 0.05 25.78 15.56
C SER B 424 0.19 24.74 16.66
N LEU B 425 0.37 25.18 17.90
CA LEU B 425 0.38 24.26 19.01
C LEU B 425 -0.96 23.54 19.12
N LYS B 426 -2.04 24.29 18.96
CA LYS B 426 -3.39 23.73 18.97
C LYS B 426 -3.52 22.67 17.89
N SER B 427 -3.02 23.00 16.70
CA SER B 427 -3.07 22.13 15.55
C SER B 427 -2.41 20.78 15.84
N VAL B 428 -1.23 20.79 16.44
CA VAL B 428 -0.59 19.55 16.85
C VAL B 428 -1.49 18.74 17.79
N ASP B 429 -2.15 19.43 18.73
CA ASP B 429 -3.04 18.74 19.66
C ASP B 429 -4.24 18.12 18.96
N LEU B 430 -4.90 18.90 18.10
CA LEU B 430 -6.01 18.40 17.28
C LEU B 430 -5.63 17.17 16.46
N VAL B 431 -4.35 17.05 16.13
CA VAL B 431 -3.86 15.89 15.41
C VAL B 431 -3.60 14.76 16.39
N ILE B 432 -2.98 15.10 17.51
CA ILE B 432 -2.73 14.12 18.56
C ILE B 432 -4.04 13.52 19.06
N GLN B 433 -5.08 14.34 19.13
CA GLN B 433 -6.38 13.90 19.62
C GLN B 433 -6.97 12.89 18.65
N GLU B 434 -7.02 13.25 17.38
CA GLU B 434 -7.57 12.36 16.36
C GLU B 434 -6.72 11.10 16.19
N LEU B 435 -5.41 11.22 16.42
CA LEU B 435 -4.51 10.09 16.28
C LEU B 435 -4.71 9.06 17.39
N ILE B 436 -4.85 9.54 18.62
CA ILE B 436 -5.07 8.65 19.76
C ILE B 436 -6.48 8.06 19.68
N ASN B 437 -7.44 8.84 19.16
CA ASN B 437 -8.77 8.34 18.87
C ASN B 437 -8.73 7.17 17.89
N THR B 438 -7.86 7.26 16.90
CA THR B 438 -7.75 6.24 15.86
C THR B 438 -7.08 4.98 16.39
N VAL B 439 -6.04 5.12 17.19
CA VAL B 439 -5.39 3.97 17.78
C VAL B 439 -6.39 3.18 18.64
N LYS B 440 -7.38 3.87 19.20
CA LYS B 440 -8.39 3.23 20.02
C LYS B 440 -9.41 2.51 19.14
N LYS B 441 -9.62 3.01 17.93
CA LYS B 441 -10.48 2.37 16.95
C LYS B 441 -9.87 1.07 16.48
N CYS B 442 -8.61 1.12 16.07
CA CYS B 442 -7.88 -0.07 15.63
C CYS B 442 -7.88 -1.21 16.64
N THR B 443 -7.73 -0.86 17.91
CA THR B 443 -7.54 -1.86 18.94
C THR B 443 -8.86 -2.51 19.38
N LYS B 444 -9.94 -2.20 18.67
CA LYS B 444 -11.22 -2.88 18.90
C LYS B 444 -11.18 -4.26 18.28
N LYS B 445 -10.26 -4.47 17.34
CA LYS B 445 -10.05 -5.79 16.76
C LYS B 445 -9.28 -6.70 17.72
N LEU B 446 -8.78 -6.12 18.80
CA LEU B 446 -8.04 -6.86 19.80
C LEU B 446 -8.77 -6.84 21.14
N ALA B 447 -10.03 -6.41 21.10
CA ALA B 447 -10.86 -6.31 22.30
C ALA B 447 -11.05 -7.67 22.96
N ASN B 448 -10.99 -8.74 22.16
CA ASN B 448 -11.09 -10.11 22.67
C ASN B 448 -10.00 -10.46 23.69
N PHE B 449 -8.90 -9.71 23.66
CA PHE B 449 -7.84 -9.86 24.66
C PHE B 449 -7.69 -8.60 25.50
N PRO B 450 -8.37 -8.55 26.65
CA PRO B 450 -8.40 -7.36 27.51
C PRO B 450 -7.03 -6.85 27.93
N ARG B 451 -6.15 -7.74 28.39
CA ARG B 451 -4.83 -7.33 28.85
C ARG B 451 -3.94 -6.82 27.71
N LEU B 452 -4.09 -7.41 26.53
CA LEU B 452 -3.34 -6.98 25.36
C LEU B 452 -3.85 -5.62 24.90
N CYS B 453 -5.17 -5.54 24.74
CA CYS B 453 -5.84 -4.33 24.31
C CYS B 453 -5.45 -3.13 25.20
N GLU B 454 -5.52 -3.33 26.51
CA GLU B 454 -5.12 -2.32 27.49
C GLU B 454 -3.65 -1.92 27.33
N GLU B 455 -2.77 -2.90 27.49
CA GLU B 455 -1.31 -2.68 27.44
C GLU B 455 -0.84 -2.10 26.12
N THR B 456 -1.46 -2.50 25.02
CA THR B 456 -1.14 -1.93 23.70
C THR B 456 -1.54 -0.46 23.62
N GLU B 457 -2.78 -0.17 23.99
CA GLU B 457 -3.25 1.21 24.07
C GLU B 457 -2.33 2.06 24.93
N ARG B 458 -1.92 1.51 26.07
CA ARG B 458 -1.08 2.20 27.03
C ARG B 458 0.24 2.71 26.44
N ILE B 459 1.08 1.81 25.96
CA ILE B 459 2.39 2.20 25.43
C ILE B 459 2.31 3.16 24.26
N VAL B 460 1.37 2.95 23.34
CA VAL B 460 1.25 3.81 22.18
C VAL B 460 0.73 5.20 22.57
N ALA B 461 -0.32 5.25 23.38
CA ALA B 461 -0.81 6.53 23.89
C ALA B 461 0.33 7.26 24.60
N ASN B 462 1.11 6.53 25.39
CA ASN B 462 2.31 7.07 25.99
C ASN B 462 3.26 7.61 24.94
N HIS B 463 3.61 6.77 23.97
CA HIS B 463 4.52 7.13 22.90
C HIS B 463 4.13 8.42 22.18
N ILE B 464 2.84 8.57 21.89
CA ILE B 464 2.35 9.81 21.32
C ILE B 464 2.64 10.99 22.25
N ARG B 465 2.34 10.83 23.54
CA ARG B 465 2.60 11.89 24.50
C ARG B 465 4.09 12.22 24.50
N GLU B 466 4.91 11.19 24.28
CA GLU B 466 6.35 11.40 24.18
C GLU B 466 6.69 12.22 22.93
N ARG B 467 6.13 11.80 21.81
CA ARG B 467 6.28 12.51 20.54
C ARG B 467 5.72 13.93 20.57
N GLU B 468 4.73 14.16 21.43
CA GLU B 468 4.11 15.48 21.56
C GLU B 468 5.15 16.55 21.87
N GLY B 469 6.07 16.23 22.77
CA GLY B 469 7.12 17.18 23.11
C GLY B 469 7.94 17.59 21.90
N LYS B 470 8.59 16.62 21.28
CA LYS B 470 9.54 16.88 20.19
C LYS B 470 8.91 17.62 19.00
N THR B 471 7.70 17.24 18.63
CA THR B 471 7.02 17.90 17.52
C THR B 471 6.69 19.37 17.88
N LYS B 472 6.23 19.62 19.10
CA LYS B 472 5.91 20.97 19.55
C LYS B 472 7.15 21.85 19.59
N ASP B 473 8.23 21.32 20.15
CA ASP B 473 9.52 21.99 20.17
C ASP B 473 9.88 22.52 18.79
N GLN B 474 9.86 21.64 17.79
CA GLN B 474 10.22 21.99 16.42
C GLN B 474 9.33 23.04 15.75
N VAL B 475 8.01 22.95 15.93
CA VAL B 475 7.14 23.98 15.35
C VAL B 475 7.46 25.33 16.00
N LEU B 476 7.60 25.35 17.33
CA LEU B 476 8.09 26.55 18.00
C LEU B 476 9.42 27.02 17.39
N LEU B 477 10.44 26.16 17.38
CA LEU B 477 11.75 26.51 16.82
C LEU B 477 11.61 27.07 15.41
N LEU B 478 10.70 26.45 14.66
CA LEU B 478 10.40 26.87 13.30
C LEU B 478 9.84 28.27 13.19
N ILE B 479 8.89 28.62 14.06
CA ILE B 479 8.33 29.96 14.06
C ILE B 479 9.36 30.98 14.57
N ASP B 480 10.18 30.55 15.54
CA ASP B 480 11.25 31.39 16.08
C ASP B 480 12.25 31.82 15.00
N ILE B 481 12.69 30.85 14.19
CA ILE B 481 13.60 31.11 13.07
C ILE B 481 13.03 32.19 12.16
N GLN B 482 11.74 32.09 11.87
CA GLN B 482 11.07 33.07 11.03
C GLN B 482 11.12 34.48 11.60
N VAL B 483 11.02 34.60 12.93
CA VAL B 483 11.08 35.90 13.61
C VAL B 483 12.52 36.43 13.65
N SER B 484 13.48 35.51 13.66
CA SER B 484 14.89 35.84 13.86
C SER B 484 15.48 36.66 12.71
N TYR B 485 15.04 36.33 11.50
CA TYR B 485 15.49 37.00 10.30
C TYR B 485 14.30 37.41 9.44
N ILE B 486 14.30 38.66 8.97
CA ILE B 486 13.21 39.10 8.13
C ILE B 486 13.73 39.45 6.74
N ASN B 487 13.73 38.45 5.86
CA ASN B 487 14.24 38.61 4.50
C ASN B 487 13.42 39.58 3.68
N THR B 488 14.12 40.45 2.97
CA THR B 488 13.49 41.51 2.19
C THR B 488 13.79 41.27 0.71
N ASN B 489 14.63 40.28 0.44
CA ASN B 489 15.03 39.94 -0.92
C ASN B 489 14.14 38.87 -1.52
N HIS B 490 13.08 38.50 -0.80
CA HIS B 490 12.12 37.53 -1.28
C HIS B 490 11.37 38.04 -2.51
N GLU B 491 11.27 37.22 -3.55
CA GLU B 491 10.75 37.65 -4.86
C GLU B 491 9.28 38.06 -4.85
N ASP B 492 8.49 37.40 -4.01
CA ASP B 492 7.06 37.64 -3.92
C ASP B 492 6.76 38.95 -3.19
N PHE B 493 7.75 39.43 -2.45
CA PHE B 493 7.61 40.61 -1.60
C PHE B 493 7.73 41.94 -2.36
N ILE B 494 7.08 42.99 -1.84
CA ILE B 494 7.03 44.31 -2.47
C ILE B 494 8.22 45.19 -2.07
N GLY B 495 9.04 45.57 -3.05
CA GLY B 495 10.06 46.57 -2.84
C GLY B 495 9.49 47.97 -2.79
N PRO B 643 -3.82 62.94 7.01
CA PRO B 643 -2.53 63.64 6.93
C PRO B 643 -1.42 62.78 6.30
N GLN B 644 -0.21 63.34 6.24
CA GLN B 644 0.94 62.65 5.69
C GLN B 644 1.31 61.41 6.51
N LEU B 645 0.99 61.46 7.81
CA LEU B 645 1.29 60.36 8.72
C LEU B 645 0.36 59.18 8.47
N GLU B 646 -0.92 59.47 8.24
CA GLU B 646 -1.89 58.43 7.91
C GLU B 646 -1.56 57.75 6.59
N ARG B 647 -1.11 58.55 5.62
CA ARG B 647 -0.68 58.05 4.32
C ARG B 647 0.49 57.10 4.51
N GLN B 648 1.42 57.48 5.38
CA GLN B 648 2.57 56.64 5.71
C GLN B 648 2.14 55.37 6.44
N VAL B 649 1.18 55.49 7.34
CA VAL B 649 0.67 54.35 8.09
C VAL B 649 -0.11 53.37 7.21
N GLU B 650 -0.79 53.88 6.20
CA GLU B 650 -1.52 53.02 5.26
C GLU B 650 -0.58 52.27 4.32
N THR B 651 0.51 52.91 3.92
CA THR B 651 1.45 52.29 2.98
C THR B 651 2.23 51.14 3.62
N ILE B 652 2.73 51.32 4.85
CA ILE B 652 3.48 50.27 5.54
C ILE B 652 2.61 49.06 5.89
N ARG B 653 1.34 49.30 6.22
CA ARG B 653 0.40 48.24 6.56
C ARG B 653 0.20 47.35 5.33
N ASN B 654 0.05 47.98 4.17
CA ASN B 654 -0.05 47.24 2.92
C ASN B 654 1.22 46.45 2.68
N LEU B 655 2.34 47.08 2.99
CA LEU B 655 3.65 46.42 2.96
C LEU B 655 3.69 45.23 3.91
N VAL B 656 3.23 45.45 5.15
CA VAL B 656 3.16 44.37 6.15
C VAL B 656 2.26 43.23 5.66
N ASP B 657 1.09 43.58 5.13
CA ASP B 657 0.12 42.63 4.59
C ASP B 657 0.79 41.75 3.55
N SER B 658 1.60 42.36 2.69
CA SER B 658 2.29 41.63 1.65
C SER B 658 3.24 40.58 2.24
N TYR B 659 4.12 41.03 3.13
CA TYR B 659 5.10 40.13 3.74
C TYR B 659 4.44 38.99 4.54
N MET B 660 3.42 39.31 5.33
CA MET B 660 2.70 38.28 6.09
C MET B 660 2.15 37.19 5.19
N SER B 661 1.54 37.60 4.09
CA SER B 661 1.09 36.68 3.06
C SER B 661 2.18 35.67 2.73
N ILE B 662 3.37 36.19 2.43
CA ILE B 662 4.53 35.34 2.15
C ILE B 662 4.84 34.37 3.30
N ILE B 663 4.91 34.88 4.52
CA ILE B 663 5.19 34.02 5.66
C ILE B 663 4.10 32.97 5.88
N ASN B 664 2.85 33.43 5.97
CA ASN B 664 1.71 32.54 6.18
C ASN B 664 1.70 31.35 5.23
N LYS B 665 1.83 31.63 3.93
CA LYS B 665 1.92 30.56 2.94
C LYS B 665 2.98 29.53 3.29
N CYS B 666 4.19 29.97 3.63
CA CYS B 666 5.24 29.02 4.00
C CYS B 666 4.82 28.24 5.25
N ILE B 667 4.43 28.95 6.30
CA ILE B 667 4.05 28.29 7.55
C ILE B 667 2.85 27.34 7.44
N ARG B 668 1.79 27.76 6.75
CA ARG B 668 0.63 26.89 6.55
C ARG B 668 1.02 25.61 5.82
N ASP B 669 1.93 25.75 4.86
CA ASP B 669 2.44 24.61 4.12
C ASP B 669 3.34 23.72 4.96
N LEU B 670 4.17 24.33 5.79
CA LEU B 670 5.29 23.63 6.39
C LEU B 670 4.95 22.90 7.68
N ILE B 671 4.02 23.45 8.47
CA ILE B 671 3.67 22.85 9.75
C ILE B 671 3.03 21.45 9.62
N PRO B 672 2.06 21.26 8.70
CA PRO B 672 1.62 19.89 8.47
C PRO B 672 2.79 18.96 8.15
N LYS B 673 3.69 19.41 7.28
CA LYS B 673 4.84 18.60 6.89
C LYS B 673 5.65 18.23 8.13
N THR B 674 5.76 19.17 9.05
CA THR B 674 6.49 18.96 10.30
C THR B 674 5.76 17.97 11.21
N ILE B 675 4.44 18.10 11.26
CA ILE B 675 3.66 17.21 12.12
C ILE B 675 3.72 15.81 11.54
N MET B 676 3.51 15.74 10.23
CA MET B 676 3.63 14.50 9.48
C MET B 676 4.93 13.78 9.80
N HIS B 677 6.05 14.49 9.67
CA HIS B 677 7.36 13.87 9.78
C HIS B 677 7.74 13.51 11.22
N LEU B 678 7.49 14.41 12.15
CA LEU B 678 7.87 14.19 13.55
C LEU B 678 6.91 13.29 14.32
N MET B 679 5.62 13.28 13.94
CA MET B 679 4.67 12.47 14.69
C MET B 679 4.11 11.29 13.92
N ILE B 680 3.40 11.57 12.82
CA ILE B 680 2.71 10.52 12.08
C ILE B 680 3.69 9.47 11.57
N ASN B 681 4.72 9.91 10.87
CA ASN B 681 5.73 8.99 10.36
C ASN B 681 6.44 8.30 11.50
N ASN B 682 6.63 9.01 12.62
CA ASN B 682 7.34 8.43 13.75
C ASN B 682 6.48 7.38 14.46
N VAL B 683 5.23 7.73 14.76
CA VAL B 683 4.30 6.81 15.38
C VAL B 683 4.11 5.56 14.55
N LYS B 684 3.90 5.77 13.25
CA LYS B 684 3.78 4.68 12.30
C LYS B 684 4.97 3.71 12.39
N ASP B 685 6.18 4.24 12.22
CA ASP B 685 7.39 3.44 12.30
C ASP B 685 7.55 2.70 13.63
N PHE B 686 7.19 3.36 14.72
CA PHE B 686 7.22 2.74 16.05
C PHE B 686 6.36 1.47 16.10
N ILE B 687 5.10 1.61 15.71
CA ILE B 687 4.13 0.51 15.71
C ILE B 687 4.61 -0.71 14.92
N ASN B 688 5.21 -0.45 13.76
CA ASN B 688 5.68 -1.51 12.87
C ASN B 688 6.86 -2.32 13.40
N SER B 689 7.75 -1.68 14.15
CA SER B 689 8.99 -2.33 14.56
C SER B 689 9.14 -2.47 16.07
N GLU B 690 9.04 -1.35 16.78
CA GLU B 690 9.28 -1.35 18.22
C GLU B 690 8.12 -1.90 19.06
N LEU B 691 6.89 -1.75 18.57
CA LEU B 691 5.69 -2.10 19.34
C LEU B 691 5.63 -3.54 19.86
N LEU B 692 5.84 -4.51 18.97
CA LEU B 692 5.75 -5.91 19.35
C LEU B 692 6.79 -6.26 20.40
N ALA B 693 8.02 -5.80 20.19
CA ALA B 693 9.11 -6.06 21.11
C ALA B 693 8.81 -5.51 22.49
N GLN B 694 8.23 -4.31 22.54
CA GLN B 694 7.87 -3.70 23.81
C GLN B 694 6.80 -4.53 24.51
N LEU B 695 5.81 -5.00 23.76
CA LEU B 695 4.75 -5.85 24.32
C LEU B 695 5.35 -7.14 24.88
N TYR B 696 6.30 -7.72 24.14
CA TYR B 696 7.00 -8.91 24.61
C TYR B 696 7.78 -8.64 25.89
N SER B 697 8.47 -7.52 25.89
CA SER B 697 9.30 -7.14 27.03
C SER B 697 8.43 -6.82 28.24
N SER B 698 7.28 -6.19 28.00
CA SER B 698 6.42 -5.71 29.09
C SER B 698 5.88 -6.83 29.96
N GLU B 699 4.97 -7.62 29.41
CA GLU B 699 4.28 -8.63 30.18
C GLU B 699 4.65 -10.02 29.69
N ASP B 700 4.43 -11.03 30.52
CA ASP B 700 4.65 -12.42 30.11
C ASP B 700 3.69 -12.76 28.98
N GLN B 701 4.23 -13.39 27.93
CA GLN B 701 3.41 -13.78 26.78
C GLN B 701 2.28 -14.73 27.16
N ASN B 702 2.45 -15.47 28.25
CA ASN B 702 1.42 -16.36 28.73
C ASN B 702 0.23 -15.64 29.36
N THR B 703 0.52 -14.52 30.00
CA THR B 703 -0.49 -13.79 30.76
C THR B 703 -1.20 -12.71 29.93
N LEU B 704 -0.47 -12.03 29.05
CA LEU B 704 -1.04 -10.88 28.34
C LEU B 704 -1.94 -11.34 27.20
N MET B 705 -1.73 -12.57 26.73
CA MET B 705 -2.51 -13.13 25.64
C MET B 705 -3.67 -13.97 26.13
N GLU B 706 -4.03 -13.75 27.39
CA GLU B 706 -5.06 -14.55 28.08
C GLU B 706 -6.47 -14.20 27.59
N GLU B 707 -7.33 -15.20 27.50
CA GLU B 707 -8.63 -15.05 26.86
C GLU B 707 -9.63 -14.29 27.74
N SER B 708 -10.49 -13.50 27.11
CA SER B 708 -11.56 -12.82 27.83
C SER B 708 -12.65 -13.77 28.29
N ALA B 709 -13.50 -13.28 29.18
CA ALA B 709 -14.59 -14.07 29.75
C ALA B 709 -15.61 -14.43 28.66
N GLU B 710 -15.82 -13.49 27.74
CA GLU B 710 -16.80 -13.66 26.68
C GLU B 710 -16.36 -14.69 25.64
N GLN B 711 -15.07 -14.72 25.34
CA GLN B 711 -14.52 -15.71 24.42
C GLN B 711 -14.71 -17.12 24.96
N ALA B 712 -14.48 -17.28 26.27
CA ALA B 712 -14.68 -18.56 26.92
C ALA B 712 -16.14 -19.00 26.86
N GLN B 713 -17.05 -18.03 27.06
CA GLN B 713 -18.47 -18.31 27.05
C GLN B 713 -18.91 -18.78 25.65
N ARG B 714 -18.33 -18.16 24.63
CA ARG B 714 -18.60 -18.55 23.25
C ARG B 714 -18.03 -19.94 22.99
N ARG B 715 -16.83 -20.19 23.49
CA ARG B 715 -16.19 -21.50 23.34
C ARG B 715 -17.02 -22.58 24.05
N ASP B 716 -17.51 -22.24 25.24
CA ASP B 716 -18.39 -23.14 25.98
C ASP B 716 -19.70 -23.38 25.24
N GLU B 717 -20.21 -22.34 24.61
CA GLU B 717 -21.44 -22.43 23.81
C GLU B 717 -21.21 -23.25 22.54
N MET B 718 -20.06 -23.09 21.91
CA MET B 718 -19.72 -23.87 20.72
C MET B 718 -19.45 -25.33 21.08
N LEU B 719 -18.78 -25.55 22.21
CA LEU B 719 -18.49 -26.90 22.66
C LEU B 719 -19.78 -27.63 22.99
N ARG B 720 -20.71 -26.91 23.59
CA ARG B 720 -22.01 -27.48 23.94
C ARG B 720 -22.90 -27.62 22.71
N MET B 721 -22.78 -26.67 21.77
CA MET B 721 -23.48 -26.76 20.50
C MET B 721 -23.01 -27.99 19.74
N TYR B 722 -21.69 -28.17 19.70
CA TYR B 722 -21.07 -29.30 19.02
C TYR B 722 -21.55 -30.60 19.65
N GLN B 723 -21.45 -30.68 20.97
CA GLN B 723 -21.89 -31.84 21.73
C GLN B 723 -23.37 -32.13 21.48
N ALA B 724 -24.14 -31.07 21.26
CA ALA B 724 -25.57 -31.21 21.00
C ALA B 724 -25.81 -31.67 19.57
N LEU B 725 -25.14 -31.02 18.63
CA LEU B 725 -25.28 -31.35 17.22
C LEU B 725 -24.70 -32.73 16.91
N LYS B 726 -23.69 -33.14 17.68
CA LYS B 726 -23.08 -34.45 17.50
C LYS B 726 -24.06 -35.55 17.89
N GLU B 727 -24.81 -35.31 18.97
CA GLU B 727 -25.85 -36.24 19.39
C GLU B 727 -26.98 -36.17 18.37
N ALA B 728 -27.23 -34.98 17.85
CA ALA B 728 -28.26 -34.76 16.83
C ALA B 728 -27.97 -35.61 15.60
N LEU B 729 -26.71 -35.59 15.17
CA LEU B 729 -26.28 -36.37 14.01
C LEU B 729 -26.27 -37.85 14.36
N GLY B 730 -26.06 -38.15 15.64
CA GLY B 730 -26.06 -39.52 16.12
C GLY B 730 -27.44 -40.15 16.00
N ILE B 731 -28.47 -39.30 16.06
CA ILE B 731 -29.86 -39.76 15.99
C ILE B 731 -30.35 -39.91 14.55
N ILE B 732 -29.96 -38.99 13.68
CA ILE B 732 -30.38 -39.04 12.28
C ILE B 732 -29.76 -40.22 11.55
N GLY B 733 -28.62 -40.69 12.05
CA GLY B 733 -27.93 -41.85 11.49
C GLY B 733 -27.62 -41.73 10.01
N MET C 6 -88.38 -68.17 -27.07
CA MET C 6 -87.31 -68.85 -27.79
C MET C 6 -87.12 -70.23 -27.17
N GLU C 7 -86.01 -70.88 -27.46
CA GLU C 7 -85.72 -72.23 -26.96
C GLU C 7 -84.43 -72.24 -26.13
N GLU C 8 -84.55 -72.68 -24.89
CA GLU C 8 -83.39 -72.84 -24.00
C GLU C 8 -82.62 -71.55 -23.71
N LEU C 9 -83.32 -70.47 -23.39
CA LEU C 9 -82.66 -69.22 -23.04
C LEU C 9 -82.47 -69.10 -21.54
N ILE C 10 -83.54 -69.32 -20.78
CA ILE C 10 -83.46 -69.22 -19.32
C ILE C 10 -82.52 -70.28 -18.72
N PRO C 11 -82.64 -71.55 -19.13
CA PRO C 11 -81.65 -72.50 -18.57
C PRO C 11 -80.22 -72.17 -18.99
N LEU C 12 -80.02 -71.65 -20.20
CA LEU C 12 -78.69 -71.29 -20.69
C LEU C 12 -78.05 -70.16 -19.88
N VAL C 13 -78.83 -69.10 -19.63
CA VAL C 13 -78.36 -67.96 -18.86
C VAL C 13 -78.15 -68.34 -17.39
N ASN C 14 -78.96 -69.30 -16.92
CA ASN C 14 -78.77 -69.83 -15.58
C ASN C 14 -77.39 -70.45 -15.44
N ARG C 15 -76.95 -71.15 -16.48
CA ARG C 15 -75.64 -71.78 -16.47
C ARG C 15 -74.55 -70.70 -16.51
N LEU C 16 -74.81 -69.64 -17.27
CA LEU C 16 -73.88 -68.52 -17.35
C LEU C 16 -73.81 -67.83 -16.00
N GLN C 17 -74.99 -67.62 -15.40
CA GLN C 17 -75.09 -67.00 -14.08
C GLN C 17 -74.39 -67.86 -13.05
N ASP C 18 -74.59 -69.18 -13.12
CA ASP C 18 -73.94 -70.10 -12.20
C ASP C 18 -72.43 -70.16 -12.39
N ALA C 19 -71.98 -70.17 -13.64
CA ALA C 19 -70.55 -70.24 -13.94
C ALA C 19 -69.84 -68.98 -13.48
N PHE C 20 -70.52 -67.85 -13.67
CA PHE C 20 -70.00 -66.54 -13.33
C PHE C 20 -70.08 -66.30 -11.82
N SER C 21 -71.03 -66.98 -11.17
CA SER C 21 -71.25 -66.87 -9.73
C SER C 21 -70.15 -67.49 -8.87
N ALA C 22 -69.67 -68.65 -9.29
CA ALA C 22 -68.80 -69.44 -8.44
C ALA C 22 -67.39 -68.87 -8.40
N LEU C 23 -67.04 -68.11 -9.44
CA LEU C 23 -65.76 -67.43 -9.43
C LEU C 23 -66.10 -65.95 -9.23
N GLY C 24 -65.68 -65.42 -8.08
CA GLY C 24 -65.96 -64.04 -7.69
C GLY C 24 -65.90 -62.91 -8.70
N GLN C 25 -65.59 -63.23 -9.96
CA GLN C 25 -65.48 -62.20 -10.97
C GLN C 25 -66.88 -61.82 -11.44
N SER C 26 -67.73 -61.42 -10.49
CA SER C 26 -69.08 -60.96 -10.79
C SER C 26 -69.16 -59.46 -11.05
N CYS C 27 -68.02 -58.83 -11.34
CA CYS C 27 -68.02 -57.41 -11.66
C CYS C 27 -68.42 -57.24 -13.12
N LEU C 28 -68.19 -58.28 -13.91
CA LEU C 28 -68.60 -58.32 -15.29
C LEU C 28 -70.07 -58.69 -15.43
N LEU C 29 -70.57 -59.39 -14.41
CA LEU C 29 -71.93 -59.89 -14.38
C LEU C 29 -72.92 -58.73 -14.25
N GLU C 30 -73.97 -58.93 -13.47
CA GLU C 30 -75.05 -57.95 -13.35
C GLU C 30 -75.64 -57.65 -14.76
N LEU C 31 -75.55 -58.65 -15.61
CA LEU C 31 -76.10 -58.66 -16.97
C LEU C 31 -77.62 -58.86 -16.88
N PRO C 32 -78.36 -58.85 -18.01
CA PRO C 32 -79.82 -58.85 -17.86
C PRO C 32 -80.40 -60.02 -17.07
N GLN C 33 -81.18 -59.65 -16.06
CA GLN C 33 -81.75 -60.57 -15.09
C GLN C 33 -82.71 -59.80 -14.18
N ILE C 34 -83.58 -60.51 -13.48
CA ILE C 34 -84.56 -59.85 -12.62
C ILE C 34 -84.07 -59.73 -11.18
N ALA C 35 -84.12 -58.50 -10.65
CA ALA C 35 -83.75 -58.26 -9.26
C ALA C 35 -84.98 -57.91 -8.45
N VAL C 36 -85.10 -58.51 -7.26
CA VAL C 36 -86.27 -58.31 -6.41
C VAL C 36 -86.03 -57.20 -5.39
N VAL C 37 -86.80 -56.14 -5.49
CA VAL C 37 -86.67 -55.00 -4.58
C VAL C 37 -87.98 -54.70 -3.87
N GLY C 38 -87.95 -54.70 -2.55
CA GLY C 38 -89.14 -54.43 -1.76
C GLY C 38 -88.84 -54.17 -0.29
N GLY C 39 -89.74 -53.49 0.39
CA GLY C 39 -89.61 -53.25 1.81
C GLY C 39 -89.78 -54.53 2.60
N GLN C 40 -89.29 -54.54 3.84
CA GLN C 40 -89.44 -55.71 4.71
C GLN C 40 -90.90 -56.05 4.98
N SER C 41 -91.77 -55.04 4.92
CA SER C 41 -93.19 -55.23 5.18
C SER C 41 -93.96 -55.48 3.89
N ALA C 42 -93.24 -55.58 2.77
CA ALA C 42 -93.86 -55.78 1.47
C ALA C 42 -94.29 -57.24 1.28
N GLY C 43 -93.66 -58.14 2.02
CA GLY C 43 -93.99 -59.55 1.92
C GLY C 43 -93.44 -60.19 0.66
N LYS C 44 -92.28 -59.73 0.23
CA LYS C 44 -91.66 -60.25 -0.99
C LYS C 44 -91.22 -61.70 -0.81
N SER C 45 -90.92 -62.09 0.42
CA SER C 45 -90.49 -63.44 0.74
C SER C 45 -91.61 -64.46 0.48
N SER C 46 -92.83 -64.08 0.82
CA SER C 46 -93.99 -64.93 0.63
C SER C 46 -94.25 -65.21 -0.86
N VAL C 47 -94.03 -64.21 -1.70
CA VAL C 47 -94.22 -64.34 -3.14
C VAL C 47 -93.34 -65.45 -3.70
N LEU C 48 -92.08 -65.46 -3.28
CA LEU C 48 -91.11 -66.45 -3.74
C LEU C 48 -91.47 -67.85 -3.23
N GLU C 49 -91.92 -67.92 -1.99
CA GLU C 49 -92.30 -69.19 -1.37
C GLU C 49 -93.55 -69.77 -2.03
N ASN C 50 -94.40 -68.91 -2.59
CA ASN C 50 -95.57 -69.36 -3.30
C ASN C 50 -95.24 -69.86 -4.70
N PHE C 51 -94.08 -69.45 -5.21
CA PHE C 51 -93.61 -69.95 -6.50
C PHE C 51 -93.21 -71.40 -6.37
N VAL C 52 -92.33 -71.67 -5.42
CA VAL C 52 -91.85 -73.02 -5.16
C VAL C 52 -92.97 -73.88 -4.56
N GLY C 53 -93.80 -73.27 -3.72
CA GLY C 53 -94.88 -73.99 -3.07
C GLY C 53 -94.42 -74.61 -1.76
N ARG C 54 -93.27 -74.18 -1.29
CA ARG C 54 -92.69 -74.66 -0.04
C ARG C 54 -92.05 -73.48 0.69
N ASP C 55 -92.09 -73.52 2.02
CA ASP C 55 -91.39 -72.51 2.82
C ASP C 55 -89.91 -72.87 2.92
N PHE C 56 -89.05 -71.95 2.49
CA PHE C 56 -87.62 -72.21 2.45
C PHE C 56 -86.79 -70.95 2.69
N LEU C 57 -87.47 -69.83 2.87
CA LEU C 57 -86.81 -68.57 3.15
C LEU C 57 -86.81 -68.29 4.65
N PRO C 58 -85.71 -67.73 5.17
CA PRO C 58 -85.57 -67.41 6.59
C PRO C 58 -86.61 -66.42 7.10
N ARG C 59 -87.10 -66.65 8.33
CA ARG C 59 -88.06 -65.75 8.95
C ARG C 59 -87.60 -65.36 10.34
N GLY C 60 -87.82 -64.09 10.70
CA GLY C 60 -87.42 -63.57 12.00
C GLY C 60 -87.59 -62.08 12.10
N SER C 61 -87.33 -61.53 13.28
CA SER C 61 -87.44 -60.10 13.50
C SER C 61 -86.28 -59.36 12.81
N GLY C 62 -86.58 -58.19 12.27
CA GLY C 62 -85.60 -57.44 11.51
C GLY C 62 -85.35 -58.07 10.14
N ILE C 63 -84.35 -57.57 9.44
CA ILE C 63 -84.01 -58.13 8.13
C ILE C 63 -83.33 -59.49 8.28
N VAL C 64 -83.77 -60.46 7.48
CA VAL C 64 -83.19 -61.80 7.52
C VAL C 64 -82.35 -62.06 6.27
N THR C 65 -82.73 -61.44 5.17
CA THR C 65 -81.96 -61.53 3.94
C THR C 65 -80.79 -60.55 4.00
N ARG C 66 -79.59 -61.09 4.16
CA ARG C 66 -78.40 -60.26 4.31
C ARG C 66 -77.44 -60.45 3.14
N ARG C 67 -77.73 -61.44 2.29
CA ARG C 67 -76.92 -61.73 1.11
C ARG C 67 -77.80 -61.85 -0.12
N PRO C 68 -77.31 -61.39 -1.27
CA PRO C 68 -78.04 -61.55 -2.53
C PRO C 68 -78.32 -63.01 -2.84
N LEU C 69 -79.58 -63.36 -3.04
CA LEU C 69 -79.96 -64.75 -3.28
C LEU C 69 -80.35 -64.95 -4.74
N VAL C 70 -79.53 -65.72 -5.46
CA VAL C 70 -79.84 -66.07 -6.84
C VAL C 70 -80.69 -67.33 -6.87
N LEU C 71 -81.99 -67.15 -7.09
CA LEU C 71 -82.93 -68.25 -7.07
C LEU C 71 -83.29 -68.69 -8.49
N GLN C 72 -82.83 -69.88 -8.86
CA GLN C 72 -83.10 -70.41 -10.19
C GLN C 72 -84.12 -71.54 -10.14
N LEU C 73 -85.31 -71.25 -10.67
CA LEU C 73 -86.41 -72.22 -10.67
C LEU C 73 -86.45 -72.99 -11.98
N VAL C 74 -86.48 -74.32 -11.87
CA VAL C 74 -86.50 -75.18 -13.04
C VAL C 74 -87.63 -76.20 -12.94
N THR C 75 -88.51 -76.20 -13.94
CA THR C 75 -89.63 -77.15 -13.98
C THR C 75 -89.14 -78.59 -14.02
N SER C 76 -89.64 -79.40 -13.10
CA SER C 76 -89.25 -80.81 -13.04
C SER C 76 -90.35 -81.67 -12.41
N LYS C 77 -90.32 -82.97 -12.70
CA LYS C 77 -91.29 -83.89 -12.14
C LYS C 77 -90.98 -84.16 -10.67
N ALA C 78 -89.70 -84.14 -10.32
CA ALA C 78 -89.27 -84.35 -8.95
C ALA C 78 -89.14 -83.01 -8.21
N GLU C 79 -89.02 -83.06 -6.89
CA GLU C 79 -88.94 -81.85 -6.09
C GLU C 79 -87.73 -81.86 -5.17
N TYR C 80 -86.76 -81.00 -5.46
CA TYR C 80 -85.55 -80.91 -4.65
C TYR C 80 -84.79 -79.60 -4.91
N ALA C 81 -83.87 -79.28 -4.02
CA ALA C 81 -83.07 -78.07 -4.15
C ALA C 81 -81.59 -78.40 -4.01
N GLU C 82 -80.74 -77.53 -4.56
CA GLU C 82 -79.30 -77.74 -4.50
C GLU C 82 -78.55 -76.42 -4.40
N PHE C 83 -77.53 -76.39 -3.55
CA PHE C 83 -76.69 -75.21 -3.41
C PHE C 83 -75.36 -75.38 -4.12
N LEU C 84 -74.83 -74.29 -4.65
CA LEU C 84 -73.56 -74.31 -5.34
C LEU C 84 -72.40 -74.62 -4.40
N HIS C 85 -72.51 -74.17 -3.15
CA HIS C 85 -71.49 -74.46 -2.15
C HIS C 85 -71.69 -75.84 -1.53
N CYS C 86 -72.77 -76.51 -1.92
CA CYS C 86 -73.02 -77.89 -1.53
C CYS C 86 -72.97 -78.81 -2.73
N LYS C 87 -71.79 -78.88 -3.35
CA LYS C 87 -71.55 -79.68 -4.55
C LYS C 87 -72.12 -81.10 -4.46
N GLY C 88 -73.02 -81.42 -5.39
CA GLY C 88 -73.56 -82.76 -5.50
C GLY C 88 -74.65 -83.12 -4.51
N LYS C 89 -74.77 -82.35 -3.44
CA LYS C 89 -75.78 -82.65 -2.41
C LYS C 89 -77.18 -82.24 -2.87
N LYS C 90 -78.15 -83.12 -2.62
CA LYS C 90 -79.53 -82.87 -2.98
C LYS C 90 -80.39 -82.65 -1.74
N PHE C 91 -81.05 -81.50 -1.68
CA PHE C 91 -81.95 -81.18 -0.56
C PHE C 91 -83.40 -81.51 -0.91
N THR C 92 -84.04 -82.33 -0.08
CA THR C 92 -85.44 -82.68 -0.29
C THR C 92 -86.28 -82.07 0.82
N ASP C 93 -85.63 -81.66 1.89
CA ASP C 93 -86.30 -80.98 2.99
C ASP C 93 -86.07 -79.48 2.88
N PHE C 94 -87.14 -78.74 2.55
CA PHE C 94 -87.05 -77.30 2.38
C PHE C 94 -86.88 -76.57 3.71
N ASP C 95 -87.15 -77.27 4.81
CA ASP C 95 -86.88 -76.73 6.14
C ASP C 95 -85.38 -76.74 6.42
N GLU C 96 -84.67 -77.66 5.77
CA GLU C 96 -83.22 -77.72 5.87
C GLU C 96 -82.59 -76.64 5.00
N VAL C 97 -83.27 -76.29 3.91
CA VAL C 97 -82.80 -75.25 2.99
C VAL C 97 -82.68 -73.89 3.66
N ARG C 98 -83.71 -73.49 4.41
CA ARG C 98 -83.67 -72.20 5.11
C ARG C 98 -82.54 -72.17 6.14
N LEU C 99 -82.34 -73.29 6.84
CA LEU C 99 -81.28 -73.38 7.83
C LEU C 99 -79.90 -73.30 7.19
N GLU C 100 -79.78 -73.79 5.97
CA GLU C 100 -78.52 -73.74 5.25
C GLU C 100 -78.22 -72.32 4.79
N ILE C 101 -79.26 -71.60 4.38
CA ILE C 101 -79.09 -70.21 3.98
C ILE C 101 -78.63 -69.39 5.17
N GLU C 102 -79.26 -69.60 6.33
CA GLU C 102 -78.88 -68.92 7.56
C GLU C 102 -77.45 -69.26 7.97
N ALA C 103 -77.11 -70.55 7.90
CA ALA C 103 -75.78 -71.02 8.28
C ALA C 103 -74.70 -70.48 7.34
N GLU C 104 -74.95 -70.59 6.03
CA GLU C 104 -74.01 -70.12 5.03
C GLU C 104 -73.78 -68.61 5.13
N THR C 105 -74.84 -67.89 5.49
CA THR C 105 -74.75 -66.44 5.65
C THR C 105 -73.95 -66.06 6.90
N ASP C 106 -74.24 -66.73 8.02
CA ASP C 106 -73.51 -66.49 9.26
C ASP C 106 -72.02 -66.77 9.13
N ARG C 107 -71.67 -67.77 8.33
CA ARG C 107 -70.27 -68.13 8.11
C ARG C 107 -69.44 -66.95 7.59
N VAL C 108 -70.05 -66.14 6.73
CA VAL C 108 -69.33 -65.04 6.09
C VAL C 108 -69.47 -63.71 6.84
N THR C 109 -70.71 -63.35 7.18
CA THR C 109 -71.00 -62.05 7.77
C THR C 109 -70.86 -62.01 9.28
N GLY C 110 -70.70 -63.17 9.90
CA GLY C 110 -70.65 -63.28 11.34
C GLY C 110 -72.03 -63.14 11.95
N MET C 111 -72.09 -63.10 13.29
CA MET C 111 -73.34 -62.99 14.02
C MET C 111 -74.06 -61.65 13.79
N ASN C 112 -73.29 -60.59 13.57
CA ASN C 112 -73.87 -59.26 13.32
C ASN C 112 -74.81 -59.26 12.12
N LYS C 113 -74.48 -60.07 11.11
CA LYS C 113 -75.33 -60.29 9.94
C LYS C 113 -75.39 -59.09 9.02
N GLY C 114 -74.42 -58.18 9.17
CA GLY C 114 -74.26 -57.06 8.27
C GLY C 114 -74.01 -57.59 6.87
N ILE C 115 -74.60 -56.94 5.86
CA ILE C 115 -74.63 -57.49 4.52
C ILE C 115 -73.25 -57.75 3.90
N SER C 116 -73.14 -58.88 3.21
CA SER C 116 -71.98 -59.16 2.35
C SER C 116 -72.41 -59.15 0.90
N SER C 117 -71.52 -58.71 0.01
CA SER C 117 -71.84 -58.64 -1.42
C SER C 117 -71.73 -60.01 -2.08
N ILE C 118 -71.23 -60.99 -1.34
CA ILE C 118 -71.10 -62.36 -1.86
C ILE C 118 -72.47 -63.01 -2.02
N PRO C 119 -72.84 -63.33 -3.28
CA PRO C 119 -74.16 -63.90 -3.60
C PRO C 119 -74.30 -65.36 -3.20
N ILE C 120 -75.55 -65.80 -3.04
CA ILE C 120 -75.85 -67.19 -2.77
C ILE C 120 -76.66 -67.77 -3.94
N ASN C 121 -76.23 -68.93 -4.44
CA ASN C 121 -76.87 -69.50 -5.63
C ASN C 121 -77.66 -70.77 -5.36
N LEU C 122 -78.97 -70.61 -5.20
CA LEU C 122 -79.85 -71.73 -4.90
C LEU C 122 -80.72 -72.10 -6.11
N ARG C 123 -80.68 -73.37 -6.49
CA ARG C 123 -81.49 -73.87 -7.59
C ARG C 123 -82.54 -74.84 -7.06
N VAL C 124 -83.80 -74.61 -7.42
CA VAL C 124 -84.90 -75.45 -6.95
C VAL C 124 -85.64 -76.09 -8.11
N TYR C 125 -85.78 -77.40 -8.06
CA TYR C 125 -86.55 -78.12 -9.07
C TYR C 125 -87.92 -78.49 -8.50
N SER C 126 -88.97 -78.11 -9.21
CA SER C 126 -90.33 -78.35 -8.73
C SER C 126 -91.34 -78.21 -9.87
N PRO C 127 -92.39 -79.05 -9.82
CA PRO C 127 -93.44 -78.96 -10.83
C PRO C 127 -94.38 -77.79 -10.58
N HIS C 128 -94.29 -77.20 -9.40
CA HIS C 128 -95.17 -76.09 -9.03
C HIS C 128 -94.65 -74.76 -9.56
N VAL C 129 -93.49 -74.80 -10.22
CA VAL C 129 -92.83 -73.58 -10.70
C VAL C 129 -92.72 -73.57 -12.21
N LEU C 130 -92.51 -72.38 -12.76
CA LEU C 130 -92.18 -72.24 -14.18
C LEU C 130 -90.68 -71.98 -14.32
N ASN C 131 -90.19 -71.99 -15.56
CA ASN C 131 -88.78 -71.66 -15.79
C ASN C 131 -88.57 -70.18 -15.53
N LEU C 132 -87.86 -69.88 -14.44
CA LEU C 132 -87.69 -68.50 -14.00
C LEU C 132 -86.52 -68.37 -13.04
N THR C 133 -85.82 -67.25 -13.14
CA THR C 133 -84.72 -66.94 -12.24
C THR C 133 -84.89 -65.55 -11.65
N LEU C 134 -84.67 -65.45 -10.34
CA LEU C 134 -84.82 -64.17 -9.65
C LEU C 134 -83.67 -63.97 -8.67
N ILE C 135 -83.25 -62.71 -8.51
CA ILE C 135 -82.18 -62.36 -7.58
C ILE C 135 -82.74 -61.59 -6.39
N ASP C 136 -82.86 -62.28 -5.25
CA ASP C 136 -83.41 -61.66 -4.05
C ASP C 136 -82.39 -60.75 -3.38
N LEU C 137 -82.85 -59.59 -2.92
CA LEU C 137 -81.98 -58.62 -2.27
C LEU C 137 -82.51 -58.28 -0.89
N PRO C 138 -81.63 -57.81 0.01
CA PRO C 138 -82.06 -57.39 1.35
C PRO C 138 -83.20 -56.37 1.30
N GLY C 139 -84.15 -56.50 2.22
CA GLY C 139 -85.31 -55.65 2.21
C GLY C 139 -85.01 -54.22 2.60
N ILE C 140 -85.89 -53.31 2.19
CA ILE C 140 -85.72 -51.89 2.49
C ILE C 140 -86.40 -51.56 3.83
N THR C 141 -85.73 -50.73 4.62
CA THR C 141 -86.17 -50.36 5.96
C THR C 141 -85.75 -48.92 6.25
N LYS C 142 -86.29 -48.33 7.32
CA LYS C 142 -85.83 -47.03 7.79
C LYS C 142 -85.06 -47.16 9.10
N VAL C 143 -85.16 -48.33 9.73
CA VAL C 143 -84.52 -48.58 11.02
C VAL C 143 -83.58 -49.78 10.96
N PRO C 144 -82.32 -49.58 11.39
CA PRO C 144 -81.28 -50.62 11.42
C PRO C 144 -81.71 -51.90 12.11
N VAL C 145 -82.45 -51.77 13.21
CA VAL C 145 -83.03 -52.88 13.99
C VAL C 145 -81.99 -54.00 14.23
N GLY C 146 -80.73 -53.60 14.39
CA GLY C 146 -79.63 -54.54 14.55
C GLY C 146 -78.48 -53.91 15.31
N ASP C 147 -77.59 -54.76 15.80
CA ASP C 147 -76.44 -54.31 16.57
C ASP C 147 -75.48 -53.44 15.76
N GLN C 148 -75.18 -53.88 14.55
CA GLN C 148 -74.22 -53.20 13.69
C GLN C 148 -74.54 -53.49 12.23
N PRO C 149 -74.27 -52.53 11.32
CA PRO C 149 -73.83 -51.15 11.53
C PRO C 149 -75.00 -50.16 11.61
N PRO C 150 -74.76 -48.92 12.08
CA PRO C 150 -75.82 -47.92 12.09
C PRO C 150 -76.23 -47.45 10.69
N ASP C 151 -75.25 -47.37 9.79
CA ASP C 151 -75.51 -46.93 8.41
C ASP C 151 -76.11 -48.03 7.54
N ILE C 152 -76.25 -49.23 8.09
CA ILE C 152 -76.74 -50.42 7.35
C ILE C 152 -77.90 -50.12 6.40
N GLU C 153 -78.76 -49.18 6.79
CA GLU C 153 -79.89 -48.77 5.97
C GLU C 153 -79.38 -48.22 4.64
N TYR C 154 -78.29 -47.45 4.71
CA TYR C 154 -77.69 -46.86 3.53
C TYR C 154 -76.88 -47.90 2.74
N GLN C 155 -76.31 -48.87 3.46
CA GLN C 155 -75.56 -49.96 2.85
C GLN C 155 -76.42 -50.85 1.97
N ILE C 156 -77.56 -51.27 2.51
CA ILE C 156 -78.54 -52.04 1.76
C ILE C 156 -78.91 -51.34 0.47
N ARG C 157 -79.18 -50.03 0.56
CA ARG C 157 -79.48 -49.21 -0.60
C ARG C 157 -78.32 -49.24 -1.60
N GLU C 158 -77.10 -49.18 -1.08
CA GLU C 158 -75.92 -49.17 -1.94
C GLU C 158 -75.78 -50.47 -2.73
N MET C 159 -76.03 -51.60 -2.07
CA MET C 159 -75.98 -52.90 -2.75
C MET C 159 -77.09 -53.02 -3.79
N ILE C 160 -78.30 -52.64 -3.40
CA ILE C 160 -79.43 -52.64 -4.32
C ILE C 160 -79.17 -51.70 -5.50
N MET C 161 -78.61 -50.53 -5.22
CA MET C 161 -78.27 -49.57 -6.28
C MET C 161 -77.23 -50.15 -7.23
N GLN C 162 -76.33 -50.97 -6.69
CA GLN C 162 -75.29 -51.62 -7.50
C GLN C 162 -75.88 -52.50 -8.59
N PHE C 163 -77.03 -53.12 -8.33
CA PHE C 163 -77.69 -53.99 -9.31
C PHE C 163 -78.53 -53.23 -10.34
N ILE C 164 -79.38 -52.34 -9.86
CA ILE C 164 -80.37 -51.68 -10.72
C ILE C 164 -79.75 -50.58 -11.61
N THR C 165 -78.46 -50.32 -11.42
CA THR C 165 -77.82 -49.24 -12.16
C THR C 165 -77.70 -49.53 -13.65
N ARG C 166 -77.58 -50.81 -14.02
CA ARG C 166 -77.48 -51.17 -15.44
C ARG C 166 -78.84 -51.22 -16.13
N GLU C 167 -78.84 -50.78 -17.38
CA GLU C 167 -80.03 -50.74 -18.22
C GLU C 167 -80.68 -52.13 -18.36
N ASN C 168 -79.85 -53.17 -18.37
CA ASN C 168 -80.33 -54.52 -18.61
C ASN C 168 -80.98 -55.15 -17.37
N CYS C 169 -80.94 -54.46 -16.25
CA CYS C 169 -81.45 -55.02 -15.00
C CYS C 169 -82.94 -54.71 -14.81
N LEU C 170 -83.75 -55.76 -14.83
CA LEU C 170 -85.18 -55.61 -14.62
C LEU C 170 -85.51 -55.53 -13.12
N ILE C 171 -86.45 -54.66 -12.77
CA ILE C 171 -86.76 -54.41 -11.37
C ILE C 171 -88.10 -55.01 -10.96
N LEU C 172 -88.05 -55.93 -10.01
CA LEU C 172 -89.27 -56.50 -9.47
C LEU C 172 -89.64 -55.75 -8.19
N ALA C 173 -90.51 -54.76 -8.32
CA ALA C 173 -90.87 -53.90 -7.20
C ALA C 173 -92.06 -54.47 -6.44
N VAL C 174 -91.81 -54.87 -5.19
CA VAL C 174 -92.86 -55.43 -4.35
C VAL C 174 -93.31 -54.41 -3.30
N THR C 175 -94.60 -54.11 -3.28
CA THR C 175 -95.15 -53.13 -2.36
C THR C 175 -96.42 -53.63 -1.69
N PRO C 176 -96.60 -53.29 -0.40
CA PRO C 176 -97.81 -53.65 0.33
C PRO C 176 -98.96 -52.69 0.00
N ALA C 177 -100.16 -53.22 -0.14
CA ALA C 177 -101.33 -52.41 -0.49
C ALA C 177 -101.62 -51.39 0.61
N ASN C 178 -101.82 -50.15 0.22
CA ASN C 178 -102.03 -49.06 1.18
C ASN C 178 -102.79 -47.90 0.55
N THR C 179 -103.27 -46.99 1.39
CA THR C 179 -104.00 -45.80 0.91
C THR C 179 -103.07 -44.93 0.08
N ASP C 180 -101.84 -44.75 0.56
CA ASP C 180 -100.84 -44.00 -0.19
C ASP C 180 -99.74 -44.95 -0.69
N LEU C 181 -99.64 -45.07 -2.01
CA LEU C 181 -98.70 -46.01 -2.62
C LEU C 181 -97.51 -45.27 -3.22
N ALA C 182 -97.68 -43.98 -3.48
CA ALA C 182 -96.64 -43.16 -4.09
C ALA C 182 -95.42 -43.02 -3.19
N ASN C 183 -95.61 -43.24 -1.89
CA ASN C 183 -94.52 -43.11 -0.93
C ASN C 183 -93.93 -44.47 -0.55
N SER C 184 -94.23 -45.48 -1.37
CA SER C 184 -93.68 -46.81 -1.15
C SER C 184 -92.20 -46.84 -1.51
N ASP C 185 -91.41 -47.49 -0.67
CA ASP C 185 -89.96 -47.53 -0.83
C ASP C 185 -89.52 -48.16 -2.15
N ALA C 186 -90.22 -49.19 -2.61
CA ALA C 186 -89.84 -49.88 -3.82
C ALA C 186 -90.06 -49.02 -5.06
N LEU C 187 -91.21 -48.36 -5.13
CA LEU C 187 -91.56 -47.56 -6.31
C LEU C 187 -90.70 -46.30 -6.41
N LYS C 188 -90.27 -45.76 -5.27
CA LYS C 188 -89.43 -44.56 -5.27
C LYS C 188 -88.03 -44.84 -5.81
N LEU C 189 -87.47 -45.97 -5.40
CA LEU C 189 -86.14 -46.38 -5.86
C LEU C 189 -86.16 -46.74 -7.34
N ALA C 190 -87.31 -47.24 -7.81
CA ALA C 190 -87.49 -47.58 -9.21
C ALA C 190 -87.49 -46.34 -10.09
N LYS C 191 -88.08 -45.26 -9.58
CA LYS C 191 -88.15 -43.98 -10.29
C LYS C 191 -86.79 -43.29 -10.38
N GLU C 192 -85.94 -43.53 -9.38
CA GLU C 192 -84.61 -42.92 -9.35
C GLU C 192 -83.75 -43.38 -10.53
N VAL C 193 -83.87 -44.65 -10.87
CA VAL C 193 -83.04 -45.25 -11.91
C VAL C 193 -83.76 -45.38 -13.24
N ASP C 194 -85.10 -45.40 -13.19
CA ASP C 194 -85.89 -45.54 -14.41
C ASP C 194 -87.10 -44.63 -14.39
N PRO C 195 -86.88 -43.32 -14.62
CA PRO C 195 -87.95 -42.31 -14.64
C PRO C 195 -89.03 -42.62 -15.67
N GLN C 196 -88.64 -43.21 -16.80
CA GLN C 196 -89.59 -43.52 -17.86
C GLN C 196 -90.29 -44.84 -17.61
N GLY C 197 -89.84 -45.57 -16.59
CA GLY C 197 -90.44 -46.85 -16.23
C GLY C 197 -90.45 -47.86 -17.36
N LEU C 198 -89.29 -48.05 -17.99
CA LEU C 198 -89.19 -48.92 -19.15
C LEU C 198 -88.70 -50.32 -18.77
N ARG C 199 -88.18 -50.46 -17.55
CA ARG C 199 -87.66 -51.74 -17.10
C ARG C 199 -88.09 -52.05 -15.67
N THR C 200 -89.27 -51.58 -15.29
CA THR C 200 -89.78 -51.82 -13.95
C THR C 200 -91.13 -52.52 -13.97
N ILE C 201 -91.21 -53.66 -13.29
CA ILE C 201 -92.48 -54.37 -13.14
C ILE C 201 -92.94 -54.33 -11.68
N GLY C 202 -94.15 -53.84 -11.48
CA GLY C 202 -94.70 -53.67 -10.14
C GLY C 202 -95.50 -54.86 -9.64
N VAL C 203 -95.32 -55.18 -8.36
CA VAL C 203 -96.11 -56.24 -7.72
C VAL C 203 -96.78 -55.69 -6.47
N ILE C 204 -98.09 -55.87 -6.38
CA ILE C 204 -98.84 -55.37 -5.23
C ILE C 204 -99.34 -56.52 -4.36
N THR C 205 -98.85 -56.57 -3.14
CA THR C 205 -99.22 -57.62 -2.20
C THR C 205 -100.23 -57.12 -1.18
N LYS C 206 -100.76 -58.03 -0.37
CA LYS C 206 -101.67 -57.70 0.71
C LYS C 206 -102.92 -56.96 0.24
N LEU C 207 -103.37 -57.25 -0.97
CA LEU C 207 -104.55 -56.59 -1.52
C LEU C 207 -105.80 -56.88 -0.71
N ASP C 208 -105.85 -58.06 -0.11
CA ASP C 208 -106.99 -58.48 0.70
C ASP C 208 -106.98 -57.82 2.08
N LEU C 209 -105.90 -57.10 2.39
CA LEU C 209 -105.75 -56.47 3.70
C LEU C 209 -106.05 -54.96 3.66
N MET C 210 -106.56 -54.48 2.53
CA MET C 210 -106.90 -53.06 2.39
C MET C 210 -108.06 -52.67 3.30
N ASP C 211 -108.11 -51.40 3.69
CA ASP C 211 -109.16 -50.88 4.56
C ASP C 211 -110.54 -51.04 3.93
N GLU C 212 -111.56 -51.11 4.79
CA GLU C 212 -112.94 -51.24 4.34
C GLU C 212 -113.39 -50.04 3.52
N GLY C 213 -114.02 -50.32 2.38
CA GLY C 213 -114.63 -49.28 1.56
C GLY C 213 -113.69 -48.54 0.64
N THR C 214 -112.42 -48.93 0.63
CA THR C 214 -111.45 -48.30 -0.26
C THR C 214 -110.71 -49.32 -1.11
N ASP C 215 -110.65 -49.06 -2.41
CA ASP C 215 -109.90 -49.88 -3.34
C ASP C 215 -108.98 -49.00 -4.20
N ALA C 216 -107.73 -49.45 -4.36
CA ALA C 216 -106.74 -48.69 -5.12
C ALA C 216 -107.15 -48.53 -6.58
N ARG C 217 -107.57 -49.63 -7.19
CA ARG C 217 -108.14 -49.64 -8.55
C ARG C 217 -107.17 -49.19 -9.64
N ASP C 218 -106.72 -47.95 -9.54
CA ASP C 218 -105.93 -47.32 -10.60
C ASP C 218 -104.60 -48.02 -10.83
N VAL C 219 -103.95 -48.44 -9.75
CA VAL C 219 -102.61 -49.01 -9.83
C VAL C 219 -102.56 -50.30 -10.65
N LEU C 220 -103.55 -51.16 -10.49
CA LEU C 220 -103.56 -52.45 -11.17
C LEU C 220 -103.91 -52.29 -12.63
N GLU C 221 -104.70 -51.26 -12.95
CA GLU C 221 -105.05 -50.96 -14.33
C GLU C 221 -103.98 -50.06 -14.95
N ASN C 222 -102.92 -49.78 -14.19
CA ASN C 222 -101.77 -49.02 -14.68
C ASN C 222 -102.13 -47.59 -15.07
N LYS C 223 -102.91 -46.91 -14.23
CA LYS C 223 -103.36 -45.56 -14.52
C LYS C 223 -102.81 -44.50 -13.57
N LEU C 224 -102.68 -44.85 -12.30
CA LEU C 224 -102.17 -43.89 -11.30
C LEU C 224 -100.66 -43.74 -11.37
N LEU C 225 -99.97 -44.87 -11.42
CA LEU C 225 -98.51 -44.89 -11.53
C LEU C 225 -98.10 -45.69 -12.75
N PRO C 226 -98.17 -45.07 -13.94
CA PRO C 226 -97.91 -45.70 -15.23
C PRO C 226 -96.58 -46.46 -15.31
N LEU C 227 -96.65 -47.73 -15.69
CA LEU C 227 -95.48 -48.55 -15.95
C LEU C 227 -95.68 -49.36 -17.23
N ARG C 228 -94.68 -49.33 -18.12
CA ARG C 228 -94.76 -50.01 -19.40
C ARG C 228 -94.96 -51.53 -19.26
N ARG C 229 -94.30 -52.12 -18.26
CA ARG C 229 -94.36 -53.57 -18.08
C ARG C 229 -95.57 -54.02 -17.27
N GLY C 230 -96.43 -53.07 -16.91
CA GLY C 230 -97.70 -53.38 -16.26
C GLY C 230 -97.62 -53.72 -14.79
N TYR C 231 -98.77 -54.07 -14.21
CA TYR C 231 -98.88 -54.42 -12.80
C TYR C 231 -99.56 -55.76 -12.58
N VAL C 232 -99.14 -56.47 -11.55
CA VAL C 232 -99.76 -57.75 -11.16
C VAL C 232 -100.03 -57.75 -9.66
N GLY C 233 -101.28 -58.02 -9.29
CA GLY C 233 -101.67 -58.09 -7.89
C GLY C 233 -101.69 -59.51 -7.37
N VAL C 234 -101.21 -59.69 -6.13
CA VAL C 234 -101.19 -61.01 -5.53
C VAL C 234 -101.59 -61.00 -4.05
N VAL C 235 -101.95 -62.17 -3.55
CA VAL C 235 -102.17 -62.37 -2.12
C VAL C 235 -101.45 -63.65 -1.71
N ASN C 236 -100.79 -63.61 -0.56
CA ASN C 236 -99.89 -64.69 -0.19
C ASN C 236 -100.19 -65.25 1.19
N ARG C 237 -100.99 -66.29 1.21
CA ARG C 237 -101.28 -67.01 2.44
C ARG C 237 -100.67 -68.41 2.34
N SER C 238 -100.57 -69.08 3.48
CA SER C 238 -100.11 -70.46 3.47
C SER C 238 -101.17 -71.34 4.13
N GLN C 239 -101.83 -72.15 3.30
CA GLN C 239 -102.90 -73.01 3.77
C GLN C 239 -102.34 -74.38 4.09
N LYS C 240 -102.69 -74.90 5.26
CA LYS C 240 -102.21 -76.20 5.70
C LYS C 240 -103.01 -77.35 5.09
N ASP C 241 -102.33 -78.44 4.77
CA ASP C 241 -102.98 -79.67 4.35
C ASP C 241 -103.34 -80.49 5.59
N ILE C 242 -104.07 -81.59 5.40
CA ILE C 242 -104.45 -82.46 6.50
C ILE C 242 -103.22 -82.93 7.29
N ASP C 243 -102.15 -83.28 6.57
CA ASP C 243 -100.88 -83.68 7.17
C ASP C 243 -100.26 -82.57 8.04
N GLY C 244 -100.46 -81.32 7.62
CA GLY C 244 -99.92 -80.17 8.34
C GLY C 244 -98.77 -79.50 7.62
N LYS C 245 -98.39 -80.04 6.46
CA LYS C 245 -97.40 -79.41 5.61
C LYS C 245 -98.05 -78.30 4.78
N LYS C 246 -97.26 -77.31 4.37
CA LYS C 246 -97.78 -76.26 3.51
C LYS C 246 -98.29 -76.84 2.19
N ASP C 247 -99.52 -76.48 1.84
CA ASP C 247 -100.15 -77.00 0.63
C ASP C 247 -100.32 -75.88 -0.39
N ILE C 248 -99.49 -75.90 -1.42
CA ILE C 248 -99.53 -74.88 -2.45
C ILE C 248 -100.86 -74.87 -3.20
N LYS C 249 -101.44 -76.05 -3.43
CA LYS C 249 -102.68 -76.17 -4.20
C LYS C 249 -103.85 -75.44 -3.56
N ALA C 250 -103.99 -75.57 -2.25
CA ALA C 250 -105.08 -74.91 -1.51
C ALA C 250 -104.89 -73.40 -1.52
N ALA C 251 -103.63 -72.96 -1.42
CA ALA C 251 -103.30 -71.54 -1.40
C ALA C 251 -103.69 -70.83 -2.69
N MET C 252 -103.46 -71.49 -3.83
CA MET C 252 -103.73 -70.89 -5.13
C MET C 252 -105.24 -70.75 -5.36
N LEU C 253 -106.00 -71.65 -4.75
CA LEU C 253 -107.46 -71.60 -4.85
C LEU C 253 -108.00 -70.42 -4.06
N ALA C 254 -107.46 -70.22 -2.86
CA ALA C 254 -107.86 -69.11 -2.00
C ALA C 254 -107.55 -67.77 -2.66
N GLU C 255 -106.42 -67.70 -3.35
CA GLU C 255 -106.03 -66.50 -4.05
C GLU C 255 -106.96 -66.22 -5.23
N ARG C 256 -107.30 -67.28 -5.95
CA ARG C 256 -108.19 -67.17 -7.10
C ARG C 256 -109.58 -66.72 -6.69
N LYS C 257 -110.07 -67.28 -5.58
CA LYS C 257 -111.38 -66.94 -5.05
C LYS C 257 -111.47 -65.45 -4.71
N PHE C 258 -110.41 -64.90 -4.12
CA PHE C 258 -110.37 -63.50 -3.72
C PHE C 258 -110.61 -62.54 -4.87
N PHE C 259 -109.85 -62.69 -5.94
CA PHE C 259 -109.96 -61.80 -7.09
C PHE C 259 -111.29 -61.97 -7.81
N LEU C 260 -111.74 -63.21 -7.93
CA LEU C 260 -113.03 -63.49 -8.56
C LEU C 260 -114.20 -62.93 -7.76
N SER C 261 -114.04 -62.86 -6.44
CA SER C 261 -115.12 -62.40 -5.58
C SER C 261 -115.03 -60.90 -5.29
N HIS C 262 -113.92 -60.28 -5.67
CA HIS C 262 -113.74 -58.85 -5.51
C HIS C 262 -114.33 -58.09 -6.69
N PRO C 263 -115.30 -57.20 -6.44
CA PRO C 263 -116.02 -56.48 -7.50
C PRO C 263 -115.13 -55.55 -8.31
N ALA C 264 -114.03 -55.09 -7.71
CA ALA C 264 -113.14 -54.15 -8.36
C ALA C 264 -112.02 -54.85 -9.13
N TYR C 265 -111.85 -56.15 -8.89
CA TYR C 265 -110.72 -56.87 -9.46
C TYR C 265 -111.15 -58.00 -10.40
N ARG C 266 -112.44 -58.33 -10.38
CA ARG C 266 -112.98 -59.45 -11.14
C ARG C 266 -112.68 -59.38 -12.63
N HIS C 267 -112.79 -58.18 -13.20
CA HIS C 267 -112.58 -57.98 -14.63
C HIS C 267 -111.10 -58.13 -15.02
N ILE C 268 -110.22 -58.25 -14.02
CA ILE C 268 -108.80 -58.39 -14.26
C ILE C 268 -108.30 -59.73 -13.72
N ALA C 269 -109.23 -60.52 -13.18
CA ALA C 269 -108.92 -61.79 -12.52
C ALA C 269 -108.05 -62.73 -13.37
N ASP C 270 -108.25 -62.70 -14.68
CA ASP C 270 -107.47 -63.54 -15.58
C ASP C 270 -106.02 -63.07 -15.69
N ARG C 271 -105.75 -61.85 -15.23
CA ARG C 271 -104.41 -61.29 -15.30
C ARG C 271 -103.80 -61.05 -13.92
N MET C 272 -104.56 -61.36 -12.87
CA MET C 272 -104.10 -61.18 -11.50
C MET C 272 -103.64 -62.50 -10.89
N GLY C 273 -102.85 -62.42 -9.82
CA GLY C 273 -102.47 -63.59 -9.06
C GLY C 273 -101.07 -64.11 -9.34
N THR C 274 -100.57 -64.91 -8.41
CA THR C 274 -99.26 -65.56 -8.54
C THR C 274 -99.07 -66.44 -9.79
N PRO C 275 -100.07 -67.28 -10.15
CA PRO C 275 -99.82 -68.12 -11.33
C PRO C 275 -99.63 -67.30 -12.61
N HIS C 276 -100.42 -66.24 -12.75
CA HIS C 276 -100.28 -65.34 -13.89
C HIS C 276 -98.96 -64.61 -13.82
N LEU C 277 -98.56 -64.26 -12.61
CA LEU C 277 -97.31 -63.55 -12.37
C LEU C 277 -96.10 -64.34 -12.85
N GLN C 278 -96.10 -65.64 -12.59
CA GLN C 278 -95.01 -66.51 -13.02
C GLN C 278 -94.95 -66.59 -14.55
N LYS C 279 -96.13 -66.58 -15.18
CA LYS C 279 -96.20 -66.63 -16.63
C LYS C 279 -95.68 -65.32 -17.24
N VAL C 280 -96.02 -64.20 -16.61
CA VAL C 280 -95.56 -62.89 -17.06
C VAL C 280 -94.04 -62.76 -16.91
N LEU C 281 -93.55 -63.12 -15.72
CA LEU C 281 -92.12 -63.02 -15.44
C LEU C 281 -91.30 -63.93 -16.36
N ASN C 282 -91.79 -65.14 -16.61
CA ASN C 282 -91.13 -66.06 -17.53
C ASN C 282 -91.09 -65.51 -18.95
N GLN C 283 -92.19 -64.88 -19.37
CA GLN C 283 -92.30 -64.35 -20.73
C GLN C 283 -91.42 -63.12 -20.93
N GLN C 284 -91.53 -62.14 -20.03
CA GLN C 284 -90.80 -60.88 -20.16
C GLN C 284 -89.29 -61.08 -20.02
N LEU C 285 -88.87 -61.97 -19.13
CA LEU C 285 -87.45 -62.23 -18.93
C LEU C 285 -86.84 -62.89 -20.16
N THR C 286 -87.54 -63.88 -20.71
CA THR C 286 -87.10 -64.57 -21.91
C THR C 286 -86.95 -63.58 -23.08
N ASN C 287 -87.96 -62.73 -23.24
CA ASN C 287 -87.95 -61.72 -24.30
C ASN C 287 -86.86 -60.67 -24.09
N HIS C 288 -86.60 -60.34 -22.83
CA HIS C 288 -85.58 -59.36 -22.49
C HIS C 288 -84.18 -59.89 -22.80
N ILE C 289 -83.97 -61.17 -22.52
CA ILE C 289 -82.69 -61.81 -22.78
C ILE C 289 -82.43 -61.94 -24.28
N ARG C 290 -83.46 -62.33 -25.02
CA ARG C 290 -83.36 -62.51 -26.47
C ARG C 290 -82.86 -61.26 -27.19
N ASP C 291 -83.34 -60.10 -26.76
CA ASP C 291 -82.97 -58.83 -27.38
C ASP C 291 -81.52 -58.42 -27.10
N THR C 292 -81.06 -58.68 -25.87
CA THR C 292 -79.76 -58.19 -25.42
C THR C 292 -78.62 -59.20 -25.57
N LEU C 293 -78.97 -60.47 -25.76
CA LEU C 293 -77.95 -61.53 -25.86
C LEU C 293 -76.98 -61.40 -27.04
N PRO C 294 -77.50 -61.11 -28.26
CA PRO C 294 -76.53 -60.96 -29.37
C PRO C 294 -75.56 -59.79 -29.16
N ASN C 295 -76.02 -58.75 -28.49
CA ASN C 295 -75.16 -57.61 -28.18
C ASN C 295 -74.15 -57.95 -27.10
N PHE C 296 -74.61 -58.61 -26.05
CA PHE C 296 -73.76 -59.00 -24.93
C PHE C 296 -72.65 -59.96 -25.38
N ARG C 297 -73.02 -60.92 -26.22
CA ARG C 297 -72.08 -61.88 -26.79
C ARG C 297 -70.95 -61.16 -27.54
N ASN C 298 -71.31 -60.11 -28.26
CA ASN C 298 -70.35 -59.33 -29.03
C ASN C 298 -69.51 -58.41 -28.15
N LYS C 299 -70.18 -57.67 -27.26
CA LYS C 299 -69.51 -56.71 -26.39
C LYS C 299 -68.56 -57.38 -25.40
N LEU C 300 -68.78 -58.66 -25.13
CA LEU C 300 -67.88 -59.43 -24.28
C LEU C 300 -66.70 -59.94 -25.10
N GLN C 301 -66.96 -60.38 -26.32
CA GLN C 301 -65.94 -60.90 -27.22
C GLN C 301 -64.91 -59.83 -27.57
N GLY C 302 -65.32 -58.57 -27.48
CA GLY C 302 -64.43 -57.46 -27.75
C GLY C 302 -63.42 -57.28 -26.63
N GLN C 303 -63.88 -57.46 -25.40
CA GLN C 303 -63.04 -57.30 -24.23
C GLN C 303 -62.11 -58.50 -24.05
N LEU C 304 -62.56 -59.66 -24.54
CA LEU C 304 -61.88 -60.92 -24.30
C LEU C 304 -60.53 -61.03 -25.02
N LEU C 305 -60.47 -60.54 -26.24
CA LEU C 305 -59.24 -60.56 -27.02
C LEU C 305 -58.22 -59.56 -26.49
N SER C 306 -58.70 -58.36 -26.18
CA SER C 306 -57.84 -57.26 -25.74
C SER C 306 -57.06 -57.60 -24.48
N ILE C 307 -57.71 -58.26 -23.53
CA ILE C 307 -57.08 -58.62 -22.27
C ILE C 307 -56.12 -59.81 -22.38
N GLU C 308 -56.41 -60.72 -23.31
CA GLU C 308 -55.61 -61.94 -23.49
C GLU C 308 -54.16 -61.63 -23.88
N HIS C 309 -53.97 -60.61 -24.69
CA HIS C 309 -52.64 -60.24 -25.17
C HIS C 309 -51.69 -59.88 -24.06
N GLU C 310 -52.15 -59.00 -23.18
CA GLU C 310 -51.36 -58.54 -22.04
C GLU C 310 -51.10 -59.67 -21.06
N VAL C 311 -52.09 -60.53 -20.84
CA VAL C 311 -51.89 -61.68 -19.97
C VAL C 311 -50.87 -62.61 -20.63
N GLU C 312 -51.10 -62.92 -21.90
CA GLU C 312 -50.19 -63.74 -22.70
C GLU C 312 -49.86 -65.02 -21.93
N ALA C 313 -48.58 -65.33 -21.84
CA ALA C 313 -48.07 -66.26 -20.85
C ALA C 313 -46.96 -65.54 -20.11
N TYR C 314 -46.73 -65.92 -18.86
CA TYR C 314 -45.67 -65.34 -18.06
C TYR C 314 -44.32 -65.48 -18.75
N LYS C 315 -44.13 -66.61 -19.42
CA LYS C 315 -42.94 -66.88 -20.23
C LYS C 315 -41.65 -66.72 -19.43
N ASN C 316 -41.68 -67.11 -18.17
CA ASN C 316 -40.49 -67.07 -17.34
C ASN C 316 -39.93 -68.47 -17.09
N PHE C 317 -38.60 -68.60 -17.15
CA PHE C 317 -37.98 -69.91 -17.08
C PHE C 317 -37.94 -70.35 -15.63
N LYS C 318 -38.55 -71.50 -15.32
CA LYS C 318 -38.53 -72.06 -13.98
C LYS C 318 -39.09 -71.04 -12.97
N PRO C 319 -38.77 -71.16 -11.66
CA PRO C 319 -39.21 -69.96 -10.93
C PRO C 319 -38.07 -68.99 -10.59
N GLU C 320 -38.32 -67.71 -10.86
CA GLU C 320 -37.40 -66.61 -10.55
C GLU C 320 -35.98 -66.84 -11.03
N ASP C 321 -35.82 -67.11 -12.32
CA ASP C 321 -34.49 -67.29 -12.90
C ASP C 321 -33.89 -65.95 -13.31
N PRO C 322 -32.55 -65.87 -13.31
CA PRO C 322 -31.83 -64.65 -13.75
C PRO C 322 -32.14 -64.24 -15.19
N THR C 323 -32.76 -65.12 -15.96
CA THR C 323 -33.08 -64.81 -17.35
C THR C 323 -34.20 -63.80 -17.50
N ARG C 324 -35.13 -63.79 -16.53
CA ARG C 324 -36.28 -62.89 -16.62
C ARG C 324 -36.13 -61.66 -15.75
N LYS C 325 -35.25 -61.74 -14.75
CA LYS C 325 -35.02 -60.62 -13.86
C LYS C 325 -33.99 -59.65 -14.42
N THR C 326 -32.91 -60.20 -14.96
CA THR C 326 -31.83 -59.39 -15.50
C THR C 326 -32.27 -58.66 -16.77
N LYS C 327 -32.88 -59.39 -17.69
CA LYS C 327 -33.35 -58.82 -18.95
C LYS C 327 -34.41 -57.74 -18.73
N ALA C 328 -35.24 -57.94 -17.72
CA ALA C 328 -36.26 -56.95 -17.38
C ALA C 328 -35.60 -55.70 -16.78
N LEU C 329 -34.76 -55.90 -15.78
CA LEU C 329 -34.00 -54.81 -15.17
C LEU C 329 -33.23 -53.98 -16.19
N LEU C 330 -32.41 -54.65 -16.98
CA LEU C 330 -31.58 -54.00 -17.98
C LEU C 330 -32.38 -53.13 -18.93
N GLN C 331 -33.47 -53.68 -19.48
CA GLN C 331 -34.29 -52.93 -20.42
C GLN C 331 -34.99 -51.73 -19.80
N MET C 332 -35.50 -51.90 -18.58
CA MET C 332 -36.15 -50.79 -17.86
C MET C 332 -35.21 -49.61 -17.57
N VAL C 333 -34.03 -49.91 -17.01
CA VAL C 333 -33.03 -48.89 -16.72
C VAL C 333 -32.64 -48.15 -18.00
N GLN C 334 -32.33 -48.90 -19.05
CA GLN C 334 -31.99 -48.31 -20.33
C GLN C 334 -33.10 -47.39 -20.83
N GLN C 335 -34.36 -47.80 -20.66
CA GLN C 335 -35.49 -46.94 -21.01
C GLN C 335 -35.44 -45.66 -20.18
N PHE C 336 -35.23 -45.80 -18.88
CA PHE C 336 -35.09 -44.67 -17.95
C PHE C 336 -34.00 -43.68 -18.36
N ALA C 337 -32.84 -44.21 -18.72
CA ALA C 337 -31.71 -43.39 -19.16
C ALA C 337 -32.11 -42.54 -20.36
N VAL C 338 -32.77 -43.16 -21.34
CA VAL C 338 -33.19 -42.46 -22.55
C VAL C 338 -34.25 -41.42 -22.24
N ASP C 339 -35.21 -41.79 -21.40
CA ASP C 339 -36.25 -40.88 -20.96
C ASP C 339 -35.61 -39.61 -20.40
N PHE C 340 -34.62 -39.82 -19.54
CA PHE C 340 -33.91 -38.71 -18.90
C PHE C 340 -33.16 -37.85 -19.90
N GLU C 341 -32.40 -38.47 -20.79
CA GLU C 341 -31.67 -37.71 -21.81
C GLU C 341 -32.63 -36.89 -22.69
N LYS C 342 -33.77 -37.49 -23.03
CA LYS C 342 -34.77 -36.84 -23.88
C LYS C 342 -35.38 -35.60 -23.21
N ARG C 343 -35.78 -35.74 -21.96
CA ARG C 343 -36.30 -34.61 -21.19
C ARG C 343 -35.29 -33.46 -21.04
N ILE C 344 -34.07 -33.81 -20.69
CA ILE C 344 -33.05 -32.82 -20.30
C ILE C 344 -32.43 -32.16 -21.53
N GLU C 345 -32.83 -32.59 -22.72
CA GLU C 345 -32.26 -32.03 -23.93
C GLU C 345 -33.35 -31.54 -24.88
N GLY C 346 -34.60 -31.92 -24.58
CA GLY C 346 -35.73 -31.54 -25.41
C GLY C 346 -36.01 -30.05 -25.40
N LEU C 356 -44.66 -29.33 -19.63
CA LEU C 356 -43.43 -28.69 -20.10
C LEU C 356 -42.22 -29.56 -19.78
N SER C 357 -41.33 -29.72 -20.76
CA SER C 357 -40.15 -30.56 -20.59
C SER C 357 -39.10 -29.95 -19.67
N GLY C 358 -38.26 -30.82 -19.10
CA GLY C 358 -37.14 -30.40 -18.29
C GLY C 358 -36.13 -29.51 -19.00
N GLY C 359 -35.62 -29.99 -20.13
CA GLY C 359 -34.58 -29.31 -20.87
C GLY C 359 -34.94 -27.92 -21.39
N ALA C 360 -36.20 -27.76 -21.79
CA ALA C 360 -36.68 -26.46 -22.26
C ALA C 360 -36.71 -25.46 -21.11
N SER C 361 -37.16 -25.92 -19.94
CA SER C 361 -37.17 -25.12 -18.73
C SER C 361 -35.76 -24.69 -18.31
N ILE C 362 -34.81 -25.60 -18.42
CA ILE C 362 -33.41 -25.27 -18.13
C ILE C 362 -32.93 -24.11 -18.98
N ASN C 363 -33.26 -24.14 -20.26
CA ASN C 363 -32.97 -23.01 -21.13
C ASN C 363 -33.57 -21.73 -20.57
N ARG C 364 -34.79 -21.82 -20.05
CA ARG C 364 -35.47 -20.67 -19.44
C ARG C 364 -34.75 -20.19 -18.18
N ILE C 365 -34.29 -21.13 -17.36
CA ILE C 365 -33.50 -20.77 -16.18
C ILE C 365 -32.25 -19.98 -16.57
N PHE C 366 -31.47 -20.56 -17.47
CA PHE C 366 -30.22 -19.97 -17.91
C PHE C 366 -30.39 -18.61 -18.57
N HIS C 367 -31.34 -18.52 -19.51
CA HIS C 367 -31.38 -17.37 -20.39
C HIS C 367 -32.56 -16.44 -20.13
N GLU C 368 -33.32 -16.72 -19.08
CA GLU C 368 -34.42 -15.83 -18.75
C GLU C 368 -34.49 -15.50 -17.27
N ARG C 369 -34.34 -16.54 -16.44
CA ARG C 369 -34.44 -16.39 -15.00
C ARG C 369 -33.19 -15.72 -14.45
N PHE C 370 -32.04 -16.39 -14.60
CA PHE C 370 -30.76 -15.87 -14.14
C PHE C 370 -30.53 -14.39 -14.48
N PRO C 371 -30.65 -13.99 -15.77
CA PRO C 371 -30.56 -12.56 -16.06
C PRO C 371 -31.51 -11.69 -15.25
N PHE C 372 -32.75 -12.14 -15.10
CA PHE C 372 -33.77 -11.34 -14.42
C PHE C 372 -33.48 -11.21 -12.93
N GLU C 373 -33.04 -12.30 -12.32
CA GLU C 373 -32.65 -12.27 -10.91
C GLU C 373 -31.53 -11.24 -10.69
N ILE C 374 -30.61 -11.18 -11.65
CA ILE C 374 -29.52 -10.20 -11.65
C ILE C 374 -30.05 -8.77 -11.75
N VAL C 375 -30.86 -8.51 -12.77
CA VAL C 375 -31.46 -7.20 -12.97
C VAL C 375 -32.23 -6.75 -11.73
N LYS C 376 -32.86 -7.71 -11.03
CA LYS C 376 -33.73 -7.39 -9.91
C LYS C 376 -33.03 -6.78 -8.67
N MET C 377 -31.74 -7.04 -8.49
CA MET C 377 -31.06 -6.52 -7.31
C MET C 377 -30.66 -5.05 -7.46
N GLU C 378 -31.46 -4.18 -6.82
CA GLU C 378 -31.35 -2.73 -6.98
C GLU C 378 -30.02 -2.18 -6.49
N PHE C 379 -29.48 -1.24 -7.26
CA PHE C 379 -28.22 -0.57 -6.91
C PHE C 379 -28.34 0.36 -5.71
N ASN C 380 -29.54 0.91 -5.50
CA ASN C 380 -29.78 1.90 -4.44
C ASN C 380 -28.81 3.05 -4.67
N GLU C 381 -28.78 3.52 -5.92
CA GLU C 381 -27.71 4.35 -6.45
C GLU C 381 -27.37 5.59 -5.63
N LYS C 382 -28.39 6.29 -5.12
CA LYS C 382 -28.14 7.49 -4.34
C LYS C 382 -27.25 7.18 -3.13
N GLU C 383 -27.52 6.05 -2.47
CA GLU C 383 -26.75 5.62 -1.32
C GLU C 383 -25.41 5.01 -1.76
N LEU C 384 -25.37 4.48 -2.98
CA LEU C 384 -24.14 3.93 -3.55
C LEU C 384 -23.12 5.00 -3.88
N ARG C 385 -23.59 6.11 -4.45
CA ARG C 385 -22.71 7.22 -4.80
C ARG C 385 -22.05 7.78 -3.56
N ARG C 386 -22.81 7.86 -2.48
CA ARG C 386 -22.28 8.28 -1.18
C ARG C 386 -21.15 7.35 -0.76
N GLU C 387 -21.35 6.05 -0.93
CA GLU C 387 -20.33 5.05 -0.62
C GLU C 387 -19.07 5.29 -1.43
N ILE C 388 -19.24 5.58 -2.73
CA ILE C 388 -18.11 5.82 -3.60
C ILE C 388 -17.31 7.06 -3.19
N SER C 389 -18.02 8.16 -2.97
CA SER C 389 -17.40 9.43 -2.57
C SER C 389 -16.60 9.27 -1.28
N TYR C 390 -17.17 8.57 -0.31
CA TYR C 390 -16.46 8.26 0.92
C TYR C 390 -15.24 7.42 0.62
N ALA C 391 -15.39 6.51 -0.32
CA ALA C 391 -14.30 5.58 -0.68
C ALA C 391 -13.10 6.29 -1.29
N ILE C 392 -13.34 7.28 -2.15
CA ILE C 392 -12.25 7.98 -2.83
C ILE C 392 -11.51 8.88 -1.85
N LYS C 393 -12.23 9.42 -0.88
CA LYS C 393 -11.60 10.23 0.15
C LYS C 393 -10.74 9.38 1.08
N ASN C 394 -11.08 8.12 1.23
CA ASN C 394 -10.39 7.23 2.17
C ASN C 394 -9.06 6.68 1.66
N ILE C 395 -8.94 6.49 0.35
CA ILE C 395 -7.65 6.12 -0.23
C ILE C 395 -6.71 7.31 -0.13
N HIS C 396 -7.22 8.46 -0.52
CA HIS C 396 -6.45 9.68 -0.54
C HIS C 396 -6.02 10.05 0.86
N GLY C 397 -6.95 9.95 1.82
CA GLY C 397 -6.75 10.39 3.20
C GLY C 397 -5.33 10.43 3.74
N ILE C 398 -4.92 11.60 4.25
CA ILE C 398 -3.56 11.97 4.68
C ILE C 398 -2.66 12.34 3.51
N ARG C 399 -3.04 11.96 2.29
CA ARG C 399 -2.37 12.48 1.12
C ARG C 399 -3.30 13.52 0.53
N THR C 400 -3.03 13.97 -0.69
CA THR C 400 -3.84 15.04 -1.26
C THR C 400 -4.06 14.92 -2.75
N GLY C 401 -5.29 15.23 -3.16
CA GLY C 401 -5.64 15.51 -4.54
C GLY C 401 -5.13 14.64 -5.67
N LEU C 402 -4.74 15.29 -6.75
CA LEU C 402 -4.42 14.62 -8.02
C LEU C 402 -3.37 13.53 -7.88
N PHE C 403 -3.58 12.42 -8.59
CA PHE C 403 -4.77 12.27 -9.42
C PHE C 403 -5.81 11.38 -8.74
N THR C 404 -6.93 11.14 -9.42
CA THR C 404 -8.03 10.39 -8.83
C THR C 404 -7.62 8.96 -8.48
N PRO C 405 -8.03 8.48 -7.30
CA PRO C 405 -7.63 7.18 -6.75
C PRO C 405 -8.00 6.03 -7.65
N ASP C 406 -6.97 5.41 -8.25
CA ASP C 406 -7.13 4.24 -9.09
C ASP C 406 -7.80 3.11 -8.29
N MET C 407 -7.40 3.00 -7.03
CA MET C 407 -7.84 1.92 -6.14
C MET C 407 -9.28 2.10 -5.66
N ALA C 408 -9.77 3.33 -5.63
CA ALA C 408 -11.15 3.57 -5.23
C ALA C 408 -12.12 2.95 -6.22
N PHE C 409 -11.81 3.04 -7.51
CA PHE C 409 -12.63 2.40 -8.55
C PHE C 409 -12.73 0.91 -8.30
N GLU C 410 -11.57 0.27 -8.20
CA GLU C 410 -11.48 -1.16 -7.91
C GLU C 410 -12.25 -1.56 -6.65
N ALA C 411 -12.13 -0.74 -5.61
CA ALA C 411 -12.79 -0.97 -4.34
C ALA C 411 -14.30 -1.12 -4.50
N ILE C 412 -14.91 -0.20 -5.25
CA ILE C 412 -16.35 -0.21 -5.44
C ILE C 412 -16.81 -1.37 -6.30
N VAL C 413 -16.08 -1.63 -7.38
CA VAL C 413 -16.40 -2.75 -8.27
C VAL C 413 -16.40 -4.08 -7.55
N LYS C 414 -15.32 -4.36 -6.82
CA LYS C 414 -15.20 -5.60 -6.06
C LYS C 414 -16.41 -5.82 -5.16
N LYS C 415 -16.95 -4.74 -4.61
CA LYS C 415 -18.20 -4.80 -3.85
C LYS C 415 -19.35 -5.35 -4.71
N GLN C 416 -19.57 -4.73 -5.87
CA GLN C 416 -20.61 -5.14 -6.80
C GLN C 416 -20.49 -6.57 -7.35
N ILE C 417 -19.28 -7.01 -7.67
CA ILE C 417 -19.08 -8.35 -8.23
C ILE C 417 -19.47 -9.42 -7.21
N VAL C 418 -19.07 -9.23 -5.97
CA VAL C 418 -19.42 -10.13 -4.88
C VAL C 418 -20.95 -10.34 -4.80
N LYS C 419 -21.72 -9.36 -5.24
CA LYS C 419 -23.17 -9.45 -5.09
C LYS C 419 -23.80 -10.42 -6.10
N LEU C 420 -22.99 -11.00 -6.98
CA LEU C 420 -23.50 -11.95 -7.96
C LEU C 420 -23.51 -13.38 -7.43
N LYS C 421 -23.07 -13.57 -6.20
CA LYS C 421 -23.03 -14.91 -5.62
C LYS C 421 -24.44 -15.40 -5.31
N GLY C 422 -25.27 -14.49 -4.80
CA GLY C 422 -26.64 -14.83 -4.48
C GLY C 422 -27.44 -15.39 -5.64
N PRO C 423 -27.71 -14.55 -6.66
CA PRO C 423 -28.48 -15.00 -7.83
C PRO C 423 -27.83 -16.15 -8.58
N SER C 424 -26.53 -16.34 -8.38
CA SER C 424 -25.84 -17.38 -9.12
C SER C 424 -26.03 -18.74 -8.42
N LEU C 425 -25.88 -18.76 -7.10
CA LEU C 425 -26.17 -19.96 -6.32
C LEU C 425 -27.64 -20.34 -6.44
N LYS C 426 -28.51 -19.33 -6.42
CA LYS C 426 -29.95 -19.55 -6.58
C LYS C 426 -30.22 -20.29 -7.88
N SER C 427 -29.54 -19.86 -8.94
CA SER C 427 -29.68 -20.47 -10.26
C SER C 427 -29.38 -21.97 -10.22
N VAL C 428 -28.27 -22.35 -9.59
CA VAL C 428 -27.92 -23.75 -9.43
C VAL C 428 -29.04 -24.53 -8.74
N ASP C 429 -29.65 -23.94 -7.72
CA ASP C 429 -30.75 -24.59 -7.02
C ASP C 429 -31.95 -24.78 -7.93
N LEU C 430 -32.34 -23.72 -8.64
CA LEU C 430 -33.43 -23.80 -9.61
C LEU C 430 -33.20 -24.89 -10.67
N VAL C 431 -31.94 -25.21 -10.93
CA VAL C 431 -31.60 -26.26 -11.89
C VAL C 431 -31.72 -27.61 -11.21
N ILE C 432 -31.22 -27.69 -9.98
CA ILE C 432 -31.33 -28.89 -9.17
C ILE C 432 -32.79 -29.29 -8.98
N GLN C 433 -33.65 -28.29 -8.85
CA GLN C 433 -35.07 -28.52 -8.65
C GLN C 433 -35.67 -29.17 -9.89
N GLU C 434 -35.41 -28.57 -11.06
CA GLU C 434 -35.91 -29.13 -12.31
C GLU C 434 -35.30 -30.49 -12.62
N LEU C 435 -34.07 -30.71 -12.19
CA LEU C 435 -33.42 -31.99 -12.44
C LEU C 435 -34.03 -33.10 -11.58
N ILE C 436 -34.23 -32.80 -10.30
CA ILE C 436 -34.79 -33.80 -9.38
C ILE C 436 -36.27 -34.07 -9.72
N ASN C 437 -36.99 -33.05 -10.16
CA ASN C 437 -38.35 -33.25 -10.67
C ASN C 437 -38.41 -34.18 -11.87
N THR C 438 -37.42 -34.08 -12.75
CA THR C 438 -37.43 -34.86 -13.99
C THR C 438 -37.14 -36.34 -13.75
N VAL C 439 -36.17 -36.64 -12.89
CA VAL C 439 -35.89 -38.03 -12.55
C VAL C 439 -37.11 -38.66 -11.88
N LYS C 440 -37.89 -37.85 -11.17
CA LYS C 440 -39.09 -38.34 -10.50
C LYS C 440 -40.22 -38.50 -11.51
N LYS C 441 -40.21 -37.67 -12.56
CA LYS C 441 -41.19 -37.79 -13.62
C LYS C 441 -40.98 -39.08 -14.41
N CYS C 442 -39.74 -39.29 -14.86
CA CYS C 442 -39.36 -40.49 -15.59
C CYS C 442 -39.65 -41.78 -14.83
N THR C 443 -39.45 -41.79 -13.51
CA THR C 443 -39.55 -43.02 -12.74
C THR C 443 -40.98 -43.42 -12.39
N LYS C 444 -41.96 -42.71 -12.93
CA LYS C 444 -43.34 -43.13 -12.77
C LYS C 444 -43.64 -44.27 -13.76
N LYS C 445 -42.82 -44.35 -14.80
CA LYS C 445 -42.89 -45.44 -15.77
C LYS C 445 -42.28 -46.72 -15.21
N LEU C 446 -41.64 -46.61 -14.04
CA LEU C 446 -41.05 -47.76 -13.38
C LEU C 446 -41.71 -48.03 -12.03
N ALA C 447 -42.83 -47.37 -11.80
CA ALA C 447 -43.58 -47.48 -10.54
C ALA C 447 -44.08 -48.89 -10.22
N ASN C 448 -44.32 -49.69 -11.26
CA ASN C 448 -44.76 -51.08 -11.08
C ASN C 448 -43.81 -51.90 -10.22
N PHE C 449 -42.55 -51.47 -10.14
CA PHE C 449 -41.56 -52.08 -9.26
C PHE C 449 -41.16 -51.11 -8.15
N PRO C 450 -41.82 -51.22 -6.98
CA PRO C 450 -41.66 -50.31 -5.84
C PRO C 450 -40.23 -50.18 -5.32
N ARG C 451 -39.54 -51.31 -5.12
CA ARG C 451 -38.18 -51.27 -4.59
C ARG C 451 -37.18 -50.69 -5.59
N LEU C 452 -37.40 -50.94 -6.88
CA LEU C 452 -36.51 -50.41 -7.91
C LEU C 452 -36.65 -48.89 -8.06
N CYS C 453 -37.88 -48.41 -8.24
CA CYS C 453 -38.14 -46.97 -8.36
C CYS C 453 -37.58 -46.24 -7.15
N GLU C 454 -37.82 -46.80 -5.96
CA GLU C 454 -37.27 -46.27 -4.72
C GLU C 454 -35.75 -46.18 -4.77
N GLU C 455 -35.10 -47.31 -4.96
CA GLU C 455 -33.64 -47.38 -4.99
C GLU C 455 -33.01 -46.55 -6.10
N THR C 456 -33.66 -46.50 -7.26
CA THR C 456 -33.18 -45.65 -8.35
C THR C 456 -33.25 -44.17 -7.99
N GLU C 457 -34.42 -43.74 -7.53
CA GLU C 457 -34.59 -42.37 -7.05
C GLU C 457 -33.53 -42.04 -6.00
N ARG C 458 -33.33 -42.99 -5.08
CA ARG C 458 -32.36 -42.83 -4.02
C ARG C 458 -30.96 -42.52 -4.54
N ILE C 459 -30.41 -43.43 -5.33
CA ILE C 459 -29.05 -43.28 -5.85
C ILE C 459 -28.86 -42.02 -6.70
N VAL C 460 -29.84 -41.70 -7.53
CA VAL C 460 -29.76 -40.53 -8.40
C VAL C 460 -29.86 -39.23 -7.58
N ALA C 461 -30.84 -39.20 -6.67
CA ALA C 461 -30.97 -38.07 -5.75
C ALA C 461 -29.68 -37.86 -4.97
N ASN C 462 -29.09 -38.97 -4.52
CA ASN C 462 -27.80 -38.91 -3.84
C ASN C 462 -26.73 -38.24 -4.69
N HIS C 463 -26.53 -38.74 -5.90
CA HIS C 463 -25.55 -38.20 -6.84
C HIS C 463 -25.73 -36.70 -7.06
N ILE C 464 -26.98 -36.26 -7.17
CA ILE C 464 -27.30 -34.85 -7.32
C ILE C 464 -26.70 -34.02 -6.20
N ARG C 465 -26.91 -34.45 -4.96
CA ARG C 465 -26.37 -33.72 -3.81
C ARG C 465 -24.85 -33.70 -3.78
N GLU C 466 -24.23 -34.76 -4.27
CA GLU C 466 -22.77 -34.76 -4.36
C GLU C 466 -22.33 -33.72 -5.38
N ARG C 467 -22.95 -33.75 -6.55
CA ARG C 467 -22.69 -32.77 -7.60
C ARG C 467 -23.08 -31.37 -7.18
N GLU C 468 -24.06 -31.25 -6.29
CA GLU C 468 -24.48 -29.93 -5.78
C GLU C 468 -23.34 -29.17 -5.15
N GLY C 469 -22.56 -29.87 -4.32
CA GLY C 469 -21.41 -29.28 -3.67
C GLY C 469 -20.42 -28.75 -4.69
N LYS C 470 -19.91 -29.63 -5.53
CA LYS C 470 -18.83 -29.29 -6.45
C LYS C 470 -19.20 -28.16 -7.41
N THR C 471 -20.42 -28.18 -7.93
CA THR C 471 -20.82 -27.12 -8.85
C THR C 471 -20.92 -25.77 -8.15
N LYS C 472 -21.47 -25.75 -6.94
CA LYS C 472 -21.61 -24.50 -6.17
C LYS C 472 -20.25 -23.91 -5.87
N ASP C 473 -19.34 -24.75 -5.37
CA ASP C 473 -17.95 -24.35 -5.14
C ASP C 473 -17.38 -23.65 -6.36
N GLN C 474 -17.48 -24.29 -7.51
CA GLN C 474 -16.97 -23.74 -8.77
C GLN C 474 -17.67 -22.44 -9.13
N VAL C 475 -18.97 -22.35 -8.89
CA VAL C 475 -19.69 -21.10 -9.15
C VAL C 475 -19.17 -19.96 -8.30
N LEU C 476 -19.06 -20.18 -6.99
CA LEU C 476 -18.44 -19.22 -6.08
C LEU C 476 -17.04 -18.83 -6.54
N LEU C 477 -16.16 -19.82 -6.70
CA LEU C 477 -14.78 -19.62 -7.14
C LEU C 477 -14.65 -18.76 -8.39
N LEU C 478 -15.55 -19.00 -9.33
CA LEU C 478 -15.54 -18.27 -10.59
C LEU C 478 -15.79 -16.77 -10.36
N ILE C 479 -16.72 -16.46 -9.46
CA ILE C 479 -16.99 -15.08 -9.07
C ILE C 479 -15.84 -14.45 -8.26
N ASP C 480 -15.25 -15.26 -7.37
CA ASP C 480 -14.09 -14.83 -6.58
C ASP C 480 -12.94 -14.46 -7.50
N ILE C 481 -12.70 -15.28 -8.50
CA ILE C 481 -11.67 -15.00 -9.51
C ILE C 481 -11.89 -13.61 -10.10
N GLN C 482 -13.14 -13.27 -10.38
CA GLN C 482 -13.47 -11.97 -10.95
C GLN C 482 -13.09 -10.80 -10.04
N VAL C 483 -13.23 -10.94 -8.73
CA VAL C 483 -12.85 -9.86 -7.81
C VAL C 483 -11.34 -9.74 -7.62
N SER C 484 -10.60 -10.82 -7.77
CA SER C 484 -9.18 -10.81 -7.41
C SER C 484 -8.39 -9.89 -8.33
N TYR C 485 -8.74 -9.90 -9.61
CA TYR C 485 -8.08 -9.06 -10.60
C TYR C 485 -9.16 -8.35 -11.39
N ILE C 486 -9.03 -7.05 -11.58
CA ILE C 486 -10.03 -6.33 -12.36
C ILE C 486 -9.39 -5.71 -13.60
N ASN C 487 -9.44 -6.47 -14.70
CA ASN C 487 -8.81 -6.10 -15.96
C ASN C 487 -9.38 -4.84 -16.59
N THR C 488 -8.48 -3.98 -17.06
CA THR C 488 -8.83 -2.68 -17.60
C THR C 488 -8.50 -2.64 -19.09
N ASN C 489 -7.87 -3.69 -19.58
CA ASN C 489 -7.47 -3.74 -20.97
C ASN C 489 -8.51 -4.42 -21.86
N HIS C 490 -9.67 -4.74 -21.28
CA HIS C 490 -10.76 -5.30 -22.05
C HIS C 490 -11.25 -4.25 -23.04
N GLU C 491 -11.43 -4.64 -24.30
CA GLU C 491 -11.76 -3.69 -25.35
C GLU C 491 -13.15 -3.09 -25.16
N ASP C 492 -14.09 -3.88 -24.66
CA ASP C 492 -15.45 -3.39 -24.46
C ASP C 492 -15.55 -2.48 -23.24
N PHE C 493 -14.55 -2.54 -22.36
CA PHE C 493 -14.58 -1.77 -21.12
C PHE C 493 -14.24 -0.31 -21.31
N ILE C 494 -13.03 -0.07 -21.80
CA ILE C 494 -12.53 1.29 -21.87
C ILE C 494 -12.93 2.00 -23.16
N GLY C 495 -13.76 3.02 -23.01
CA GLY C 495 -13.91 3.99 -24.07
C GLY C 495 -12.65 4.78 -23.83
N PHE C 496 -12.73 5.67 -22.83
CA PHE C 496 -11.61 6.22 -22.06
C PHE C 496 -12.11 7.47 -21.34
N ALA C 497 -12.28 8.55 -22.11
CA ALA C 497 -12.77 9.81 -21.56
C ALA C 497 -14.29 9.79 -21.47
N ASN C 498 -14.80 8.84 -20.70
CA ASN C 498 -16.25 8.70 -20.47
C ASN C 498 -17.01 8.49 -21.77
N ALA C 499 -18.00 9.33 -22.03
CA ALA C 499 -18.79 9.25 -23.25
C ALA C 499 -17.99 9.76 -24.44
N GLN C 500 -18.67 9.96 -25.57
CA GLN C 500 -18.06 10.47 -26.80
C GLN C 500 -17.00 9.52 -27.37
N GLN C 501 -16.83 8.35 -26.77
CA GLN C 501 -15.91 7.35 -27.26
C GLN C 501 -16.44 5.94 -27.00
N ARG C 502 -17.15 5.78 -25.87
CA ARG C 502 -17.87 4.55 -25.61
C ARG C 502 -18.95 4.42 -26.68
N SER C 503 -19.16 3.21 -27.20
CA SER C 503 -20.12 3.01 -28.28
C SER C 503 -21.56 3.29 -27.85
N SER C 504 -21.80 4.52 -27.38
CA SER C 504 -23.12 4.93 -26.95
C SER C 504 -24.02 5.17 -28.17
N GLN C 505 -23.45 5.74 -29.22
CA GLN C 505 -24.19 6.01 -30.45
C GLN C 505 -23.81 4.99 -31.52
N VAL C 512 -33.84 -10.15 -32.01
CA VAL C 512 -33.14 -11.32 -32.54
C VAL C 512 -34.10 -12.08 -33.48
N GLY C 513 -34.40 -13.35 -33.21
CA GLY C 513 -35.30 -14.12 -34.04
C GLY C 513 -36.74 -14.01 -33.59
N ASN C 514 -37.68 -14.10 -34.54
CA ASN C 514 -39.10 -14.02 -34.22
C ASN C 514 -39.63 -15.29 -33.54
N GLN C 515 -38.74 -16.21 -33.22
CA GLN C 515 -39.10 -17.44 -32.54
C GLN C 515 -39.76 -17.15 -31.20
N VAL C 516 -40.80 -17.93 -30.88
CA VAL C 516 -41.58 -17.71 -29.67
C VAL C 516 -40.75 -17.82 -28.41
N ILE C 517 -40.79 -16.77 -27.58
CA ILE C 517 -40.08 -16.76 -26.32
C ILE C 517 -40.92 -17.40 -25.21
N ARG C 518 -42.24 -17.22 -25.30
CA ARG C 518 -43.17 -17.80 -24.33
C ARG C 518 -44.62 -17.62 -24.77
N LYS C 519 -45.47 -18.59 -24.42
CA LYS C 519 -46.90 -18.56 -24.72
C LYS C 519 -47.67 -18.87 -23.45
N GLY C 520 -48.78 -18.18 -23.22
CA GLY C 520 -49.59 -18.43 -22.06
C GLY C 520 -50.86 -17.60 -21.97
N TRP C 521 -51.80 -18.06 -21.15
CA TRP C 521 -53.02 -17.34 -20.90
C TRP C 521 -52.77 -16.17 -19.95
N LEU C 522 -53.39 -15.03 -20.24
CA LEU C 522 -53.29 -13.87 -19.36
C LEU C 522 -54.63 -13.15 -19.31
N THR C 523 -54.93 -12.54 -18.18
CA THR C 523 -56.15 -11.75 -18.05
C THR C 523 -55.81 -10.27 -18.11
N ILE C 524 -56.48 -9.54 -19.00
CA ILE C 524 -56.27 -8.11 -19.10
C ILE C 524 -57.19 -7.37 -18.13
N SER C 525 -56.60 -6.82 -17.07
CA SER C 525 -57.35 -6.16 -16.02
C SER C 525 -57.62 -4.69 -16.35
N ASN C 526 -56.85 -4.16 -17.29
CA ASN C 526 -56.89 -2.74 -17.60
C ASN C 526 -58.21 -2.23 -18.17
N ILE C 527 -58.92 -3.10 -18.89
CA ILE C 527 -60.17 -2.70 -19.54
C ILE C 527 -61.21 -2.25 -18.53
N GLY C 528 -61.90 -1.16 -18.86
CA GLY C 528 -62.83 -0.54 -17.93
C GLY C 528 -63.95 -1.46 -17.49
N ILE C 529 -64.36 -1.31 -16.23
CA ILE C 529 -65.47 -2.09 -15.70
C ILE C 529 -66.72 -1.84 -16.52
N MET C 530 -66.93 -0.58 -16.91
CA MET C 530 -68.03 -0.23 -17.79
C MET C 530 -67.50 0.05 -19.19
N LYS C 531 -68.31 -0.33 -20.19
CA LYS C 531 -68.08 -0.08 -21.62
C LYS C 531 -67.01 -1.02 -22.21
N GLY C 532 -66.40 -1.84 -21.37
CA GLY C 532 -65.38 -2.76 -21.85
C GLY C 532 -65.66 -4.20 -21.49
N GLY C 533 -65.00 -4.68 -20.44
CA GLY C 533 -65.23 -6.02 -19.94
C GLY C 533 -63.91 -6.64 -19.51
N SER C 534 -63.96 -7.87 -19.00
CA SER C 534 -62.74 -8.59 -18.72
C SER C 534 -62.75 -9.94 -19.44
N LYS C 535 -61.74 -10.18 -20.25
CA LYS C 535 -61.65 -11.43 -21.00
C LYS C 535 -60.24 -12.00 -20.97
N GLY C 536 -60.13 -13.32 -21.09
CA GLY C 536 -58.85 -13.99 -21.10
C GLY C 536 -58.42 -14.23 -22.53
N TYR C 537 -57.14 -14.01 -22.81
CA TYR C 537 -56.62 -14.17 -24.16
C TYR C 537 -55.39 -15.04 -24.15
N TRP C 538 -55.06 -15.60 -25.32
CA TRP C 538 -53.87 -16.43 -25.46
C TRP C 538 -52.72 -15.59 -25.98
N PHE C 539 -51.73 -15.32 -25.12
CA PHE C 539 -50.65 -14.42 -25.47
C PHE C 539 -49.44 -15.13 -26.03
N VAL C 540 -48.84 -14.52 -27.06
CA VAL C 540 -47.66 -15.05 -27.71
C VAL C 540 -46.59 -13.97 -27.76
N LEU C 541 -45.48 -14.21 -27.08
CA LEU C 541 -44.40 -13.24 -27.01
C LEU C 541 -43.21 -13.67 -27.85
N THR C 542 -42.73 -12.75 -28.66
CA THR C 542 -41.56 -12.99 -29.50
C THR C 542 -40.56 -11.90 -29.23
N ALA C 543 -39.44 -11.91 -29.95
CA ALA C 543 -38.42 -10.90 -29.75
C ALA C 543 -38.84 -9.56 -30.36
N GLU C 544 -39.91 -9.57 -31.16
CA GLU C 544 -40.34 -8.37 -31.86
C GLU C 544 -41.69 -7.84 -31.38
N SER C 545 -42.62 -8.73 -31.06
CA SER C 545 -43.96 -8.29 -30.69
C SER C 545 -44.59 -9.13 -29.60
N LEU C 546 -45.69 -8.62 -29.07
CA LEU C 546 -46.52 -9.37 -28.13
C LEU C 546 -47.92 -9.45 -28.67
N SER C 547 -48.33 -10.64 -29.12
CA SER C 547 -49.64 -10.81 -29.74
C SER C 547 -50.53 -11.65 -28.84
N TRP C 548 -51.83 -11.41 -28.92
CA TRP C 548 -52.78 -12.22 -28.18
C TRP C 548 -53.94 -12.67 -29.06
N TYR C 549 -54.32 -13.93 -28.89
CA TYR C 549 -55.36 -14.58 -29.69
C TYR C 549 -56.57 -14.91 -28.83
N LYS C 550 -57.65 -15.39 -29.46
CA LYS C 550 -58.84 -15.74 -28.70
C LYS C 550 -58.60 -16.99 -27.87
N ASP C 551 -57.86 -17.94 -28.43
CA ASP C 551 -57.54 -19.18 -27.72
C ASP C 551 -56.24 -19.77 -28.24
N ASP C 552 -55.77 -20.85 -27.59
CA ASP C 552 -54.46 -21.43 -27.89
C ASP C 552 -54.40 -22.12 -29.24
N GLU C 553 -55.48 -22.05 -30.00
CA GLU C 553 -55.51 -22.58 -31.36
C GLU C 553 -54.88 -21.58 -32.32
N GLU C 554 -54.83 -20.33 -31.87
CA GLU C 554 -54.24 -19.22 -32.63
C GLU C 554 -54.88 -19.06 -34.01
N LYS C 555 -56.20 -19.20 -34.07
CA LYS C 555 -56.94 -19.03 -35.31
C LYS C 555 -57.36 -17.58 -35.53
N GLU C 556 -57.50 -16.84 -34.44
CA GLU C 556 -57.96 -15.45 -34.51
C GLU C 556 -57.08 -14.53 -33.68
N LYS C 557 -56.33 -13.68 -34.35
CA LYS C 557 -55.46 -12.73 -33.66
C LYS C 557 -56.14 -11.40 -33.45
N LYS C 558 -56.34 -11.03 -32.18
CA LYS C 558 -57.04 -9.81 -31.83
C LYS C 558 -56.17 -8.56 -31.99
N TYR C 559 -54.87 -8.70 -31.71
CA TYR C 559 -53.94 -7.57 -31.78
C TYR C 559 -52.51 -8.09 -31.77
N MET C 560 -51.58 -7.27 -32.24
CA MET C 560 -50.16 -7.56 -32.14
C MET C 560 -49.45 -6.28 -31.72
N LEU C 561 -48.79 -6.31 -30.58
CA LEU C 561 -48.16 -5.12 -30.04
C LEU C 561 -46.65 -5.18 -30.16
N PRO C 562 -46.05 -4.18 -30.84
CA PRO C 562 -44.60 -4.08 -31.03
C PRO C 562 -43.88 -3.83 -29.70
N LEU C 563 -42.73 -4.48 -29.51
CA LEU C 563 -41.99 -4.34 -28.28
C LEU C 563 -41.15 -3.06 -28.20
N ASP C 564 -41.17 -2.28 -29.27
CA ASP C 564 -40.38 -1.05 -29.32
C ASP C 564 -40.77 -0.08 -28.20
N ASN C 565 -39.77 0.36 -27.45
CA ASN C 565 -39.94 1.38 -26.42
C ASN C 565 -40.89 0.98 -25.28
N LEU C 566 -41.13 -0.32 -25.13
CA LEU C 566 -41.97 -0.83 -24.05
C LEU C 566 -41.21 -0.93 -22.73
N LYS C 567 -41.91 -0.74 -21.62
CA LYS C 567 -41.34 -0.96 -20.29
C LYS C 567 -42.35 -1.68 -19.39
N VAL C 568 -41.92 -2.09 -18.21
CA VAL C 568 -42.77 -2.89 -17.32
C VAL C 568 -42.91 -2.27 -15.95
N ARG C 569 -44.14 -2.21 -15.46
CA ARG C 569 -44.42 -1.67 -14.14
C ARG C 569 -45.34 -2.60 -13.36
N ASP C 570 -45.11 -2.72 -12.07
CA ASP C 570 -45.91 -3.60 -11.23
C ASP C 570 -47.06 -2.86 -10.54
N VAL C 571 -48.28 -3.33 -10.76
CA VAL C 571 -49.46 -2.75 -10.11
C VAL C 571 -49.43 -3.05 -8.62
N GLU C 572 -49.90 -2.12 -7.81
CA GLU C 572 -49.95 -2.31 -6.36
C GLU C 572 -50.89 -3.45 -5.99
N LYS C 573 -50.54 -4.17 -4.92
CA LYS C 573 -51.31 -5.31 -4.43
C LYS C 573 -52.81 -5.05 -4.35
N SER C 578 -55.84 -11.23 -4.05
CA SER C 578 -55.65 -12.59 -4.56
C SER C 578 -55.15 -12.58 -5.99
N LYS C 579 -54.97 -11.39 -6.55
CA LYS C 579 -54.53 -11.23 -7.93
C LYS C 579 -53.24 -10.43 -8.01
N HIS C 580 -52.35 -10.84 -8.92
CA HIS C 580 -51.12 -10.10 -9.16
C HIS C 580 -51.09 -9.53 -10.58
N ILE C 581 -51.04 -8.21 -10.67
CA ILE C 581 -51.09 -7.51 -11.96
C ILE C 581 -49.76 -6.85 -12.27
N PHE C 582 -49.48 -6.68 -13.57
CA PHE C 582 -48.32 -5.91 -14.03
C PHE C 582 -48.71 -5.24 -15.33
N ALA C 583 -47.92 -4.27 -15.78
CA ALA C 583 -48.34 -3.46 -16.92
C ALA C 583 -47.21 -3.08 -17.85
N LEU C 584 -47.55 -2.92 -19.13
CA LEU C 584 -46.60 -2.45 -20.13
C LEU C 584 -46.98 -1.06 -20.58
N PHE C 585 -45.99 -0.18 -20.74
CA PHE C 585 -46.28 1.17 -21.21
C PHE C 585 -45.20 1.68 -22.16
N ASN C 586 -45.61 2.49 -23.13
CA ASN C 586 -44.68 3.07 -24.07
C ASN C 586 -44.05 4.32 -23.47
N THR C 587 -42.72 4.33 -23.41
CA THR C 587 -42.00 5.45 -22.84
C THR C 587 -42.11 6.71 -23.70
N GLU C 588 -42.32 6.54 -25.00
CA GLU C 588 -42.22 7.66 -25.93
C GLU C 588 -43.59 8.19 -26.38
N GLN C 589 -44.67 7.60 -25.87
CA GLN C 589 -46.02 8.10 -26.17
C GLN C 589 -47.02 7.70 -25.09
N ARG C 590 -48.23 8.26 -25.16
CA ARG C 590 -49.24 8.06 -24.13
C ARG C 590 -49.73 6.62 -24.07
N ASN C 591 -50.44 6.19 -25.10
CA ASN C 591 -51.03 4.85 -25.10
C ASN C 591 -50.10 3.83 -25.71
N VAL C 592 -50.02 2.67 -25.06
CA VAL C 592 -49.14 1.61 -25.54
C VAL C 592 -49.88 0.73 -26.54
N TYR C 593 -51.16 0.46 -26.29
CA TYR C 593 -52.01 -0.24 -27.26
C TYR C 593 -53.36 0.45 -27.35
N LYS C 594 -53.78 0.77 -28.57
CA LYS C 594 -55.08 1.39 -28.83
C LYS C 594 -55.30 2.69 -28.05
N ASP C 595 -56.48 2.87 -27.48
CA ASP C 595 -56.79 4.08 -26.73
C ASP C 595 -56.52 3.91 -25.23
N TYR C 596 -56.19 2.68 -24.83
CA TYR C 596 -55.87 2.40 -23.43
C TYR C 596 -54.45 2.85 -23.11
N ARG C 597 -54.34 3.69 -22.07
CA ARG C 597 -53.06 4.24 -21.63
C ARG C 597 -51.93 3.22 -21.50
N PHE C 598 -52.12 2.22 -20.64
CA PHE C 598 -51.18 1.10 -20.56
C PHE C 598 -51.89 -0.23 -20.36
N LEU C 599 -51.23 -1.31 -20.74
CA LEU C 599 -51.84 -2.64 -20.75
C LEU C 599 -51.60 -3.42 -19.46
N GLU C 600 -52.61 -3.51 -18.60
CA GLU C 600 -52.47 -4.25 -17.36
C GLU C 600 -52.74 -5.73 -17.57
N LEU C 601 -51.77 -6.57 -17.24
CA LEU C 601 -51.89 -8.02 -17.40
C LEU C 601 -51.84 -8.70 -16.03
N ALA C 602 -52.67 -9.72 -15.83
CA ALA C 602 -52.77 -10.34 -14.50
C ALA C 602 -52.55 -11.85 -14.54
N CYS C 603 -52.06 -12.40 -13.43
CA CYS C 603 -51.85 -13.84 -13.30
C CYS C 603 -52.35 -14.33 -11.94
N ASP C 604 -52.84 -15.57 -11.91
CA ASP C 604 -53.41 -16.14 -10.69
C ASP C 604 -52.37 -16.44 -9.61
N SER C 605 -51.09 -16.46 -9.99
CA SER C 605 -50.02 -16.71 -9.03
C SER C 605 -48.90 -15.69 -9.12
N GLN C 606 -48.17 -15.53 -8.02
CA GLN C 606 -47.08 -14.56 -7.94
C GLN C 606 -45.86 -14.99 -8.75
N GLU C 607 -45.57 -16.29 -8.75
CA GLU C 607 -44.41 -16.79 -9.47
C GLU C 607 -44.60 -16.59 -10.98
N ASP C 608 -45.85 -16.59 -11.42
CA ASP C 608 -46.17 -16.42 -12.84
C ASP C 608 -45.85 -15.02 -13.36
N VAL C 609 -46.20 -13.98 -12.61
CA VAL C 609 -45.91 -12.61 -13.05
C VAL C 609 -44.39 -12.38 -13.08
N ASP C 610 -43.68 -12.94 -12.12
CA ASP C 610 -42.23 -12.83 -12.07
C ASP C 610 -41.62 -13.56 -13.27
N SER C 611 -42.29 -14.61 -13.72
CA SER C 611 -41.82 -15.38 -14.87
C SER C 611 -42.03 -14.62 -16.18
N TRP C 612 -43.18 -13.95 -16.29
CA TRP C 612 -43.47 -13.17 -17.49
C TRP C 612 -42.56 -11.94 -17.60
N LYS C 613 -42.31 -11.31 -16.46
CA LYS C 613 -41.44 -10.14 -16.42
C LYS C 613 -40.04 -10.54 -16.85
N ALA C 614 -39.66 -11.78 -16.51
CA ALA C 614 -38.35 -12.30 -16.86
C ALA C 614 -38.26 -12.58 -18.36
N SER C 615 -39.37 -12.97 -18.95
CA SER C 615 -39.41 -13.29 -20.37
C SER C 615 -39.38 -12.01 -21.20
N LEU C 616 -40.07 -10.99 -20.71
CA LEU C 616 -40.03 -9.70 -21.37
C LEU C 616 -38.62 -9.13 -21.38
N LEU C 617 -37.93 -9.28 -20.25
CA LEU C 617 -36.53 -8.89 -20.14
C LEU C 617 -35.69 -9.52 -21.25
N ARG C 618 -35.95 -10.80 -21.51
CA ARG C 618 -35.30 -11.55 -22.57
C ARG C 618 -35.64 -10.98 -23.94
N ALA C 619 -36.82 -10.39 -24.05
CA ALA C 619 -37.31 -9.85 -25.31
C ALA C 619 -36.84 -8.41 -25.50
N GLY C 620 -36.15 -7.87 -24.50
CA GLY C 620 -35.56 -6.55 -24.59
C GLY C 620 -36.36 -5.42 -23.99
N VAL C 621 -37.46 -5.76 -23.31
CA VAL C 621 -38.22 -4.74 -22.59
C VAL C 621 -37.94 -4.82 -21.08
N TYR C 622 -37.25 -3.80 -20.58
CA TYR C 622 -36.79 -3.73 -19.19
C TYR C 622 -37.82 -3.07 -18.29
N PRO C 623 -37.80 -3.41 -16.99
CA PRO C 623 -38.71 -2.78 -16.02
C PRO C 623 -38.17 -1.42 -15.57
N ASP C 624 -39.02 -0.40 -15.51
CA ASP C 624 -38.52 0.94 -15.17
C ASP C 624 -38.03 0.98 -13.73
N LYS C 625 -36.97 1.76 -13.51
CA LYS C 625 -36.21 1.78 -12.26
C LYS C 625 -36.90 2.45 -11.07
N SER C 626 -37.77 3.41 -11.35
CA SER C 626 -38.03 4.59 -10.49
C SER C 626 -37.98 4.45 -8.96
N VAL C 627 -37.19 5.32 -8.34
CA VAL C 627 -37.32 5.68 -6.93
C VAL C 627 -37.64 7.16 -6.76
N PHE C 639 -25.39 20.21 -3.18
CA PHE C 639 -24.83 19.50 -2.03
C PHE C 639 -23.68 20.30 -1.41
N SER C 640 -23.22 19.86 -0.25
CA SER C 640 -22.10 20.50 0.45
C SER C 640 -20.77 20.32 -0.29
N MET C 641 -20.64 19.17 -0.96
CA MET C 641 -19.38 18.78 -1.59
C MET C 641 -18.92 19.76 -2.68
N ASP C 642 -17.60 19.93 -2.77
CA ASP C 642 -17.00 20.81 -3.76
C ASP C 642 -17.12 20.22 -5.17
N PRO C 643 -17.16 21.10 -6.19
CA PRO C 643 -17.36 20.66 -7.58
C PRO C 643 -16.34 19.65 -8.08
N GLN C 644 -15.09 19.75 -7.64
CA GLN C 644 -14.03 18.84 -8.09
C GLN C 644 -14.28 17.39 -7.67
N LEU C 645 -14.90 17.18 -6.51
CA LEU C 645 -15.21 15.83 -6.05
C LEU C 645 -16.38 15.24 -6.81
N GLU C 646 -17.38 16.07 -7.08
CA GLU C 646 -18.55 15.63 -7.84
C GLU C 646 -18.12 15.16 -9.23
N ARG C 647 -17.20 15.89 -9.84
CA ARG C 647 -16.62 15.50 -11.12
C ARG C 647 -15.86 14.18 -10.96
N GLN C 648 -15.14 14.07 -9.86
CA GLN C 648 -14.35 12.88 -9.56
C GLN C 648 -15.26 11.67 -9.32
N VAL C 649 -16.36 11.88 -8.60
CA VAL C 649 -17.35 10.85 -8.34
C VAL C 649 -18.14 10.49 -9.61
N GLU C 650 -18.34 11.48 -10.48
CA GLU C 650 -19.06 11.25 -11.72
C GLU C 650 -18.27 10.38 -12.69
N THR C 651 -16.95 10.55 -12.70
CA THR C 651 -16.11 9.78 -13.61
C THR C 651 -16.04 8.32 -13.18
N ILE C 652 -15.80 8.10 -11.90
CA ILE C 652 -15.69 6.75 -11.35
C ILE C 652 -17.02 5.98 -11.44
N ARG C 653 -18.14 6.69 -11.29
CA ARG C 653 -19.46 6.07 -11.36
C ARG C 653 -19.74 5.47 -12.75
N ASN C 654 -19.42 6.21 -13.80
CA ASN C 654 -19.55 5.71 -15.16
C ASN C 654 -18.64 4.52 -15.42
N LEU C 655 -17.43 4.58 -14.88
CA LEU C 655 -16.47 3.47 -14.97
C LEU C 655 -17.01 2.19 -14.35
N VAL C 656 -17.54 2.29 -13.13
CA VAL C 656 -18.11 1.13 -12.46
C VAL C 656 -19.26 0.55 -13.29
N ASP C 657 -20.15 1.42 -13.76
CA ASP C 657 -21.27 1.00 -14.59
C ASP C 657 -20.78 0.26 -15.84
N SER C 658 -19.77 0.81 -16.49
CA SER C 658 -19.21 0.23 -17.69
C SER C 658 -18.61 -1.15 -17.46
N TYR C 659 -17.73 -1.27 -16.46
CA TYR C 659 -17.07 -2.54 -16.18
C TYR C 659 -18.09 -3.61 -15.79
N MET C 660 -19.07 -3.24 -14.99
CA MET C 660 -20.12 -4.18 -14.61
C MET C 660 -20.84 -4.76 -15.83
N SER C 661 -21.18 -3.89 -16.78
CA SER C 661 -21.73 -4.31 -18.07
C SER C 661 -20.91 -5.44 -18.68
N ILE C 662 -19.60 -5.23 -18.76
CA ILE C 662 -18.68 -6.25 -19.24
C ILE C 662 -18.74 -7.53 -18.42
N ILE C 663 -18.68 -7.40 -17.10
CA ILE C 663 -18.74 -8.57 -16.23
C ILE C 663 -20.06 -9.31 -16.34
N ASN C 664 -21.17 -8.60 -16.16
CA ASN C 664 -22.50 -9.18 -16.27
C ASN C 664 -22.64 -10.03 -17.54
N LYS C 665 -22.25 -9.48 -18.69
CA LYS C 665 -22.25 -10.25 -19.93
C LYS C 665 -21.48 -11.57 -19.83
N CYS C 666 -20.25 -11.51 -19.31
CA CYS C 666 -19.45 -12.72 -19.18
C CYS C 666 -20.14 -13.71 -18.25
N ILE C 667 -20.48 -13.27 -17.04
CA ILE C 667 -21.07 -14.17 -16.07
C ILE C 667 -22.43 -14.74 -16.50
N ARG C 668 -23.29 -13.94 -17.10
CA ARG C 668 -24.58 -14.46 -17.57
C ARG C 668 -24.36 -15.59 -18.57
N ASP C 669 -23.33 -15.45 -19.38
CA ASP C 669 -22.93 -16.50 -20.31
C ASP C 669 -22.26 -17.67 -19.60
N LEU C 670 -21.43 -17.37 -18.62
CA LEU C 670 -20.49 -18.36 -18.09
C LEU C 670 -21.07 -19.29 -17.03
N ILE C 671 -21.95 -18.77 -16.20
CA ILE C 671 -22.51 -19.61 -15.14
C ILE C 671 -23.36 -20.75 -15.70
N PRO C 672 -24.23 -20.49 -16.70
CA PRO C 672 -24.92 -21.62 -17.34
C PRO C 672 -23.96 -22.70 -17.84
N LYS C 673 -22.90 -22.30 -18.54
CA LYS C 673 -21.92 -23.26 -19.06
C LYS C 673 -21.29 -24.06 -17.93
N THR C 674 -21.06 -23.41 -16.80
CA THR C 674 -20.50 -24.08 -15.65
C THR C 674 -21.48 -25.10 -15.07
N ILE C 675 -22.76 -24.72 -15.01
CA ILE C 675 -23.79 -25.59 -14.46
C ILE C 675 -24.01 -26.76 -15.41
N MET C 676 -24.09 -26.43 -16.69
CA MET C 676 -24.19 -27.43 -17.75
C MET C 676 -23.15 -28.52 -17.62
N HIS C 677 -21.89 -28.11 -17.50
CA HIS C 677 -20.76 -29.03 -17.51
C HIS C 677 -20.63 -29.83 -16.22
N LEU C 678 -20.77 -29.14 -15.09
CA LEU C 678 -20.61 -29.79 -13.80
C LEU C 678 -21.84 -30.57 -13.32
N MET C 679 -23.04 -30.13 -13.71
CA MET C 679 -24.23 -30.81 -13.23
C MET C 679 -25.02 -31.55 -14.32
N ILE C 680 -25.52 -30.80 -15.29
CA ILE C 680 -26.42 -31.38 -16.29
C ILE C 680 -25.74 -32.48 -17.09
N ASN C 681 -24.61 -32.16 -17.70
CA ASN C 681 -23.88 -33.15 -18.49
C ASN C 681 -23.38 -34.29 -17.62
N ASN C 682 -23.00 -33.97 -16.38
CA ASN C 682 -22.44 -34.96 -15.48
C ASN C 682 -23.46 -35.97 -14.97
N VAL C 683 -24.57 -35.46 -14.46
CA VAL C 683 -25.66 -36.32 -14.00
C VAL C 683 -26.18 -37.19 -15.14
N LYS C 684 -26.37 -36.57 -16.31
CA LYS C 684 -26.79 -37.27 -17.51
C LYS C 684 -25.92 -38.49 -17.78
N ASP C 685 -24.61 -38.27 -17.91
CA ASP C 685 -23.65 -39.35 -18.13
C ASP C 685 -23.66 -40.39 -17.01
N PHE C 686 -23.81 -39.93 -15.77
CA PHE C 686 -23.90 -40.84 -14.62
C PHE C 686 -25.01 -41.86 -14.78
N ILE C 687 -26.21 -41.37 -15.03
CA ILE C 687 -27.38 -42.21 -15.20
C ILE C 687 -27.15 -43.30 -16.23
N ASN C 688 -26.51 -42.95 -17.34
CA ASN C 688 -26.28 -43.92 -18.41
C ASN C 688 -25.32 -45.05 -18.08
N SER C 689 -24.30 -44.75 -17.29
CA SER C 689 -23.23 -45.73 -17.11
C SER C 689 -23.07 -46.21 -15.68
N GLU C 690 -22.95 -45.28 -14.75
CA GLU C 690 -22.68 -45.63 -13.37
C GLU C 690 -23.92 -46.18 -12.64
N LEU C 691 -25.10 -45.74 -13.03
CA LEU C 691 -26.34 -46.10 -12.31
C LEU C 691 -26.57 -47.60 -12.23
N LEU C 692 -26.51 -48.29 -13.36
CA LEU C 692 -26.77 -49.72 -13.39
C LEU C 692 -25.76 -50.43 -12.50
N ALA C 693 -24.50 -50.03 -12.60
CA ALA C 693 -23.44 -50.61 -11.78
C ALA C 693 -23.70 -50.39 -10.29
N GLN C 694 -24.19 -49.20 -9.93
CA GLN C 694 -24.51 -48.88 -8.54
C GLN C 694 -25.65 -49.75 -8.01
N LEU C 695 -26.67 -49.96 -8.84
CA LEU C 695 -27.81 -50.80 -8.47
C LEU C 695 -27.40 -52.24 -8.18
N TYR C 696 -26.51 -52.76 -9.01
CA TYR C 696 -25.98 -54.11 -8.89
C TYR C 696 -25.16 -54.30 -7.60
N SER C 697 -24.30 -53.33 -7.30
CA SER C 697 -23.44 -53.40 -6.12
C SER C 697 -24.23 -53.26 -4.82
N SER C 698 -25.21 -52.37 -4.83
CA SER C 698 -25.97 -52.04 -3.62
C SER C 698 -26.77 -53.25 -3.13
N GLU C 699 -27.38 -53.96 -4.07
CA GLU C 699 -28.16 -55.15 -3.74
C GLU C 699 -28.14 -56.15 -4.89
N ASP C 700 -28.39 -57.41 -4.56
CA ASP C 700 -28.51 -58.47 -5.56
C ASP C 700 -29.73 -58.23 -6.44
N GLN C 701 -29.56 -58.44 -7.75
CA GLN C 701 -30.65 -58.29 -8.73
C GLN C 701 -31.86 -59.16 -8.39
N ASN C 702 -31.63 -60.18 -7.57
CA ASN C 702 -32.71 -61.05 -7.11
C ASN C 702 -33.69 -60.36 -6.19
N THR C 703 -33.21 -59.38 -5.44
CA THR C 703 -34.01 -58.75 -4.40
C THR C 703 -34.83 -57.52 -4.83
N LEU C 704 -34.26 -56.66 -5.68
CA LEU C 704 -34.90 -55.37 -5.96
C LEU C 704 -36.08 -55.46 -6.95
N MET C 705 -36.11 -56.50 -7.76
CA MET C 705 -37.19 -56.67 -8.72
C MET C 705 -38.24 -57.64 -8.23
N GLU C 706 -38.27 -57.87 -6.92
CA GLU C 706 -39.14 -58.89 -6.33
C GLU C 706 -40.61 -58.48 -6.29
N GLU C 707 -40.90 -57.40 -5.59
CA GLU C 707 -42.27 -57.01 -5.27
C GLU C 707 -43.00 -56.37 -6.45
N SER C 708 -44.29 -56.67 -6.55
CA SER C 708 -45.19 -56.06 -7.53
C SER C 708 -46.64 -56.38 -7.17
N ALA C 709 -47.04 -55.99 -5.96
CA ALA C 709 -48.37 -56.31 -5.45
C ALA C 709 -49.52 -55.67 -6.22
N GLU C 710 -49.34 -54.42 -6.65
CA GLU C 710 -50.41 -53.72 -7.35
C GLU C 710 -50.59 -54.28 -8.76
N GLN C 711 -49.48 -54.58 -9.41
CA GLN C 711 -49.51 -55.20 -10.73
C GLN C 711 -50.07 -56.62 -10.63
N ALA C 712 -49.63 -57.35 -9.61
CA ALA C 712 -50.10 -58.71 -9.39
C ALA C 712 -51.59 -58.74 -9.08
N GLN C 713 -52.06 -57.77 -8.30
CA GLN C 713 -53.47 -57.72 -7.92
C GLN C 713 -54.34 -57.51 -9.15
N ARG C 714 -53.87 -56.66 -10.07
CA ARG C 714 -54.58 -56.48 -11.32
C ARG C 714 -54.44 -57.72 -12.19
N ARG C 715 -53.22 -58.25 -12.26
CA ARG C 715 -52.96 -59.47 -13.03
C ARG C 715 -53.69 -60.69 -12.47
N ASP C 716 -53.73 -60.79 -11.15
CA ASP C 716 -54.48 -61.88 -10.51
C ASP C 716 -55.95 -61.72 -10.86
N GLU C 717 -56.41 -60.48 -10.91
CA GLU C 717 -57.79 -60.22 -11.30
C GLU C 717 -57.95 -60.55 -12.77
N MET C 718 -56.93 -60.25 -13.57
CA MET C 718 -56.93 -60.57 -15.00
C MET C 718 -56.77 -62.06 -15.23
N LEU C 719 -55.94 -62.72 -14.42
CA LEU C 719 -55.72 -64.16 -14.55
C LEU C 719 -57.01 -64.93 -14.27
N ARG C 720 -57.76 -64.47 -13.27
CA ARG C 720 -59.06 -65.07 -12.96
C ARG C 720 -60.08 -64.63 -14.00
N MET C 721 -59.87 -63.42 -14.52
CA MET C 721 -60.69 -62.87 -15.58
C MET C 721 -60.65 -63.72 -16.84
N TYR C 722 -59.44 -64.09 -17.28
CA TYR C 722 -59.25 -64.88 -18.48
C TYR C 722 -59.93 -66.25 -18.42
N GLN C 723 -59.61 -67.01 -17.37
CA GLN C 723 -60.17 -68.35 -17.20
C GLN C 723 -61.69 -68.31 -17.13
N ALA C 724 -62.24 -67.22 -16.59
CA ALA C 724 -63.68 -67.07 -16.46
C ALA C 724 -64.34 -66.66 -17.78
N LEU C 725 -63.78 -65.68 -18.47
CA LEU C 725 -64.37 -65.18 -19.71
C LEU C 725 -64.35 -66.21 -20.84
N LYS C 726 -63.32 -67.07 -20.85
CA LYS C 726 -63.20 -68.08 -21.88
C LYS C 726 -64.25 -69.16 -21.72
N GLU C 727 -64.48 -69.57 -20.47
CA GLU C 727 -65.50 -70.56 -20.17
C GLU C 727 -66.90 -69.98 -20.37
N ALA C 728 -67.06 -68.70 -20.03
CA ALA C 728 -68.35 -68.04 -20.13
C ALA C 728 -68.90 -68.01 -21.56
N LEU C 729 -68.09 -67.55 -22.50
CA LEU C 729 -68.52 -67.47 -23.89
C LEU C 729 -68.57 -68.83 -24.57
N GLY C 730 -67.76 -69.76 -24.08
CA GLY C 730 -67.69 -71.10 -24.64
C GLY C 730 -68.99 -71.88 -24.49
N ILE C 731 -69.75 -71.57 -23.46
CA ILE C 731 -71.00 -72.29 -23.23
C ILE C 731 -72.14 -71.66 -24.04
N ILE C 732 -72.21 -70.33 -24.07
CA ILE C 732 -73.24 -69.63 -24.84
C ILE C 732 -72.95 -69.72 -26.35
N GLY C 733 -73.52 -68.78 -27.10
CA GLY C 733 -73.32 -68.68 -28.53
C GLY C 733 -74.54 -68.04 -29.18
N ASP C 734 -74.49 -67.90 -30.50
CA ASP C 734 -75.62 -67.36 -31.24
C ASP C 734 -76.82 -68.30 -31.14
N ILE C 735 -76.54 -69.60 -31.24
CA ILE C 735 -77.54 -70.65 -31.11
C ILE C 735 -78.73 -70.45 -32.05
N MET D 6 53.29 25.37 23.01
CA MET D 6 52.98 24.12 22.32
C MET D 6 54.18 23.63 21.51
N GLU D 7 54.77 22.53 21.96
CA GLU D 7 55.92 21.96 21.28
C GLU D 7 55.65 20.51 20.85
N GLU D 8 54.59 19.93 21.41
CA GLU D 8 54.19 18.57 21.04
C GLU D 8 53.25 18.58 19.84
N LEU D 9 53.55 19.42 18.86
CA LEU D 9 52.74 19.51 17.66
C LEU D 9 53.33 18.71 16.50
N ILE D 10 54.61 18.94 16.22
CA ILE D 10 55.31 18.24 15.15
C ILE D 10 55.46 16.74 15.41
N PRO D 11 55.87 16.34 16.64
CA PRO D 11 55.93 14.89 16.87
C PRO D 11 54.57 14.21 16.76
N LEU D 12 53.50 14.92 17.10
CA LEU D 12 52.16 14.36 17.07
C LEU D 12 51.73 13.94 15.65
N VAL D 13 51.93 14.81 14.67
CA VAL D 13 51.54 14.49 13.30
C VAL D 13 52.45 13.40 12.72
N ASN D 14 53.70 13.35 13.17
CA ASN D 14 54.63 12.29 12.78
C ASN D 14 54.15 10.92 13.22
N ARG D 15 53.59 10.86 14.43
CA ARG D 15 53.10 9.60 14.99
C ARG D 15 51.84 9.08 14.30
N LEU D 16 50.95 9.98 13.89
CA LEU D 16 49.71 9.59 13.21
C LEU D 16 49.97 8.94 11.85
N GLN D 17 50.87 9.53 11.07
CA GLN D 17 51.23 8.98 9.77
C GLN D 17 51.84 7.59 9.89
N ASP D 18 52.72 7.44 10.87
CA ASP D 18 53.39 6.16 11.13
C ASP D 18 52.43 5.05 11.58
N ALA D 19 51.49 5.41 12.45
CA ALA D 19 50.55 4.46 13.03
C ALA D 19 49.60 3.83 12.01
N PHE D 20 49.21 4.63 11.02
CA PHE D 20 48.22 4.21 10.02
C PHE D 20 48.76 3.24 8.98
N SER D 21 50.08 3.24 8.80
CA SER D 21 50.73 2.41 7.78
C SER D 21 50.52 0.92 8.05
N ALA D 22 50.63 0.55 9.32
CA ALA D 22 50.56 -0.85 9.74
C ALA D 22 49.10 -1.31 9.85
N LEU D 23 48.18 -0.36 9.77
CA LEU D 23 46.76 -0.64 9.97
C LEU D 23 45.94 -0.85 8.70
N GLY D 24 46.58 -0.96 7.54
CA GLY D 24 45.82 -1.20 6.32
C GLY D 24 45.33 0.06 5.64
N GLN D 25 44.33 0.69 6.25
CA GLN D 25 43.68 1.90 5.73
C GLN D 25 44.55 3.15 5.93
N SER D 26 45.71 3.16 5.29
CA SER D 26 46.62 4.30 5.34
C SER D 26 46.30 5.42 4.34
N CYS D 27 45.37 5.16 3.43
CA CYS D 27 44.95 6.16 2.45
C CYS D 27 43.48 6.53 2.63
N LEU D 28 42.75 5.68 3.35
CA LEU D 28 41.33 5.93 3.60
C LEU D 28 41.19 7.09 4.59
N LEU D 29 42.18 7.25 5.44
CA LEU D 29 42.22 8.37 6.38
C LEU D 29 43.12 9.47 5.83
N GLU D 30 42.53 10.63 5.54
CA GLU D 30 43.27 11.72 4.92
C GLU D 30 43.92 12.63 5.95
N LEU D 31 45.15 12.29 6.34
CA LEU D 31 45.92 13.08 7.29
C LEU D 31 46.39 14.38 6.68
N PRO D 32 46.50 15.43 7.50
CA PRO D 32 47.03 16.72 7.03
C PRO D 32 48.56 16.74 6.97
N GLN D 33 49.13 17.01 5.80
CA GLN D 33 50.58 17.12 5.70
C GLN D 33 50.96 17.92 4.47
N ILE D 34 52.16 18.50 4.48
CA ILE D 34 52.65 19.24 3.33
C ILE D 34 52.84 18.32 2.13
N ALA D 35 52.46 18.80 0.94
CA ALA D 35 52.62 18.04 -0.29
C ALA D 35 53.53 18.80 -1.24
N VAL D 36 54.53 18.10 -1.80
CA VAL D 36 55.49 18.76 -2.67
C VAL D 36 55.12 18.60 -4.14
N VAL D 37 54.86 19.71 -4.81
CA VAL D 37 54.39 19.69 -6.19
C VAL D 37 55.36 20.41 -7.12
N GLY D 38 55.71 19.76 -8.23
CA GLY D 38 56.60 20.38 -9.19
C GLY D 38 56.63 19.73 -10.55
N GLY D 39 56.97 20.51 -11.57
CA GLY D 39 57.19 19.99 -12.91
C GLY D 39 58.46 19.17 -12.93
N GLN D 40 58.57 18.23 -13.86
CA GLN D 40 59.75 17.36 -13.96
C GLN D 40 61.08 18.12 -14.03
N SER D 41 61.03 19.33 -14.57
CA SER D 41 62.24 20.14 -14.75
C SER D 41 62.51 21.10 -13.59
N ALA D 42 61.67 21.05 -12.56
CA ALA D 42 61.78 21.99 -11.45
C ALA D 42 62.96 21.69 -10.53
N GLY D 43 63.49 20.49 -10.60
CA GLY D 43 64.63 20.13 -9.77
C GLY D 43 64.26 19.91 -8.31
N LYS D 44 63.04 19.45 -8.05
CA LYS D 44 62.55 19.23 -6.68
C LYS D 44 63.34 18.14 -5.92
N SER D 45 63.93 17.19 -6.64
CA SER D 45 64.75 16.16 -6.01
C SER D 45 65.99 16.76 -5.35
N SER D 46 66.59 17.73 -6.02
CA SER D 46 67.79 18.39 -5.51
C SER D 46 67.50 19.11 -4.20
N VAL D 47 66.32 19.71 -4.10
CA VAL D 47 65.89 20.41 -2.90
C VAL D 47 65.86 19.49 -1.68
N LEU D 48 65.25 18.32 -1.86
CA LEU D 48 65.13 17.34 -0.78
C LEU D 48 66.51 16.78 -0.41
N GLU D 49 67.32 16.49 -1.42
CA GLU D 49 68.65 15.95 -1.18
C GLU D 49 69.57 16.98 -0.51
N ASN D 50 69.31 18.26 -0.73
CA ASN D 50 70.12 19.28 -0.08
C ASN D 50 69.72 19.47 1.37
N PHE D 51 68.50 19.05 1.70
CA PHE D 51 68.02 19.09 3.08
C PHE D 51 68.72 17.99 3.85
N VAL D 52 68.67 16.78 3.30
CA VAL D 52 69.28 15.60 3.90
C VAL D 52 70.80 15.70 3.88
N GLY D 53 71.32 16.34 2.84
CA GLY D 53 72.76 16.50 2.66
C GLY D 53 73.40 15.26 2.06
N ARG D 54 72.56 14.42 1.45
CA ARG D 54 73.03 13.19 0.82
C ARG D 54 72.15 12.84 -0.37
N ASP D 55 72.76 12.25 -1.40
CA ASP D 55 71.99 11.75 -2.54
C ASP D 55 71.33 10.45 -2.11
N PHE D 56 70.01 10.40 -2.23
CA PHE D 56 69.25 9.24 -1.76
C PHE D 56 67.98 9.01 -2.57
N LEU D 57 67.69 9.89 -3.52
CA LEU D 57 66.50 9.73 -4.35
C LEU D 57 66.87 9.03 -5.65
N PRO D 58 65.96 8.20 -6.17
CA PRO D 58 66.15 7.46 -7.43
C PRO D 58 66.55 8.39 -8.57
N ARG D 59 67.37 7.88 -9.48
CA ARG D 59 67.84 8.67 -10.61
C ARG D 59 67.42 8.04 -11.93
N GLY D 60 67.00 8.88 -12.86
CA GLY D 60 66.56 8.43 -14.17
C GLY D 60 65.92 9.55 -14.97
N SER D 61 65.60 9.26 -16.22
CA SER D 61 64.91 10.22 -17.06
C SER D 61 63.42 10.27 -16.68
N GLY D 62 62.86 11.47 -16.71
CA GLY D 62 61.45 11.65 -16.36
C GLY D 62 61.16 11.56 -14.88
N ILE D 63 60.28 10.64 -14.51
CA ILE D 63 59.81 10.50 -13.12
C ILE D 63 60.85 9.92 -12.17
N VAL D 64 61.00 10.55 -11.00
CA VAL D 64 61.89 10.05 -9.97
C VAL D 64 61.08 9.46 -8.82
N THR D 65 59.89 10.01 -8.62
CA THR D 65 58.95 9.52 -7.60
C THR D 65 57.70 8.94 -8.26
N ARG D 66 57.52 7.63 -8.13
CA ARG D 66 56.39 6.96 -8.73
C ARG D 66 55.35 6.61 -7.67
N ARG D 67 55.70 6.81 -6.40
CA ARG D 67 54.77 6.58 -5.31
C ARG D 67 54.91 7.71 -4.32
N PRO D 68 53.80 8.10 -3.68
CA PRO D 68 53.93 9.18 -2.70
C PRO D 68 54.97 8.85 -1.64
N LEU D 69 55.98 9.71 -1.50
CA LEU D 69 57.00 9.49 -0.50
C LEU D 69 56.85 10.45 0.68
N VAL D 70 56.50 9.90 1.83
CA VAL D 70 56.33 10.69 3.03
C VAL D 70 57.70 10.76 3.71
N LEU D 71 58.37 11.90 3.56
CA LEU D 71 59.71 12.04 4.09
C LEU D 71 59.68 12.82 5.39
N GLN D 72 59.98 12.12 6.48
CA GLN D 72 59.98 12.72 7.80
C GLN D 72 61.42 12.96 8.24
N LEU D 73 61.82 14.23 8.27
CA LEU D 73 63.18 14.56 8.68
C LEU D 73 63.16 14.90 10.16
N VAL D 74 64.09 14.32 10.91
CA VAL D 74 64.16 14.52 12.36
C VAL D 74 65.56 14.90 12.78
N THR D 75 65.69 16.10 13.37
CA THR D 75 66.98 16.60 13.81
C THR D 75 67.57 15.65 14.85
N SER D 76 68.80 15.20 14.59
CA SER D 76 69.44 14.25 15.48
C SER D 76 70.96 14.40 15.45
N LYS D 77 71.62 13.93 16.50
CA LYS D 77 73.08 13.95 16.55
C LYS D 77 73.63 12.85 15.65
N ALA D 78 72.88 11.77 15.53
CA ALA D 78 73.26 10.64 14.71
C ALA D 78 72.65 10.72 13.31
N GLU D 79 73.15 9.91 12.39
CA GLU D 79 72.66 9.92 11.01
C GLU D 79 72.28 8.53 10.51
N TYR D 80 70.99 8.33 10.25
CA TYR D 80 70.47 7.07 9.74
C TYR D 80 69.05 7.18 9.22
N ALA D 81 68.62 6.18 8.45
CA ALA D 81 67.28 6.19 7.88
C ALA D 81 66.54 4.90 8.19
N GLU D 82 65.21 4.95 8.13
CA GLU D 82 64.39 3.77 8.38
C GLU D 82 63.08 3.82 7.57
N PHE D 83 62.70 2.66 7.02
CA PHE D 83 61.45 2.57 6.26
C PHE D 83 60.39 1.89 7.11
N LEU D 84 59.14 2.34 6.99
CA LEU D 84 58.05 1.76 7.77
C LEU D 84 57.79 0.32 7.34
N HIS D 85 58.07 0.05 6.06
CA HIS D 85 57.93 -1.28 5.49
C HIS D 85 59.14 -2.17 5.81
N CYS D 86 60.18 -1.58 6.38
CA CYS D 86 61.38 -2.31 6.77
C CYS D 86 61.59 -2.23 8.28
N LYS D 87 60.64 -2.78 9.03
CA LYS D 87 60.67 -2.76 10.50
C LYS D 87 62.03 -3.06 11.13
N GLY D 88 62.51 -2.12 11.95
CA GLY D 88 63.71 -2.30 12.72
C GLY D 88 65.04 -2.13 12.00
N LYS D 89 65.02 -2.16 10.67
CA LYS D 89 66.25 -2.04 9.89
C LYS D 89 66.74 -0.60 9.86
N LYS D 90 68.03 -0.43 10.08
CA LYS D 90 68.64 0.90 10.07
C LYS D 90 69.59 1.05 8.88
N PHE D 91 69.33 2.07 8.05
CA PHE D 91 70.18 2.38 6.91
C PHE D 91 71.17 3.48 7.27
N THR D 92 72.44 3.22 7.03
CA THR D 92 73.49 4.21 7.29
C THR D 92 74.14 4.66 5.99
N ASP D 93 74.00 3.84 4.94
CA ASP D 93 74.47 4.19 3.61
C ASP D 93 73.29 4.70 2.78
N PHE D 94 73.30 5.98 2.42
CA PHE D 94 72.20 6.58 1.70
C PHE D 94 72.04 6.03 0.29
N ASP D 95 73.09 5.37 -0.21
CA ASP D 95 73.01 4.72 -1.52
C ASP D 95 72.11 3.49 -1.42
N GLU D 96 72.09 2.89 -0.23
CA GLU D 96 71.25 1.72 0.01
C GLU D 96 69.80 2.18 0.15
N VAL D 97 69.61 3.38 0.69
CA VAL D 97 68.28 3.97 0.84
C VAL D 97 67.64 4.17 -0.53
N ARG D 98 68.41 4.71 -1.47
CA ARG D 98 67.96 4.91 -2.85
C ARG D 98 67.57 3.59 -3.49
N LEU D 99 68.41 2.57 -3.27
CA LEU D 99 68.16 1.23 -3.82
C LEU D 99 66.90 0.61 -3.23
N GLU D 100 66.60 0.93 -1.97
CA GLU D 100 65.41 0.41 -1.30
C GLU D 100 64.14 1.10 -1.82
N ILE D 101 64.23 2.39 -2.10
CA ILE D 101 63.11 3.14 -2.67
C ILE D 101 62.74 2.56 -4.04
N GLU D 102 63.75 2.32 -4.86
CA GLU D 102 63.56 1.74 -6.19
C GLU D 102 62.94 0.34 -6.12
N ALA D 103 63.47 -0.49 -5.21
CA ALA D 103 62.99 -1.85 -5.07
C ALA D 103 61.53 -1.92 -4.60
N GLU D 104 61.20 -1.18 -3.55
CA GLU D 104 59.84 -1.16 -3.01
C GLU D 104 58.85 -0.63 -4.05
N THR D 105 59.31 0.31 -4.87
CA THR D 105 58.47 0.88 -5.93
C THR D 105 58.18 -0.15 -7.01
N ASP D 106 59.24 -0.81 -7.50
CA ASP D 106 59.11 -1.83 -8.52
C ASP D 106 58.23 -2.97 -8.01
N ARG D 107 58.39 -3.30 -6.73
CA ARG D 107 57.60 -4.36 -6.09
C ARG D 107 56.09 -4.12 -6.26
N VAL D 108 55.67 -2.87 -6.11
CA VAL D 108 54.26 -2.52 -6.26
C VAL D 108 53.86 -2.22 -7.70
N THR D 109 54.63 -1.36 -8.37
CA THR D 109 54.30 -0.95 -9.74
C THR D 109 54.55 -2.06 -10.76
N GLY D 110 53.50 -2.50 -11.43
CA GLY D 110 53.61 -3.52 -12.46
C GLY D 110 54.59 -3.12 -13.54
N MET D 111 54.18 -2.19 -14.40
CA MET D 111 55.09 -1.63 -15.39
C MET D 111 56.14 -0.81 -14.66
N ASN D 112 57.40 -0.92 -15.09
CA ASN D 112 58.51 -0.28 -14.40
C ASN D 112 58.53 1.24 -14.49
N LYS D 113 57.48 1.83 -15.05
CA LYS D 113 57.41 3.28 -15.23
C LYS D 113 56.11 3.90 -14.70
N GLY D 114 55.16 3.05 -14.34
CA GLY D 114 53.88 3.54 -13.84
C GLY D 114 53.95 4.15 -12.45
N ILE D 115 52.78 4.54 -11.93
CA ILE D 115 52.70 5.15 -10.60
C ILE D 115 51.77 4.37 -9.67
N SER D 116 51.84 4.66 -8.38
CA SER D 116 50.97 4.01 -7.40
C SER D 116 50.65 4.92 -6.22
N SER D 117 49.43 4.83 -5.70
CA SER D 117 49.01 5.66 -4.58
C SER D 117 49.49 5.13 -3.24
N ILE D 118 50.03 3.90 -3.22
CA ILE D 118 50.54 3.34 -1.97
C ILE D 118 51.82 4.07 -1.56
N PRO D 119 51.78 4.77 -0.42
CA PRO D 119 52.94 5.56 0.01
C PRO D 119 54.09 4.74 0.58
N ILE D 120 55.29 5.33 0.50
CA ILE D 120 56.47 4.80 1.16
C ILE D 120 56.87 5.81 2.24
N ASN D 121 57.08 5.31 3.46
CA ASN D 121 57.28 6.20 4.60
C ASN D 121 58.71 6.12 5.12
N LEU D 122 59.52 7.08 4.69
CA LEU D 122 60.94 7.08 5.01
C LEU D 122 61.23 8.20 6.01
N ARG D 123 61.85 7.83 7.12
CA ARG D 123 62.19 8.80 8.15
C ARG D 123 63.71 8.84 8.23
N VAL D 124 64.25 10.06 8.20
CA VAL D 124 65.69 10.23 8.26
C VAL D 124 66.11 11.10 9.44
N TYR D 125 67.05 10.59 10.21
CA TYR D 125 67.59 11.32 11.35
C TYR D 125 68.96 11.82 10.93
N SER D 126 69.23 13.11 11.13
CA SER D 126 70.48 13.69 10.70
C SER D 126 70.71 15.05 11.36
N PRO D 127 71.99 15.42 11.51
CA PRO D 127 72.38 16.73 12.05
C PRO D 127 72.23 17.80 10.97
N HIS D 128 72.01 17.35 9.73
CA HIS D 128 71.84 18.27 8.60
C HIS D 128 70.39 18.70 8.39
N VAL D 129 69.47 18.13 9.16
CA VAL D 129 68.06 18.42 8.97
C VAL D 129 67.37 18.98 10.21
N LEU D 130 66.29 19.71 10.00
CA LEU D 130 65.43 20.20 11.08
C LEU D 130 64.24 19.26 11.19
N ASN D 131 63.46 19.42 12.25
CA ASN D 131 62.25 18.62 12.38
C ASN D 131 61.24 19.08 11.33
N LEU D 132 61.00 18.25 10.32
CA LEU D 132 60.13 18.61 9.21
C LEU D 132 59.65 17.38 8.44
N THR D 133 58.42 17.45 7.93
CA THR D 133 57.87 16.37 7.14
C THR D 133 57.28 16.90 5.84
N LEU D 134 57.55 16.19 4.75
CA LEU D 134 57.07 16.57 3.43
C LEU D 134 56.64 15.31 2.68
N ILE D 135 55.60 15.44 1.86
CA ILE D 135 55.15 14.32 1.07
C ILE D 135 55.51 14.56 -0.39
N ASP D 136 56.53 13.86 -0.87
CA ASP D 136 56.99 14.02 -2.23
C ASP D 136 56.06 13.28 -3.17
N LEU D 137 55.67 13.92 -4.26
CA LEU D 137 54.76 13.32 -5.22
C LEU D 137 55.36 13.33 -6.62
N PRO D 138 54.79 12.52 -7.53
CA PRO D 138 55.25 12.45 -8.91
C PRO D 138 55.30 13.83 -9.56
N GLY D 139 56.39 14.12 -10.27
CA GLY D 139 56.55 15.39 -10.95
C GLY D 139 55.70 15.45 -12.19
N ILE D 140 55.25 16.64 -12.55
CA ILE D 140 54.38 16.80 -13.70
C ILE D 140 55.16 16.82 -15.02
N THR D 141 54.54 16.30 -16.07
CA THR D 141 55.15 16.29 -17.40
C THR D 141 54.10 16.08 -18.48
N PRO D 149 51.99 4.41 -18.86
CA PRO D 149 50.87 4.46 -19.80
C PRO D 149 50.81 5.78 -20.57
N PRO D 150 50.03 5.82 -21.66
CA PRO D 150 49.86 7.02 -22.49
C PRO D 150 49.18 8.16 -21.75
N ASP D 151 48.25 7.82 -20.84
CA ASP D 151 47.53 8.82 -20.07
C ASP D 151 48.24 9.16 -18.77
N ILE D 152 49.52 8.83 -18.69
CA ILE D 152 50.34 9.07 -17.49
C ILE D 152 50.20 10.47 -16.93
N GLU D 153 50.19 11.46 -17.83
CA GLU D 153 50.07 12.86 -17.44
C GLU D 153 48.81 13.08 -16.60
N TYR D 154 47.73 12.42 -16.99
CA TYR D 154 46.44 12.55 -16.31
C TYR D 154 46.44 11.77 -15.00
N GLN D 155 47.12 10.61 -15.00
CA GLN D 155 47.27 9.78 -13.81
C GLN D 155 48.02 10.54 -12.73
N ILE D 156 49.12 11.21 -13.12
CA ILE D 156 49.92 11.99 -12.19
C ILE D 156 49.10 13.15 -11.63
N ARG D 157 48.48 13.93 -12.51
CA ARG D 157 47.67 15.07 -12.11
C ARG D 157 46.56 14.62 -11.15
N GLU D 158 45.95 13.50 -11.46
CA GLU D 158 44.87 12.96 -10.63
C GLU D 158 45.38 12.62 -9.23
N MET D 159 46.58 12.06 -9.16
CA MET D 159 47.20 11.71 -7.88
C MET D 159 47.52 12.96 -7.07
N ILE D 160 48.10 13.96 -7.73
CA ILE D 160 48.42 15.24 -7.10
C ILE D 160 47.18 15.90 -6.53
N MET D 161 46.09 15.86 -7.29
CA MET D 161 44.83 16.49 -6.89
C MET D 161 44.23 15.84 -5.64
N GLN D 162 44.43 14.54 -5.50
CA GLN D 162 43.92 13.81 -4.34
C GLN D 162 44.51 14.39 -3.06
N PHE D 163 45.77 14.79 -3.13
CA PHE D 163 46.49 15.39 -2.00
C PHE D 163 46.20 16.88 -1.83
N ILE D 164 46.41 17.66 -2.90
CA ILE D 164 46.32 19.11 -2.82
C ILE D 164 44.91 19.71 -2.80
N THR D 165 43.89 18.90 -3.09
CA THR D 165 42.52 19.42 -3.02
C THR D 165 42.05 19.50 -1.57
N ARG D 166 42.75 18.80 -0.68
CA ARG D 166 42.43 18.81 0.74
C ARG D 166 42.78 20.16 1.37
N GLU D 167 41.86 20.72 2.14
CA GLU D 167 42.05 22.02 2.75
C GLU D 167 43.29 22.11 3.65
N ASN D 168 43.54 21.06 4.42
CA ASN D 168 44.63 21.05 5.38
C ASN D 168 45.97 20.66 4.76
N CYS D 169 46.00 20.52 3.44
CA CYS D 169 47.24 20.19 2.75
C CYS D 169 47.95 21.45 2.29
N LEU D 170 49.13 21.71 2.84
CA LEU D 170 49.92 22.85 2.41
C LEU D 170 50.70 22.50 1.15
N ILE D 171 50.83 23.46 0.24
CA ILE D 171 51.51 23.17 -1.03
C ILE D 171 52.88 23.84 -1.15
N LEU D 172 53.90 23.00 -1.35
CA LEU D 172 55.25 23.50 -1.57
C LEU D 172 55.48 23.46 -3.07
N ALA D 173 55.29 24.60 -3.74
CA ALA D 173 55.39 24.65 -5.19
C ALA D 173 56.77 24.99 -5.71
N VAL D 174 57.40 24.02 -6.38
CA VAL D 174 58.76 24.21 -6.88
C VAL D 174 58.77 24.49 -8.37
N THR D 175 59.42 25.59 -8.76
CA THR D 175 59.51 25.94 -10.17
C THR D 175 60.92 26.37 -10.52
N PRO D 176 61.38 26.02 -11.73
CA PRO D 176 62.74 26.47 -12.06
C PRO D 176 62.77 27.91 -12.56
N ALA D 177 63.76 28.69 -12.10
CA ALA D 177 63.89 30.11 -12.45
C ALA D 177 64.21 30.33 -13.92
N ASN D 178 64.84 29.34 -14.55
CA ASN D 178 65.21 29.44 -15.95
C ASN D 178 64.09 28.97 -16.85
N THR D 179 62.89 29.51 -16.61
CA THR D 179 61.72 29.22 -17.43
C THR D 179 60.71 30.36 -17.28
N ASP D 180 59.53 30.18 -17.87
CA ASP D 180 58.46 31.16 -17.72
C ASP D 180 57.68 30.85 -16.44
N LEU D 181 57.93 31.61 -15.38
CA LEU D 181 57.34 31.34 -14.07
C LEU D 181 55.81 31.44 -14.12
N ALA D 182 55.30 32.24 -15.04
CA ALA D 182 53.86 32.37 -15.21
C ALA D 182 53.26 31.06 -15.75
N ASN D 183 54.11 30.26 -16.39
CA ASN D 183 53.69 28.99 -16.95
C ASN D 183 54.12 27.81 -16.09
N SER D 184 54.44 28.08 -14.82
CA SER D 184 54.87 27.03 -13.91
C SER D 184 53.77 26.02 -13.67
N ASP D 185 54.06 24.76 -13.93
CA ASP D 185 53.11 23.68 -13.71
C ASP D 185 52.70 23.61 -12.24
N ALA D 186 53.66 23.85 -11.34
CA ALA D 186 53.39 23.77 -9.90
C ALA D 186 52.48 24.91 -9.47
N LEU D 187 52.79 26.11 -9.95
CA LEU D 187 52.02 27.29 -9.58
C LEU D 187 50.61 27.23 -10.19
N LYS D 188 50.49 26.60 -11.35
CA LYS D 188 49.19 26.50 -12.03
C LYS D 188 48.25 25.56 -11.28
N LEU D 189 48.75 24.41 -10.88
CA LEU D 189 47.92 23.46 -10.14
C LEU D 189 47.57 23.99 -8.76
N ALA D 190 48.50 24.76 -8.18
CA ALA D 190 48.29 25.37 -6.87
C ALA D 190 47.20 26.44 -6.92
N LYS D 191 47.19 27.19 -8.01
CA LYS D 191 46.17 28.22 -8.21
C LYS D 191 44.79 27.60 -8.43
N GLU D 192 44.78 26.40 -9.02
CA GLU D 192 43.54 25.66 -9.26
C GLU D 192 42.82 25.23 -7.98
N VAL D 193 43.57 24.83 -6.96
CA VAL D 193 42.98 24.38 -5.71
C VAL D 193 43.06 25.44 -4.61
N ASP D 194 43.99 26.38 -4.77
CA ASP D 194 44.17 27.47 -3.81
C ASP D 194 44.30 28.80 -4.55
N PRO D 195 43.19 29.28 -5.14
CA PRO D 195 43.08 30.53 -5.89
C PRO D 195 43.55 31.75 -5.12
N GLN D 196 43.29 31.78 -3.81
CA GLN D 196 43.68 32.91 -2.98
C GLN D 196 45.14 32.83 -2.56
N GLY D 197 45.82 31.75 -2.96
CA GLY D 197 47.22 31.56 -2.64
C GLY D 197 47.52 31.68 -1.15
N LEU D 198 46.68 31.08 -0.33
CA LEU D 198 46.82 31.17 1.12
C LEU D 198 47.41 29.92 1.74
N ARG D 199 47.50 28.86 0.95
CA ARG D 199 48.06 27.59 1.43
C ARG D 199 49.12 27.06 0.46
N THR D 200 49.80 27.99 -0.20
CA THR D 200 50.85 27.64 -1.14
C THR D 200 52.17 28.36 -0.81
N ILE D 201 53.24 27.60 -0.67
CA ILE D 201 54.55 28.18 -0.42
C ILE D 201 55.38 27.98 -1.68
N GLY D 202 55.93 29.06 -2.23
CA GLY D 202 56.69 28.96 -3.45
C GLY D 202 58.17 28.75 -3.24
N VAL D 203 58.76 27.89 -4.07
CA VAL D 203 60.19 27.64 -4.03
C VAL D 203 60.76 27.87 -5.43
N ILE D 204 61.80 28.68 -5.55
CA ILE D 204 62.38 28.94 -6.85
C ILE D 204 63.78 28.32 -6.94
N THR D 205 63.94 27.36 -7.85
CA THR D 205 65.21 26.67 -8.03
C THR D 205 65.92 27.19 -9.28
N LYS D 206 67.14 26.69 -9.47
CA LYS D 206 67.95 26.96 -10.65
C LYS D 206 68.17 28.46 -10.90
N LEU D 207 68.29 29.24 -9.82
CA LEU D 207 68.47 30.68 -9.94
C LEU D 207 69.78 31.03 -10.65
N ASP D 208 70.80 30.19 -10.47
CA ASP D 208 72.09 30.42 -11.09
C ASP D 208 72.12 30.10 -12.58
N LEU D 209 71.02 29.54 -13.06
CA LEU D 209 70.90 29.16 -14.47
C LEU D 209 70.11 30.15 -15.32
N MET D 210 69.74 31.30 -14.73
CA MET D 210 68.96 32.30 -15.45
C MET D 210 69.77 32.92 -16.58
N ASP D 211 69.08 33.36 -17.63
CA ASP D 211 69.72 34.04 -18.76
C ASP D 211 70.45 35.30 -18.28
N GLU D 212 71.56 35.60 -18.94
CA GLU D 212 72.35 36.78 -18.62
C GLU D 212 71.51 38.06 -18.67
N GLY D 213 71.63 38.87 -17.63
CA GLY D 213 70.94 40.15 -17.56
C GLY D 213 69.50 40.05 -17.08
N THR D 214 69.11 38.86 -16.64
CA THR D 214 67.77 38.66 -16.10
C THR D 214 67.82 38.11 -14.68
N ASP D 215 66.70 38.21 -13.97
CA ASP D 215 66.64 37.76 -12.59
C ASP D 215 65.19 37.55 -12.15
N ALA D 216 65.03 36.90 -11.01
CA ALA D 216 63.70 36.60 -10.46
C ALA D 216 63.39 37.42 -9.22
N ARG D 217 63.99 38.62 -9.14
CA ARG D 217 63.84 39.50 -7.98
C ARG D 217 62.39 39.83 -7.66
N ASP D 218 61.61 40.14 -8.70
CA ASP D 218 60.21 40.52 -8.53
C ASP D 218 59.37 39.38 -7.94
N VAL D 219 59.71 38.15 -8.32
CA VAL D 219 59.01 36.98 -7.79
C VAL D 219 59.48 36.68 -6.37
N LEU D 220 60.78 36.76 -6.14
CA LEU D 220 61.37 36.49 -4.83
C LEU D 220 60.86 37.50 -3.79
N GLU D 221 60.58 38.72 -4.25
CA GLU D 221 60.12 39.80 -3.40
C GLU D 221 58.60 39.75 -3.19
N ASN D 222 57.96 38.72 -3.73
CA ASN D 222 56.53 38.48 -3.55
C ASN D 222 55.65 39.58 -4.15
N LYS D 223 56.02 40.05 -5.34
CA LYS D 223 55.29 41.14 -5.99
C LYS D 223 54.61 40.72 -7.29
N LEU D 224 55.26 39.85 -8.05
CA LEU D 224 54.75 39.43 -9.36
C LEU D 224 53.63 38.41 -9.29
N LEU D 225 53.85 37.32 -8.55
CA LEU D 225 52.85 36.26 -8.42
C LEU D 225 52.62 35.97 -6.93
N PRO D 226 52.18 37.00 -6.19
CA PRO D 226 51.93 37.11 -4.74
C PRO D 226 51.36 35.85 -4.09
N LEU D 227 52.01 35.41 -3.02
CA LEU D 227 51.52 34.32 -2.20
C LEU D 227 51.70 34.70 -0.74
N ARG D 228 50.65 34.49 0.05
CA ARG D 228 50.67 34.85 1.47
C ARG D 228 51.86 34.24 2.21
N ARG D 229 52.19 32.99 1.87
CA ARG D 229 53.27 32.30 2.56
C ARG D 229 54.63 32.62 1.93
N GLY D 230 54.61 33.45 0.87
CA GLY D 230 55.84 33.94 0.27
C GLY D 230 56.62 32.97 -0.60
N TYR D 231 57.78 33.41 -1.07
CA TYR D 231 58.63 32.62 -1.95
C TYR D 231 60.03 32.45 -1.36
N VAL D 232 60.68 31.32 -1.62
CA VAL D 232 62.04 31.12 -1.14
C VAL D 232 62.92 30.62 -2.29
N GLY D 233 64.08 31.24 -2.46
CA GLY D 233 65.02 30.83 -3.49
C GLY D 233 66.11 29.88 -3.04
N VAL D 234 66.50 28.99 -3.94
CA VAL D 234 67.59 28.07 -3.66
C VAL D 234 68.40 27.81 -4.92
N VAL D 235 69.60 27.28 -4.74
CA VAL D 235 70.43 26.93 -5.87
C VAL D 235 71.19 25.65 -5.54
N ASN D 236 71.35 24.80 -6.53
CA ASN D 236 72.06 23.55 -6.32
C ASN D 236 73.46 23.65 -6.93
N ARG D 237 74.40 24.15 -6.13
CA ARG D 237 75.79 24.25 -6.55
C ARG D 237 76.52 23.03 -6.02
N SER D 238 76.30 21.91 -6.71
CA SER D 238 76.83 20.61 -6.30
C SER D 238 78.35 20.60 -6.12
N GLN D 239 78.76 20.18 -4.92
CA GLN D 239 80.18 19.98 -4.64
C GLN D 239 80.39 18.52 -4.25
N LYS D 240 81.45 17.92 -4.78
CA LYS D 240 81.77 16.54 -4.47
C LYS D 240 83.05 16.46 -3.68
N ASP D 241 83.12 15.51 -2.75
CA ASP D 241 84.30 15.35 -1.92
C ASP D 241 85.34 14.51 -2.65
N ILE D 242 86.44 14.21 -1.96
CA ILE D 242 87.53 13.40 -2.50
C ILE D 242 87.03 12.13 -3.18
N ASP D 243 86.05 11.47 -2.55
CA ASP D 243 85.52 10.21 -3.06
C ASP D 243 84.49 10.41 -4.19
N GLY D 244 84.14 11.66 -4.47
CA GLY D 244 83.18 11.95 -5.52
C GLY D 244 81.73 11.91 -5.06
N LYS D 245 81.52 11.94 -3.75
CA LYS D 245 80.19 11.92 -3.18
C LYS D 245 79.77 13.32 -2.70
N LYS D 246 78.46 13.56 -2.66
CA LYS D 246 77.88 14.84 -2.23
C LYS D 246 78.51 15.45 -0.98
N ASP D 247 78.96 16.69 -1.10
CA ASP D 247 79.53 17.44 0.02
C ASP D 247 78.62 18.63 0.37
N ILE D 248 77.70 18.40 1.30
CA ILE D 248 76.67 19.39 1.63
C ILE D 248 77.19 20.68 2.23
N LYS D 249 78.23 20.59 3.08
CA LYS D 249 78.79 21.78 3.70
C LYS D 249 79.34 22.75 2.67
N ALA D 250 80.05 22.22 1.67
CA ALA D 250 80.59 23.05 0.61
C ALA D 250 79.47 23.57 -0.28
N ALA D 251 78.48 22.72 -0.56
CA ALA D 251 77.32 23.08 -1.37
C ALA D 251 76.49 24.21 -0.78
N MET D 252 76.31 24.16 0.54
CA MET D 252 75.52 25.17 1.25
C MET D 252 76.27 26.49 1.29
N LEU D 253 77.60 26.39 1.31
CA LEU D 253 78.46 27.57 1.32
C LEU D 253 78.44 28.25 -0.04
N ALA D 254 78.49 27.44 -1.09
CA ALA D 254 78.46 27.95 -2.46
C ALA D 254 77.14 28.69 -2.70
N GLU D 255 76.06 28.16 -2.12
CA GLU D 255 74.74 28.76 -2.27
C GLU D 255 74.68 30.08 -1.51
N ARG D 256 75.31 30.13 -0.34
CA ARG D 256 75.31 31.36 0.47
C ARG D 256 76.07 32.45 -0.27
N LYS D 257 77.23 32.08 -0.81
CA LYS D 257 78.08 32.99 -1.59
C LYS D 257 77.33 33.57 -2.78
N PHE D 258 76.59 32.71 -3.48
CA PHE D 258 75.81 33.08 -4.66
C PHE D 258 74.82 34.20 -4.36
N PHE D 259 74.03 34.05 -3.31
CA PHE D 259 73.03 35.07 -2.97
C PHE D 259 73.68 36.36 -2.48
N LEU D 260 74.74 36.23 -1.71
CA LEU D 260 75.50 37.37 -1.21
C LEU D 260 76.19 38.16 -2.31
N SER D 261 76.59 37.49 -3.37
CA SER D 261 77.33 38.14 -4.46
C SER D 261 76.43 38.55 -5.63
N HIS D 262 75.17 38.13 -5.62
CA HIS D 262 74.23 38.55 -6.65
C HIS D 262 73.67 39.90 -6.29
N PRO D 263 73.91 40.91 -7.14
CA PRO D 263 73.46 42.29 -6.93
C PRO D 263 71.94 42.42 -6.84
N ALA D 264 71.22 41.48 -7.44
CA ALA D 264 69.76 41.52 -7.42
C ALA D 264 69.16 40.84 -6.19
N TYR D 265 69.94 39.99 -5.52
CA TYR D 265 69.41 39.18 -4.43
C TYR D 265 70.14 39.36 -3.09
N ARG D 266 71.23 40.13 -3.09
CA ARG D 266 72.05 40.31 -1.88
C ARG D 266 71.23 40.80 -0.70
N HIS D 267 70.32 41.73 -0.97
CA HIS D 267 69.48 42.31 0.08
C HIS D 267 68.47 41.32 0.64
N ILE D 268 68.36 40.16 0.01
CA ILE D 268 67.40 39.14 0.45
C ILE D 268 68.07 37.84 0.90
N ALA D 269 69.40 37.81 0.84
CA ALA D 269 70.20 36.61 1.12
C ALA D 269 69.83 35.90 2.43
N ASP D 270 69.49 36.66 3.47
CA ASP D 270 69.15 36.07 4.76
C ASP D 270 67.80 35.34 4.73
N ARG D 271 67.02 35.57 3.68
CA ARG D 271 65.75 34.88 3.49
C ARG D 271 65.80 33.98 2.26
N MET D 272 67.00 33.50 1.92
CA MET D 272 67.16 32.62 0.79
C MET D 272 68.10 31.48 1.15
N GLY D 273 68.03 30.39 0.39
CA GLY D 273 68.88 29.25 0.64
C GLY D 273 68.22 28.11 1.39
N THR D 274 68.86 26.95 1.33
CA THR D 274 68.38 25.70 1.92
C THR D 274 68.12 25.71 3.44
N PRO D 275 69.04 26.30 4.23
CA PRO D 275 68.80 26.26 5.67
C PRO D 275 67.54 26.99 6.08
N HIS D 276 67.22 28.07 5.39
CA HIS D 276 66.10 28.93 5.75
C HIS D 276 64.76 28.27 5.48
N LEU D 277 64.71 27.49 4.40
CA LEU D 277 63.46 26.86 3.99
C LEU D 277 62.95 25.91 5.06
N GLN D 278 63.87 25.16 5.66
CA GLN D 278 63.52 24.17 6.69
C GLN D 278 62.91 24.85 7.90
N LYS D 279 63.42 26.03 8.23
CA LYS D 279 62.93 26.78 9.39
C LYS D 279 61.49 27.27 9.18
N VAL D 280 61.22 27.76 7.98
CA VAL D 280 59.88 28.26 7.64
C VAL D 280 58.86 27.13 7.67
N LEU D 281 59.22 26.01 7.04
CA LEU D 281 58.35 24.84 7.01
C LEU D 281 58.10 24.31 8.42
N ASN D 282 59.14 24.31 9.25
CA ASN D 282 59.04 23.87 10.64
C ASN D 282 58.10 24.78 11.43
N GLN D 283 58.16 26.07 11.17
CA GLN D 283 57.33 27.05 11.86
C GLN D 283 55.87 26.97 11.41
N GLN D 284 55.65 26.99 10.10
CA GLN D 284 54.30 27.00 9.55
C GLN D 284 53.53 25.71 9.82
N LEU D 285 54.24 24.58 9.76
CA LEU D 285 53.60 23.29 10.03
C LEU D 285 53.13 23.22 11.47
N THR D 286 53.99 23.69 12.39
CA THR D 286 53.66 23.73 13.80
C THR D 286 52.41 24.55 14.06
N ASN D 287 52.37 25.74 13.45
CA ASN D 287 51.21 26.64 13.59
C ASN D 287 49.96 26.07 12.93
N HIS D 288 50.16 25.32 11.85
CA HIS D 288 49.04 24.69 11.14
C HIS D 288 48.41 23.58 11.98
N ILE D 289 49.26 22.83 12.68
CA ILE D 289 48.78 21.75 13.54
C ILE D 289 48.05 22.31 14.75
N ARG D 290 48.60 23.36 15.35
CA ARG D 290 47.95 24.05 16.48
C ARG D 290 46.55 24.50 16.11
N ASP D 291 46.41 25.01 14.90
CA ASP D 291 45.12 25.48 14.39
C ASP D 291 44.18 24.31 14.11
N THR D 292 44.74 23.20 13.63
CA THR D 292 43.91 22.08 13.21
C THR D 292 43.69 21.02 14.29
N LEU D 293 44.53 21.03 15.33
CA LEU D 293 44.40 20.05 16.40
C LEU D 293 43.06 20.09 17.17
N PRO D 294 42.50 21.30 17.40
CA PRO D 294 41.17 21.27 18.03
C PRO D 294 40.06 20.79 17.08
N ASN D 295 40.01 21.31 15.87
CA ASN D 295 38.95 20.92 14.93
C ASN D 295 39.05 19.47 14.42
N PHE D 296 40.27 18.97 14.25
CA PHE D 296 40.47 17.61 13.76
C PHE D 296 39.98 16.57 14.76
N ARG D 297 40.37 16.72 16.02
CA ARG D 297 39.98 15.79 17.08
C ARG D 297 38.47 15.69 17.25
N ASN D 298 37.78 16.82 17.07
CA ASN D 298 36.32 16.86 17.21
C ASN D 298 35.60 16.19 16.04
N LYS D 299 35.99 16.55 14.82
CA LYS D 299 35.35 15.99 13.62
C LYS D 299 35.53 14.49 13.53
N LEU D 300 36.63 13.99 14.09
CA LEU D 300 36.91 12.56 14.08
C LEU D 300 36.16 11.83 15.18
N GLN D 301 36.06 12.46 16.36
CA GLN D 301 35.37 11.85 17.48
C GLN D 301 33.87 11.78 17.25
N GLY D 302 33.35 12.74 16.49
CA GLY D 302 31.93 12.78 16.16
C GLY D 302 31.56 11.65 15.21
N GLN D 303 32.39 11.46 14.19
CA GLN D 303 32.20 10.37 13.24
C GLN D 303 32.60 9.03 13.87
N LEU D 304 33.25 9.10 15.03
CA LEU D 304 33.71 7.91 15.72
C LEU D 304 32.59 7.28 16.54
N LEU D 305 31.94 8.09 17.36
CA LEU D 305 30.84 7.62 18.21
C LEU D 305 29.67 7.08 17.39
N SER D 306 29.45 7.64 16.20
CA SER D 306 28.38 7.16 15.33
C SER D 306 28.64 5.73 14.88
N ILE D 307 29.91 5.39 14.71
CA ILE D 307 30.30 4.03 14.34
C ILE D 307 30.18 3.10 15.55
N GLU D 308 30.51 3.62 16.73
CA GLU D 308 30.47 2.83 17.97
C GLU D 308 29.08 2.27 18.22
N HIS D 309 28.05 3.01 17.79
CA HIS D 309 26.67 2.57 17.95
C HIS D 309 26.40 1.34 17.09
N GLU D 310 27.13 1.23 15.99
CA GLU D 310 26.94 0.15 15.04
C GLU D 310 27.77 -1.09 15.41
N VAL D 311 28.95 -0.85 15.97
CA VAL D 311 29.86 -1.93 16.34
C VAL D 311 29.34 -2.74 17.52
N GLU D 312 28.84 -2.05 18.54
CA GLU D 312 28.29 -2.72 19.71
C GLU D 312 27.01 -3.48 19.34
N ALA D 313 26.37 -3.06 18.25
CA ALA D 313 25.17 -3.72 17.75
C ALA D 313 25.46 -4.49 16.47
N PRO D 322 22.34 -15.33 20.12
CA PRO D 322 21.55 -15.77 21.28
C PRO D 322 20.14 -15.17 21.30
N THR D 323 20.00 -14.05 22.00
CA THR D 323 18.74 -13.33 22.12
C THR D 323 18.41 -12.56 20.84
N ARG D 324 19.45 -12.31 20.04
CA ARG D 324 19.37 -11.41 18.89
C ARG D 324 18.95 -12.09 17.59
N LYS D 325 19.00 -13.41 17.57
CA LYS D 325 18.67 -14.15 16.36
C LYS D 325 17.16 -14.24 16.15
N THR D 326 16.41 -14.43 17.23
CA THR D 326 14.96 -14.55 17.14
C THR D 326 14.35 -13.23 16.65
N LYS D 327 14.78 -12.12 17.25
CA LYS D 327 14.31 -10.79 16.87
C LYS D 327 14.71 -10.45 15.43
N ALA D 328 15.87 -10.97 15.02
CA ALA D 328 16.39 -10.75 13.67
C ALA D 328 15.55 -11.48 12.63
N LEU D 329 15.26 -12.76 12.90
CA LEU D 329 14.40 -13.56 12.04
C LEU D 329 13.09 -12.85 11.74
N LEU D 330 12.40 -12.44 12.80
CA LEU D 330 11.12 -11.74 12.66
C LEU D 330 11.24 -10.53 11.75
N GLN D 331 12.25 -9.71 12.02
CA GLN D 331 12.49 -8.51 11.22
C GLN D 331 12.91 -8.83 9.78
N MET D 332 13.78 -9.82 9.63
CA MET D 332 14.26 -10.24 8.31
C MET D 332 13.13 -10.73 7.40
N VAL D 333 12.32 -11.65 7.91
CA VAL D 333 11.18 -12.19 7.18
C VAL D 333 10.18 -11.10 6.79
N GLN D 334 9.78 -10.28 7.76
CA GLN D 334 8.86 -9.17 7.54
C GLN D 334 9.39 -8.24 6.45
N GLN D 335 10.69 -7.99 6.49
CA GLN D 335 11.36 -7.19 5.47
C GLN D 335 11.20 -7.83 4.10
N PHE D 336 11.46 -9.14 4.04
CA PHE D 336 11.28 -9.92 2.83
C PHE D 336 9.86 -9.80 2.30
N ALA D 337 8.89 -9.94 3.20
CA ALA D 337 7.48 -9.88 2.86
C ALA D 337 7.07 -8.56 2.22
N VAL D 338 7.45 -7.44 2.83
CA VAL D 338 7.09 -6.15 2.27
C VAL D 338 7.81 -5.92 0.95
N ASP D 339 9.07 -6.32 0.86
CA ASP D 339 9.80 -6.25 -0.40
C ASP D 339 9.06 -6.97 -1.52
N PHE D 340 8.59 -8.18 -1.25
CA PHE D 340 7.86 -8.97 -2.26
C PHE D 340 6.59 -8.28 -2.70
N GLU D 341 5.79 -7.85 -1.74
CA GLU D 341 4.55 -7.13 -2.02
C GLU D 341 4.86 -5.87 -2.82
N LYS D 342 5.99 -5.23 -2.51
CA LYS D 342 6.36 -4.00 -3.21
C LYS D 342 6.63 -4.21 -4.70
N ARG D 343 7.48 -5.18 -5.04
CA ARG D 343 7.71 -5.47 -6.46
C ARG D 343 6.43 -5.91 -7.18
N ILE D 344 5.69 -6.83 -6.57
CA ILE D 344 4.57 -7.47 -7.26
C ILE D 344 3.30 -6.62 -7.28
N GLU D 345 3.25 -5.51 -6.55
CA GLU D 345 2.04 -4.69 -6.58
C GLU D 345 2.32 -3.21 -6.75
N GLY D 346 3.59 -2.81 -6.64
CA GLY D 346 3.95 -1.40 -6.80
C GLY D 346 3.53 -0.52 -5.64
N SER D 347 3.30 -1.13 -4.49
CA SER D 347 2.92 -0.40 -3.30
C SER D 347 4.03 0.56 -2.87
N GLY D 348 3.66 1.59 -2.11
CA GLY D 348 4.60 2.61 -1.67
C GLY D 348 5.72 2.03 -0.84
N ASP D 349 6.81 2.77 -0.71
CA ASP D 349 6.89 4.13 -1.23
C ASP D 349 8.00 4.25 -2.29
N GLN D 350 7.66 4.95 -3.38
CA GLN D 350 8.61 5.35 -4.43
C GLN D 350 9.04 4.25 -5.40
N VAL D 351 8.53 3.04 -5.21
CA VAL D 351 8.85 1.88 -6.04
C VAL D 351 10.30 1.89 -6.54
N ASP D 352 10.51 1.60 -7.82
CA ASP D 352 11.85 1.60 -8.39
C ASP D 352 11.82 2.36 -9.71
N THR D 353 12.93 2.99 -10.05
CA THR D 353 13.04 3.73 -11.31
C THR D 353 14.08 3.12 -12.25
N LEU D 354 14.97 2.30 -11.70
CA LEU D 354 16.08 1.75 -12.48
C LEU D 354 15.66 0.50 -13.27
N GLU D 355 15.00 -0.44 -12.60
CA GLU D 355 14.61 -1.70 -13.23
C GLU D 355 13.13 -2.01 -13.06
N LEU D 356 12.56 -2.70 -14.06
CA LEU D 356 11.15 -3.08 -14.03
C LEU D 356 10.82 -4.01 -12.86
N SER D 357 9.71 -3.71 -12.18
CA SER D 357 9.29 -4.51 -11.04
C SER D 357 8.77 -5.85 -11.51
N GLY D 358 8.73 -6.82 -10.62
CA GLY D 358 8.17 -8.13 -10.91
C GLY D 358 6.75 -8.06 -11.43
N GLY D 359 5.88 -7.40 -10.67
CA GLY D 359 4.48 -7.31 -11.02
C GLY D 359 4.22 -6.65 -12.36
N ALA D 360 5.04 -5.66 -12.70
CA ALA D 360 4.91 -4.97 -13.98
C ALA D 360 5.24 -5.88 -15.15
N SER D 361 6.31 -6.67 -15.02
CA SER D 361 6.67 -7.65 -16.04
C SER D 361 5.59 -8.70 -16.22
N ILE D 362 5.03 -9.19 -15.12
CA ILE D 362 3.91 -10.13 -15.18
C ILE D 362 2.75 -9.52 -15.94
N ASN D 363 2.47 -8.25 -15.67
CA ASN D 363 1.43 -7.51 -16.40
C ASN D 363 1.65 -7.56 -17.91
N ARG D 364 2.91 -7.41 -18.31
CA ARG D 364 3.27 -7.47 -19.73
C ARG D 364 3.01 -8.88 -20.28
N ILE D 365 3.31 -9.90 -19.49
CA ILE D 365 2.99 -11.28 -19.85
C ILE D 365 1.50 -11.42 -20.11
N PHE D 366 0.68 -10.96 -19.16
CA PHE D 366 -0.77 -11.05 -19.25
C PHE D 366 -1.37 -10.37 -20.49
N HIS D 367 -0.96 -9.14 -20.75
CA HIS D 367 -1.68 -8.32 -21.70
C HIS D 367 -0.92 -8.04 -22.98
N GLU D 368 0.26 -8.64 -23.13
CA GLU D 368 1.03 -8.47 -24.36
C GLU D 368 1.52 -9.80 -24.90
N ARG D 369 2.03 -10.65 -24.01
CA ARG D 369 2.57 -11.95 -24.41
C ARG D 369 1.45 -12.94 -24.72
N PHE D 370 0.63 -13.22 -23.71
CA PHE D 370 -0.51 -14.12 -23.85
C PHE D 370 -1.37 -13.86 -25.11
N PRO D 371 -1.83 -12.61 -25.34
CA PRO D 371 -2.54 -12.36 -26.61
C PRO D 371 -1.74 -12.79 -27.84
N PHE D 372 -0.45 -12.47 -27.86
CA PHE D 372 0.41 -12.77 -29.00
C PHE D 372 0.65 -14.27 -29.11
N GLU D 373 0.86 -14.92 -27.97
CA GLU D 373 1.04 -16.37 -27.94
C GLU D 373 -0.16 -17.09 -28.53
N ILE D 374 -1.35 -16.58 -28.23
CA ILE D 374 -2.58 -17.11 -28.80
C ILE D 374 -2.62 -16.92 -30.32
N VAL D 375 -2.44 -15.67 -30.75
CA VAL D 375 -2.46 -15.32 -32.16
C VAL D 375 -1.47 -16.14 -32.99
N LYS D 376 -0.29 -16.43 -32.43
CA LYS D 376 0.73 -17.15 -33.18
C LYS D 376 0.33 -18.62 -33.38
N MET D 377 -0.43 -19.16 -32.42
CA MET D 377 -0.90 -20.55 -32.50
C MET D 377 -2.23 -20.63 -33.24
N GLU D 378 -2.83 -19.48 -33.51
CA GLU D 378 -4.17 -19.37 -34.08
C GLU D 378 -4.29 -20.03 -35.45
N PHE D 379 -5.46 -20.62 -35.72
CA PHE D 379 -5.72 -21.27 -37.01
C PHE D 379 -5.69 -20.30 -38.18
N ASN D 380 -5.00 -20.70 -39.25
CA ASN D 380 -4.90 -19.87 -40.44
C ASN D 380 -6.08 -20.13 -41.38
N GLU D 381 -6.42 -19.13 -42.18
CA GLU D 381 -7.66 -19.12 -42.93
C GLU D 381 -7.85 -20.35 -43.82
N LYS D 382 -6.79 -20.70 -44.55
CA LYS D 382 -6.81 -21.85 -45.46
C LYS D 382 -7.05 -23.19 -44.78
N GLU D 383 -6.39 -23.42 -43.65
CA GLU D 383 -6.50 -24.68 -42.93
C GLU D 383 -7.84 -24.78 -42.19
N LEU D 384 -8.39 -23.63 -41.84
CA LEU D 384 -9.69 -23.58 -41.19
C LEU D 384 -10.82 -23.95 -42.13
N ARG D 385 -10.79 -23.41 -43.34
CA ARG D 385 -11.83 -23.65 -44.33
C ARG D 385 -11.95 -25.09 -44.79
N ARG D 386 -10.82 -25.74 -45.09
CA ARG D 386 -10.83 -27.14 -45.51
C ARG D 386 -11.42 -28.09 -44.47
N GLU D 387 -11.03 -27.92 -43.21
CA GLU D 387 -11.52 -28.78 -42.13
C GLU D 387 -13.05 -28.76 -41.97
N ILE D 388 -13.63 -27.56 -41.96
CA ILE D 388 -15.06 -27.42 -41.77
C ILE D 388 -15.83 -28.01 -42.96
N SER D 389 -15.38 -27.66 -44.16
CA SER D 389 -16.00 -28.13 -45.40
C SER D 389 -16.05 -29.66 -45.44
N TYR D 390 -14.97 -30.29 -45.00
CA TYR D 390 -14.95 -31.75 -44.90
C TYR D 390 -16.02 -32.27 -43.94
N ALA D 391 -16.24 -31.54 -42.84
CA ALA D 391 -17.21 -31.95 -41.84
C ALA D 391 -18.64 -31.93 -42.38
N ILE D 392 -18.96 -30.93 -43.19
CA ILE D 392 -20.31 -30.80 -43.75
C ILE D 392 -20.52 -31.83 -44.86
N PRO D 405 -25.80 -28.23 -41.00
CA PRO D 405 -25.22 -26.89 -40.98
C PRO D 405 -24.76 -26.46 -39.59
N ASP D 406 -25.70 -26.24 -38.67
CA ASP D 406 -25.39 -25.90 -37.29
C ASP D 406 -24.56 -26.98 -36.60
N MET D 407 -24.82 -28.24 -36.92
CA MET D 407 -24.17 -29.37 -36.26
C MET D 407 -22.71 -29.54 -36.67
N ALA D 408 -22.40 -29.15 -37.91
CA ALA D 408 -21.03 -29.13 -38.40
C ALA D 408 -20.24 -28.04 -37.71
N PHE D 409 -20.90 -26.91 -37.50
CA PHE D 409 -20.35 -25.74 -36.81
C PHE D 409 -19.80 -26.06 -35.42
N GLU D 410 -20.66 -26.61 -34.56
CA GLU D 410 -20.27 -26.98 -33.19
C GLU D 410 -19.02 -27.86 -33.17
N ALA D 411 -18.92 -28.79 -34.11
CA ALA D 411 -17.77 -29.66 -34.20
C ALA D 411 -16.47 -28.86 -34.31
N ILE D 412 -16.46 -27.86 -35.19
CA ILE D 412 -15.26 -27.08 -35.44
C ILE D 412 -14.83 -26.13 -34.32
N VAL D 413 -15.78 -25.41 -33.73
CA VAL D 413 -15.44 -24.51 -32.63
C VAL D 413 -14.83 -25.29 -31.47
N LYS D 414 -15.49 -26.37 -31.06
CA LYS D 414 -14.99 -27.22 -29.98
C LYS D 414 -13.56 -27.69 -30.24
N LYS D 415 -13.28 -27.99 -31.51
CA LYS D 415 -11.91 -28.31 -31.94
C LYS D 415 -10.95 -27.16 -31.68
N GLN D 416 -11.27 -25.99 -32.22
CA GLN D 416 -10.43 -24.79 -32.07
C GLN D 416 -10.21 -24.35 -30.61
N ILE D 417 -11.26 -24.41 -29.80
CA ILE D 417 -11.18 -24.00 -28.41
C ILE D 417 -10.22 -24.88 -27.61
N VAL D 418 -10.29 -26.19 -27.84
CA VAL D 418 -9.37 -27.13 -27.21
C VAL D 418 -7.91 -26.70 -27.44
N LYS D 419 -7.63 -26.06 -28.56
CA LYS D 419 -6.25 -25.69 -28.87
C LYS D 419 -5.80 -24.44 -28.10
N LEU D 420 -6.70 -23.87 -27.30
CA LEU D 420 -6.33 -22.72 -26.47
C LEU D 420 -5.76 -23.19 -25.15
N LYS D 421 -5.67 -24.50 -24.98
CA LYS D 421 -5.11 -25.07 -23.76
C LYS D 421 -3.60 -24.81 -23.75
N GLY D 422 -2.98 -24.94 -24.91
CA GLY D 422 -1.55 -24.71 -25.06
C GLY D 422 -1.06 -23.35 -24.58
N PRO D 423 -1.47 -22.27 -25.26
CA PRO D 423 -1.04 -20.91 -24.91
C PRO D 423 -1.41 -20.50 -23.49
N SER D 424 -2.40 -21.16 -22.91
CA SER D 424 -2.85 -20.82 -21.56
C SER D 424 -1.98 -21.48 -20.51
N LEU D 425 -1.69 -22.77 -20.70
CA LEU D 425 -0.77 -23.46 -19.82
C LEU D 425 0.60 -22.81 -19.88
N LYS D 426 1.03 -22.47 -21.10
CA LYS D 426 2.31 -21.80 -21.30
C LYS D 426 2.35 -20.49 -20.51
N SER D 427 1.24 -19.75 -20.59
CA SER D 427 1.10 -18.49 -19.88
C SER D 427 1.32 -18.63 -18.39
N VAL D 428 0.70 -19.64 -17.78
CA VAL D 428 0.92 -19.90 -16.36
C VAL D 428 2.40 -20.13 -16.06
N ASP D 429 3.09 -20.86 -16.93
CA ASP D 429 4.51 -21.12 -16.74
C ASP D 429 5.33 -19.82 -16.82
N LEU D 430 5.09 -19.02 -17.86
CA LEU D 430 5.74 -17.73 -18.00
C LEU D 430 5.55 -16.83 -16.78
N VAL D 431 4.46 -17.04 -16.05
CA VAL D 431 4.21 -16.27 -14.84
C VAL D 431 4.96 -16.90 -13.68
N ILE D 432 4.91 -18.23 -13.60
CA ILE D 432 5.66 -18.95 -12.57
C ILE D 432 7.16 -18.65 -12.69
N GLN D 433 7.62 -18.52 -13.94
CA GLN D 433 9.03 -18.26 -14.18
C GLN D 433 9.40 -16.89 -13.64
N GLU D 434 8.65 -15.87 -14.02
CA GLU D 434 8.92 -14.52 -13.55
C GLU D 434 8.72 -14.39 -12.04
N LEU D 435 7.80 -15.18 -11.49
CA LEU D 435 7.53 -15.13 -10.05
C LEU D 435 8.68 -15.73 -9.23
N ILE D 436 9.19 -16.87 -9.68
CA ILE D 436 10.29 -17.53 -9.00
C ILE D 436 11.57 -16.71 -9.18
N ASN D 437 11.71 -16.05 -10.34
CA ASN D 437 12.80 -15.11 -10.56
C ASN D 437 12.78 -13.98 -9.54
N THR D 438 11.59 -13.51 -9.19
CA THR D 438 11.43 -12.39 -8.27
C THR D 438 11.73 -12.74 -6.82
N VAL D 439 11.28 -13.90 -6.36
CA VAL D 439 11.57 -14.31 -4.99
C VAL D 439 13.08 -14.42 -4.77
N LYS D 440 13.84 -14.73 -5.83
CA LYS D 440 15.29 -14.82 -5.72
C LYS D 440 15.91 -13.42 -5.67
N LYS D 441 15.24 -12.46 -6.29
CA LYS D 441 15.65 -11.06 -6.23
C LYS D 441 15.43 -10.48 -4.84
N CYS D 442 14.23 -10.65 -4.30
CA CYS D 442 13.92 -10.18 -2.95
C CYS D 442 14.88 -10.68 -1.89
N THR D 443 15.28 -11.94 -2.01
CA THR D 443 16.06 -12.59 -0.97
C THR D 443 17.55 -12.22 -1.02
N LYS D 444 17.89 -11.24 -1.85
CA LYS D 444 19.24 -10.71 -1.87
C LYS D 444 19.45 -9.80 -0.67
N LYS D 445 18.35 -9.31 -0.10
CA LYS D 445 18.40 -8.52 1.12
C LYS D 445 18.64 -9.44 2.32
N LEU D 446 18.59 -10.74 2.09
CA LEU D 446 18.84 -11.74 3.13
C LEU D 446 20.07 -12.56 2.79
N ALA D 447 20.86 -12.09 1.83
CA ALA D 447 22.06 -12.79 1.40
C ALA D 447 23.07 -12.93 2.55
N ASN D 448 23.03 -11.98 3.48
CA ASN D 448 23.89 -12.01 4.66
C ASN D 448 23.71 -13.28 5.51
N PHE D 449 22.55 -13.90 5.38
CA PHE D 449 22.30 -15.18 6.06
C PHE D 449 22.10 -16.31 5.07
N PRO D 450 23.18 -17.04 4.75
CA PRO D 450 23.17 -18.10 3.74
C PRO D 450 22.15 -19.20 4.02
N ARG D 451 22.09 -19.68 5.27
CA ARG D 451 21.18 -20.76 5.62
C ARG D 451 19.72 -20.32 5.55
N LEU D 452 19.46 -19.07 5.91
CA LEU D 452 18.12 -18.50 5.83
C LEU D 452 17.73 -18.28 4.37
N CYS D 453 18.62 -17.62 3.64
CA CYS D 453 18.42 -17.32 2.23
C CYS D 453 18.09 -18.60 1.44
N GLU D 454 18.89 -19.63 1.64
CA GLU D 454 18.66 -20.94 1.03
C GLU D 454 17.30 -21.51 1.40
N GLU D 455 17.09 -21.74 2.70
CA GLU D 455 15.86 -22.37 3.20
C GLU D 455 14.61 -21.58 2.86
N THR D 456 14.68 -20.26 2.89
CA THR D 456 13.53 -19.43 2.51
C THR D 456 13.21 -19.57 1.02
N GLU D 457 14.23 -19.44 0.17
CA GLU D 457 14.06 -19.65 -1.26
C GLU D 457 13.43 -21.00 -1.54
N ARG D 458 13.90 -22.02 -0.84
CA ARG D 458 13.44 -23.40 -1.02
C ARG D 458 11.94 -23.58 -0.83
N ILE D 459 11.43 -23.29 0.37
CA ILE D 459 10.02 -23.49 0.68
C ILE D 459 9.09 -22.68 -0.21
N VAL D 460 9.44 -21.43 -0.50
CA VAL D 460 8.58 -20.59 -1.33
C VAL D 460 8.59 -21.07 -2.78
N ALA D 461 9.77 -21.34 -3.33
CA ALA D 461 9.87 -21.90 -4.67
C ALA D 461 9.06 -23.18 -4.75
N ASN D 462 9.17 -24.01 -3.71
CA ASN D 462 8.36 -25.21 -3.57
C ASN D 462 6.86 -24.90 -3.59
N HIS D 463 6.44 -23.98 -2.73
CA HIS D 463 5.03 -23.60 -2.64
C HIS D 463 4.44 -23.22 -3.99
N ILE D 464 5.18 -22.45 -4.77
CA ILE D 464 4.77 -22.13 -6.14
C ILE D 464 4.56 -23.38 -6.96
N ARG D 465 5.53 -24.31 -6.89
CA ARG D 465 5.44 -25.54 -7.64
C ARG D 465 4.18 -26.29 -7.22
N GLU D 466 3.84 -26.16 -5.93
CA GLU D 466 2.62 -26.76 -5.42
C GLU D 466 1.39 -26.08 -6.02
N ARG D 467 1.39 -24.75 -5.98
CA ARG D 467 0.32 -23.95 -6.57
C ARG D 467 0.20 -24.14 -8.08
N GLU D 468 1.29 -24.52 -8.74
CA GLU D 468 1.27 -24.74 -10.18
C GLU D 468 0.21 -25.75 -10.59
N GLY D 469 0.09 -26.84 -9.82
CA GLY D 469 -0.91 -27.85 -10.09
C GLY D 469 -2.32 -27.27 -10.10
N LYS D 470 -2.73 -26.71 -8.97
CA LYS D 470 -4.11 -26.26 -8.79
C LYS D 470 -4.53 -25.18 -9.79
N THR D 471 -3.65 -24.24 -10.10
CA THR D 471 -3.96 -23.21 -11.08
C THR D 471 -4.10 -23.81 -12.48
N LYS D 472 -3.22 -24.73 -12.85
CA LYS D 472 -3.28 -25.38 -14.16
C LYS D 472 -4.56 -26.20 -14.31
N ASP D 473 -4.89 -26.98 -13.29
CA ASP D 473 -6.16 -27.70 -13.24
C ASP D 473 -7.35 -26.81 -13.59
N GLN D 474 -7.48 -25.69 -12.87
CA GLN D 474 -8.58 -24.76 -13.06
C GLN D 474 -8.67 -24.10 -14.44
N VAL D 475 -7.56 -23.67 -15.01
CA VAL D 475 -7.59 -23.08 -16.35
C VAL D 475 -8.07 -24.15 -17.35
N LEU D 476 -7.52 -25.35 -17.27
CA LEU D 476 -8.05 -26.46 -18.04
C LEU D 476 -9.55 -26.66 -17.81
N LEU D 477 -9.97 -26.84 -16.57
CA LEU D 477 -11.39 -27.04 -16.24
C LEU D 477 -12.24 -25.94 -16.86
N LEU D 478 -11.73 -24.72 -16.77
CA LEU D 478 -12.42 -23.56 -17.31
C LEU D 478 -12.54 -23.60 -18.84
N ILE D 479 -11.47 -23.99 -19.53
CA ILE D 479 -11.54 -24.12 -20.99
C ILE D 479 -12.45 -25.31 -21.36
N ASP D 480 -12.43 -26.36 -20.54
CA ASP D 480 -13.31 -27.52 -20.74
C ASP D 480 -14.77 -27.11 -20.69
N ILE D 481 -15.12 -26.30 -19.69
CA ILE D 481 -16.47 -25.78 -19.56
C ILE D 481 -16.94 -25.09 -20.84
N GLN D 482 -16.06 -24.32 -21.47
CA GLN D 482 -16.36 -23.62 -22.72
C GLN D 482 -16.71 -24.59 -23.86
N VAL D 483 -16.05 -25.75 -23.87
CA VAL D 483 -16.34 -26.77 -24.87
C VAL D 483 -17.66 -27.51 -24.60
N SER D 484 -18.04 -27.57 -23.33
CA SER D 484 -19.17 -28.35 -22.88
C SER D 484 -20.51 -27.82 -23.37
N TYR D 485 -20.62 -26.50 -23.42
CA TYR D 485 -21.83 -25.82 -23.85
C TYR D 485 -21.52 -24.74 -24.88
N ILE D 486 -22.28 -24.70 -25.97
CA ILE D 486 -22.06 -23.66 -26.96
C ILE D 486 -23.30 -22.77 -27.06
N ASN D 487 -23.30 -21.73 -26.25
CA ASN D 487 -24.43 -20.81 -26.18
C ASN D 487 -24.60 -20.05 -27.47
N THR D 488 -25.85 -19.94 -27.90
CA THR D 488 -26.17 -19.31 -29.17
C THR D 488 -27.01 -18.06 -28.88
N ASN D 489 -27.37 -17.90 -27.61
CA ASN D 489 -28.20 -16.79 -27.17
C ASN D 489 -27.35 -15.60 -26.70
N HIS D 490 -26.04 -15.70 -26.91
CA HIS D 490 -25.13 -14.62 -26.55
C HIS D 490 -25.42 -13.38 -27.38
N GLU D 491 -25.47 -12.22 -26.72
CA GLU D 491 -25.91 -10.99 -27.35
C GLU D 491 -24.98 -10.52 -28.46
N ASP D 492 -23.69 -10.76 -28.29
CA ASP D 492 -22.69 -10.32 -29.26
C ASP D 492 -22.65 -11.20 -30.50
N PHE D 493 -23.22 -12.39 -30.40
CA PHE D 493 -23.17 -13.37 -31.50
C PHE D 493 -24.24 -13.09 -32.56
N ILE D 494 -23.98 -13.53 -33.79
CA ILE D 494 -24.85 -13.24 -34.92
C ILE D 494 -25.99 -14.25 -35.04
N GLY D 495 -27.22 -13.78 -34.90
CA GLY D 495 -28.38 -14.59 -35.21
C GLY D 495 -28.62 -14.69 -36.70
N PRO D 643 -19.24 -24.31 -55.35
CA PRO D 643 -19.96 -23.12 -55.83
C PRO D 643 -20.96 -22.61 -54.79
N GLN D 644 -22.18 -23.16 -54.77
CA GLN D 644 -23.17 -22.75 -53.78
C GLN D 644 -22.66 -23.16 -52.40
N LEU D 645 -21.89 -24.24 -52.37
CA LEU D 645 -21.31 -24.76 -51.14
C LEU D 645 -20.15 -23.86 -50.69
N GLU D 646 -19.35 -23.38 -51.64
CA GLU D 646 -18.28 -22.43 -51.33
C GLU D 646 -18.89 -21.17 -50.74
N ARG D 647 -20.05 -20.78 -51.26
CA ARG D 647 -20.82 -19.68 -50.72
C ARG D 647 -21.19 -20.03 -49.27
N GLN D 648 -21.55 -21.30 -49.07
CA GLN D 648 -21.90 -21.85 -47.76
C GLN D 648 -20.70 -21.91 -46.80
N VAL D 649 -19.51 -22.25 -47.29
CA VAL D 649 -18.33 -22.30 -46.42
C VAL D 649 -17.98 -20.90 -45.94
N GLU D 650 -18.33 -19.87 -46.71
CA GLU D 650 -18.03 -18.51 -46.31
C GLU D 650 -18.88 -18.11 -45.10
N THR D 651 -20.12 -18.62 -45.04
CA THR D 651 -21.01 -18.28 -43.91
C THR D 651 -20.57 -18.98 -42.62
N ILE D 652 -20.22 -20.27 -42.67
CA ILE D 652 -19.82 -21.00 -41.46
C ILE D 652 -18.53 -20.45 -40.85
N ARG D 653 -17.58 -20.02 -41.69
CA ARG D 653 -16.35 -19.43 -41.18
C ARG D 653 -16.73 -18.11 -40.50
N ASN D 654 -17.62 -17.35 -41.12
CA ASN D 654 -18.09 -16.09 -40.55
C ASN D 654 -18.78 -16.35 -39.20
N LEU D 655 -19.60 -17.40 -39.15
CA LEU D 655 -20.21 -17.83 -37.89
C LEU D 655 -19.14 -18.20 -36.86
N VAL D 656 -18.20 -19.06 -37.26
CA VAL D 656 -17.11 -19.47 -36.38
C VAL D 656 -16.29 -18.26 -35.90
N ASP D 657 -15.90 -17.39 -36.83
CA ASP D 657 -15.14 -16.19 -36.49
C ASP D 657 -15.90 -15.36 -35.46
N SER D 658 -17.20 -15.21 -35.68
CA SER D 658 -18.04 -14.44 -34.77
C SER D 658 -18.05 -15.06 -33.38
N TYR D 659 -18.38 -16.35 -33.31
CA TYR D 659 -18.44 -17.02 -32.02
C TYR D 659 -17.06 -17.06 -31.32
N MET D 660 -16.00 -17.36 -32.08
CA MET D 660 -14.65 -17.38 -31.52
C MET D 660 -14.25 -16.05 -30.90
N SER D 661 -14.55 -14.97 -31.62
CA SER D 661 -14.36 -13.63 -31.11
C SER D 661 -14.91 -13.49 -29.70
N ILE D 662 -16.16 -13.91 -29.52
CA ILE D 662 -16.79 -13.90 -28.20
C ILE D 662 -16.00 -14.69 -27.18
N ILE D 663 -15.64 -15.92 -27.54
CA ILE D 663 -14.87 -16.78 -26.64
C ILE D 663 -13.49 -16.20 -26.30
N ASN D 664 -12.70 -15.86 -27.33
CA ASN D 664 -11.37 -15.29 -27.13
C ASN D 664 -11.37 -14.11 -26.16
N LYS D 665 -12.25 -13.15 -26.40
CA LYS D 665 -12.43 -12.01 -25.52
C LYS D 665 -12.64 -12.45 -24.07
N CYS D 666 -13.56 -13.39 -23.83
CA CYS D 666 -13.79 -13.86 -22.47
C CYS D 666 -12.53 -14.53 -21.92
N ILE D 667 -11.96 -15.48 -22.66
CA ILE D 667 -10.77 -16.20 -22.19
C ILE D 667 -9.54 -15.32 -21.95
N ARG D 668 -9.22 -14.42 -22.89
CA ARG D 668 -8.10 -13.51 -22.70
C ARG D 668 -8.27 -12.65 -21.46
N ASP D 669 -9.50 -12.26 -21.19
CA ASP D 669 -9.82 -11.49 -20.00
C ASP D 669 -9.71 -12.34 -18.73
N LEU D 670 -10.16 -13.58 -18.83
CA LEU D 670 -10.43 -14.38 -17.65
C LEU D 670 -9.23 -15.15 -17.09
N ILE D 671 -8.34 -15.60 -17.97
CA ILE D 671 -7.19 -16.40 -17.53
C ILE D 671 -6.21 -15.63 -16.64
N PRO D 672 -5.83 -14.38 -17.02
CA PRO D 672 -5.05 -13.60 -16.07
C PRO D 672 -5.70 -13.54 -14.70
N LYS D 673 -7.01 -13.28 -14.68
CA LYS D 673 -7.76 -13.19 -13.43
C LYS D 673 -7.63 -14.48 -12.65
N THR D 674 -7.63 -15.60 -13.37
CA THR D 674 -7.52 -16.91 -12.76
C THR D 674 -6.14 -17.16 -12.17
N ILE D 675 -5.11 -16.71 -12.87
CA ILE D 675 -3.75 -16.91 -12.40
C ILE D 675 -3.56 -16.06 -11.16
N MET D 676 -4.01 -14.81 -11.25
CA MET D 676 -3.99 -13.88 -10.13
C MET D 676 -4.56 -14.48 -8.85
N HIS D 677 -5.77 -15.01 -8.92
CA HIS D 677 -6.46 -15.46 -7.72
C HIS D 677 -5.86 -16.74 -7.17
N LEU D 678 -5.58 -17.68 -8.06
CA LEU D 678 -5.08 -18.99 -7.63
C LEU D 678 -3.60 -19.01 -7.27
N MET D 679 -2.80 -18.16 -7.90
CA MET D 679 -1.36 -18.21 -7.64
C MET D 679 -0.82 -16.99 -6.90
N ILE D 680 -0.91 -15.82 -7.54
CA ILE D 680 -0.31 -14.61 -7.00
C ILE D 680 -0.89 -14.25 -5.64
N ASN D 681 -2.21 -14.16 -5.56
CA ASN D 681 -2.88 -13.86 -4.31
C ASN D 681 -2.57 -14.95 -3.29
N ASN D 682 -2.45 -16.19 -3.75
CA ASN D 682 -2.19 -17.30 -2.85
C ASN D 682 -0.77 -17.25 -2.32
N VAL D 683 0.19 -17.11 -3.22
CA VAL D 683 1.60 -17.00 -2.84
C VAL D 683 1.84 -15.83 -1.90
N LYS D 684 1.29 -14.69 -2.26
CA LYS D 684 1.36 -13.50 -1.43
C LYS D 684 0.87 -13.79 -0.02
N ASP D 685 -0.36 -14.29 0.10
CA ASP D 685 -0.91 -14.61 1.41
C ASP D 685 -0.07 -15.61 2.19
N PHE D 686 0.46 -16.61 1.50
CA PHE D 686 1.34 -17.60 2.12
C PHE D 686 2.55 -16.92 2.78
N ILE D 687 3.26 -16.12 1.99
CA ILE D 687 4.46 -15.40 2.45
C ILE D 687 4.20 -14.55 3.69
N ASN D 688 3.06 -13.86 3.70
CA ASN D 688 2.70 -12.96 4.78
C ASN D 688 2.37 -13.64 6.12
N SER D 689 1.79 -14.84 6.06
CA SER D 689 1.33 -15.49 7.28
C SER D 689 2.00 -16.83 7.56
N GLU D 690 1.96 -17.74 6.60
CA GLU D 690 2.47 -19.10 6.81
C GLU D 690 3.99 -19.22 6.77
N LEU D 691 4.65 -18.33 6.02
CA LEU D 691 6.11 -18.41 5.80
C LEU D 691 6.93 -18.40 7.10
N LEU D 692 6.63 -17.47 7.99
CA LEU D 692 7.36 -17.33 9.23
C LEU D 692 7.29 -18.59 10.07
N ALA D 693 6.09 -19.15 10.18
CA ALA D 693 5.87 -20.38 10.95
C ALA D 693 6.68 -21.54 10.39
N GLN D 694 6.71 -21.66 9.06
CA GLN D 694 7.47 -22.73 8.41
C GLN D 694 8.97 -22.61 8.67
N LEU D 695 9.48 -21.39 8.58
CA LEU D 695 10.91 -21.14 8.83
C LEU D 695 11.31 -21.52 10.25
N TYR D 696 10.44 -21.19 11.22
CA TYR D 696 10.70 -21.53 12.61
C TYR D 696 10.76 -23.04 12.78
N SER D 697 9.81 -23.72 12.17
CA SER D 697 9.71 -25.17 12.27
C SER D 697 10.85 -25.86 11.52
N SER D 698 11.22 -25.31 10.36
CA SER D 698 12.16 -25.97 9.45
C SER D 698 13.54 -26.19 10.04
N GLU D 699 14.17 -25.13 10.53
CA GLU D 699 15.52 -25.24 11.04
C GLU D 699 15.57 -24.64 12.44
N ASP D 700 16.59 -25.01 13.22
CA ASP D 700 16.75 -24.39 14.53
C ASP D 700 17.01 -22.91 14.36
N GLN D 701 16.31 -22.10 15.15
CA GLN D 701 16.48 -20.65 15.10
C GLN D 701 17.92 -20.26 15.43
N ASN D 702 18.60 -21.10 16.18
CA ASN D 702 20.01 -20.88 16.51
C ASN D 702 20.93 -21.11 15.34
N THR D 703 20.57 -22.07 14.50
CA THR D 703 21.43 -22.50 13.40
C THR D 703 21.14 -21.75 12.11
N LEU D 704 19.87 -21.45 11.86
CA LEU D 704 19.49 -20.87 10.58
C LEU D 704 19.86 -19.40 10.51
N MET D 705 20.04 -18.78 11.67
CA MET D 705 20.34 -17.36 11.68
C MET D 705 21.84 -17.10 11.83
N GLU D 706 22.62 -18.11 11.45
CA GLU D 706 24.06 -18.12 11.59
C GLU D 706 24.72 -17.16 10.59
N GLU D 707 25.81 -16.54 10.99
CA GLU D 707 26.43 -15.47 10.22
C GLU D 707 27.21 -15.97 9.00
N SER D 708 27.20 -15.21 7.92
CA SER D 708 28.01 -15.53 6.75
C SER D 708 29.50 -15.29 7.03
N ALA D 709 30.35 -15.89 6.21
CA ALA D 709 31.80 -15.77 6.39
C ALA D 709 32.26 -14.34 6.19
N GLU D 710 31.66 -13.68 5.19
CA GLU D 710 32.02 -12.31 4.85
C GLU D 710 31.48 -11.33 5.89
N GLN D 711 30.29 -11.61 6.40
CA GLN D 711 29.67 -10.80 7.43
C GLN D 711 30.52 -10.77 8.70
N ALA D 712 31.03 -11.93 9.08
CA ALA D 712 31.92 -12.04 10.23
C ALA D 712 33.22 -11.28 9.99
N GLN D 713 33.72 -11.37 8.76
CA GLN D 713 34.97 -10.73 8.37
C GLN D 713 34.88 -9.20 8.46
N ARG D 714 33.73 -8.66 8.09
CA ARG D 714 33.51 -7.21 8.17
C ARG D 714 33.49 -6.73 9.62
N ARG D 715 32.81 -7.47 10.49
CA ARG D 715 32.75 -7.11 11.90
C ARG D 715 34.14 -7.19 12.54
N ASP D 716 34.92 -8.19 12.14
CA ASP D 716 36.29 -8.33 12.60
C ASP D 716 37.14 -7.11 12.20
N GLU D 717 36.88 -6.61 10.99
CA GLU D 717 37.57 -5.41 10.50
C GLU D 717 37.13 -4.18 11.28
N MET D 718 35.85 -4.13 11.62
CA MET D 718 35.30 -3.02 12.40
C MET D 718 35.78 -3.05 13.85
N LEU D 719 35.89 -4.25 14.41
CA LEU D 719 36.35 -4.41 15.79
C LEU D 719 37.77 -3.90 15.99
N ARG D 720 38.64 -4.18 15.02
CA ARG D 720 40.02 -3.71 15.06
C ARG D 720 40.12 -2.23 14.71
N MET D 721 39.26 -1.78 13.81
CA MET D 721 39.18 -0.37 13.43
C MET D 721 38.86 0.47 14.66
N TYR D 722 37.90 -0.02 15.45
CA TYR D 722 37.49 0.66 16.68
C TYR D 722 38.65 0.80 17.64
N GLN D 723 39.33 -0.31 17.92
CA GLN D 723 40.48 -0.31 18.82
C GLN D 723 41.59 0.63 18.36
N ALA D 724 41.73 0.75 17.04
CA ALA D 724 42.76 1.60 16.44
C ALA D 724 42.38 3.07 16.50
N LEU D 725 41.14 3.36 16.13
CA LEU D 725 40.64 4.73 16.09
C LEU D 725 40.59 5.32 17.50
N LYS D 726 40.38 4.45 18.49
CA LYS D 726 40.34 4.86 19.88
C LYS D 726 41.73 5.29 20.35
N GLU D 727 42.74 4.57 19.88
CA GLU D 727 44.13 4.90 20.19
C GLU D 727 44.51 6.23 19.53
N ALA D 728 43.96 6.47 18.34
CA ALA D 728 44.21 7.70 17.59
C ALA D 728 43.82 8.91 18.44
N LEU D 729 42.64 8.84 19.06
CA LEU D 729 42.17 9.92 19.91
C LEU D 729 42.98 9.95 21.21
N GLY D 730 43.49 8.80 21.61
CA GLY D 730 44.31 8.69 22.79
C GLY D 730 45.66 9.38 22.68
N ILE D 731 46.17 9.48 21.45
CA ILE D 731 47.48 10.08 21.20
C ILE D 731 47.38 11.60 21.04
N ILE D 732 46.34 12.06 20.35
CA ILE D 732 46.17 13.49 20.14
C ILE D 732 45.84 14.23 21.44
N GLY D 733 45.27 13.50 22.41
CA GLY D 733 44.96 14.05 23.72
C GLY D 733 44.14 15.32 23.70
#